data_4XTK
#
_entry.id   4XTK
#
_cell.length_a   92.277
_cell.length_b   94.555
_cell.length_c   106.390
_cell.angle_alpha   93.03
_cell.angle_beta   115.06
_cell.angle_gamma   102.97
#
_symmetry.space_group_name_H-M   'P 1'
#
loop_
_entity.id
_entity.type
_entity.pdbx_description
1 polymer 'CRISPR-associated endonuclease Cas1'
2 water water
#
_entity_poly.entity_id   1
_entity_poly.type   'polypeptide(L)'
_entity_poly.pdbx_seq_one_letter_code
;RELYFQGMESVYLFSSGTLKRKANTICLETESGRKYIPVENVMDIKVFGEVDLNKRFLEFLSQKRIPIHFFNREGYYVGT
FYPREYLNSGFLILKQAEHYINQEKRMLIAREIVSRSFQNMVDFLKKRKVRADSLTRYKKKAEEASNVSELMGIEGNARE
EYYSMIDSLVSDERFRIEKRTRRPPKNFANTLISFGNSLLYTTVLSLIYQTHLDPRIGYLHETNFRRFSLNLDIAELFKP
AVVDRLFLNLVNTRQINEKHFDEISEGLMLNDEGKSLFVKNYEQALRETVFHKKLNRYVSMRSLIKMELHKLEKHLIGEQ
VFGSEE
;
_entity_poly.pdbx_strand_id   A,B,C,D,E,F,G,H
#
# COMPACT_ATOMS: atom_id res chain seq x y z
N MET A 8 -31.23 16.56 22.61
CA MET A 8 -30.73 17.84 22.11
C MET A 8 -31.36 18.18 20.76
N GLU A 9 -31.28 19.44 20.36
CA GLU A 9 -32.00 19.90 19.17
C GLU A 9 -31.09 20.34 18.04
N SER A 10 -31.61 20.26 16.82
CA SER A 10 -30.89 20.66 15.63
C SER A 10 -31.52 21.91 15.01
N VAL A 11 -30.70 22.94 14.81
CA VAL A 11 -31.18 24.24 14.32
C VAL A 11 -30.97 24.42 12.82
N TYR A 12 -32.02 24.86 12.13
CA TYR A 12 -31.96 25.13 10.68
C TYR A 12 -32.14 26.59 10.35
N LEU A 13 -31.22 27.15 9.57
CA LEU A 13 -31.33 28.53 9.13
C LEU A 13 -31.51 28.64 7.63
N PHE A 14 -32.72 28.99 7.19
CA PHE A 14 -32.96 29.22 5.78
C PHE A 14 -32.84 30.69 5.40
N SER A 15 -32.79 31.56 6.40
CA SER A 15 -32.81 32.99 6.15
C SER A 15 -31.41 33.59 6.08
N SER A 16 -31.24 34.57 5.20
CA SER A 16 -29.95 35.21 5.02
C SER A 16 -29.72 36.30 6.06
N GLY A 17 -28.47 36.48 6.49
CA GLY A 17 -28.14 37.49 7.46
C GLY A 17 -26.75 37.36 8.05
N THR A 18 -26.57 37.94 9.24
CA THR A 18 -25.29 37.92 9.91
C THR A 18 -25.36 37.12 11.21
N LEU A 19 -24.42 36.19 11.38
CA LEU A 19 -24.36 35.40 12.61
C LEU A 19 -23.42 36.00 13.63
N LYS A 20 -23.93 36.25 14.84
CA LYS A 20 -23.08 36.69 15.95
C LYS A 20 -23.67 36.20 17.26
N ARG A 21 -22.81 36.04 18.28
CA ARG A 21 -23.28 35.77 19.63
C ARG A 21 -23.84 37.07 20.22
N LYS A 22 -25.02 37.00 20.83
CA LYS A 22 -25.60 38.18 21.46
C LYS A 22 -25.16 38.30 22.93
N ALA A 23 -25.67 37.44 23.81
CA ALA A 23 -25.13 37.38 25.16
C ALA A 23 -24.61 35.97 25.45
N ASN A 24 -25.52 35.07 25.83
CA ASN A 24 -25.37 33.68 25.46
C ASN A 24 -26.60 33.29 24.64
N THR A 25 -26.40 33.29 23.33
CA THR A 25 -27.41 32.94 22.34
C THR A 25 -26.79 33.29 21.00
N ILE A 26 -27.37 32.77 19.94
CA ILE A 26 -26.92 33.11 18.61
C ILE A 26 -27.94 34.05 17.99
N CYS A 27 -27.45 35.09 17.33
CA CYS A 27 -28.36 36.03 16.69
C CYS A 27 -28.11 36.10 15.20
N LEU A 28 -29.19 36.00 14.43
CA LEU A 28 -29.12 36.20 12.99
C LEU A 28 -29.75 37.53 12.63
N GLU A 29 -28.94 38.49 12.21
CA GLU A 29 -29.46 39.80 11.84
C GLU A 29 -29.71 39.85 10.34
N THR A 30 -30.99 39.92 9.98
CA THR A 30 -31.40 39.93 8.57
C THR A 30 -31.66 41.35 8.07
N GLU A 31 -32.10 41.46 6.82
CA GLU A 31 -32.43 42.75 6.23
C GLU A 31 -33.83 43.18 6.66
N SER A 32 -34.48 42.32 7.43
CA SER A 32 -35.79 42.62 8.00
C SER A 32 -35.67 42.83 9.51
N GLY A 33 -35.25 41.78 10.22
CA GLY A 33 -35.15 41.82 11.67
C GLY A 33 -34.16 40.83 12.24
N ARG A 34 -34.14 40.71 13.56
CA ARG A 34 -33.22 39.82 14.25
C ARG A 34 -33.89 38.52 14.66
N LYS A 35 -33.23 37.40 14.36
CA LYS A 35 -33.69 36.10 14.81
C LYS A 35 -32.79 35.64 15.96
N TYR A 36 -33.39 35.33 17.10
CA TYR A 36 -32.61 34.88 18.25
C TYR A 36 -32.78 33.38 18.46
N ILE A 37 -31.68 32.63 18.45
CA ILE A 37 -31.71 31.21 18.76
C ILE A 37 -30.85 30.87 19.99
N PRO A 38 -31.51 30.38 21.06
CA PRO A 38 -30.82 29.96 22.29
C PRO A 38 -29.98 28.70 22.11
N VAL A 39 -28.80 28.66 22.74
CA VAL A 39 -27.83 27.59 22.52
C VAL A 39 -27.92 26.41 23.49
N GLU A 40 -28.72 26.56 24.54
CA GLU A 40 -28.75 25.62 25.67
C GLU A 40 -28.86 24.16 25.24
N ASN A 41 -29.87 23.89 24.41
CA ASN A 41 -30.22 22.55 23.98
C ASN A 41 -29.66 22.16 22.61
N VAL A 42 -28.94 23.07 21.98
CA VAL A 42 -28.54 22.89 20.58
C VAL A 42 -27.33 21.99 20.37
N MET A 43 -27.52 20.90 19.63
CA MET A 43 -26.41 20.04 19.24
C MET A 43 -25.68 20.50 17.98
N ASP A 44 -26.42 21.00 17.00
CA ASP A 44 -25.78 21.48 15.77
C ASP A 44 -26.62 22.49 14.99
N ILE A 45 -25.97 23.17 14.06
CA ILE A 45 -26.64 24.14 13.19
C ILE A 45 -26.44 23.78 11.73
N LYS A 46 -27.51 23.85 10.94
CA LYS A 46 -27.41 23.65 9.50
C LYS A 46 -27.81 24.90 8.73
N VAL A 47 -26.86 25.43 7.96
CA VAL A 47 -27.05 26.70 7.27
C VAL A 47 -27.35 26.54 5.78
N PHE A 48 -28.59 26.82 5.39
CA PHE A 48 -28.98 26.81 3.97
C PHE A 48 -28.99 28.20 3.34
N GLY A 49 -28.88 29.24 4.16
CA GLY A 49 -29.01 30.60 3.67
C GLY A 49 -27.66 31.23 3.39
N GLU A 50 -27.67 32.48 2.95
CA GLU A 50 -26.42 33.20 2.75
C GLU A 50 -26.09 33.97 4.02
N VAL A 51 -25.01 33.57 4.69
CA VAL A 51 -24.65 34.17 5.98
C VAL A 51 -23.22 34.67 6.05
N ASP A 52 -23.04 35.81 6.71
CA ASP A 52 -21.73 36.31 7.07
C ASP A 52 -21.50 35.99 8.54
N LEU A 53 -20.24 35.71 8.91
CA LEU A 53 -19.88 35.45 10.30
C LEU A 53 -18.42 35.77 10.56
N ASN A 54 -18.04 35.88 11.83
CA ASN A 54 -16.64 36.09 12.18
C ASN A 54 -16.08 34.93 13.00
N LYS A 55 -14.80 35.00 13.33
CA LYS A 55 -14.15 33.92 14.07
C LYS A 55 -14.66 33.86 15.51
N ARG A 56 -15.00 35.03 16.07
CA ARG A 56 -15.49 35.08 17.44
C ARG A 56 -16.77 34.26 17.55
N PHE A 57 -17.58 34.28 16.50
CA PHE A 57 -18.78 33.47 16.46
C PHE A 57 -18.44 31.99 16.49
N LEU A 58 -17.37 31.61 15.79
CA LEU A 58 -16.92 30.22 15.75
C LEU A 58 -16.33 29.79 17.09
N GLU A 59 -15.62 30.70 17.74
CA GLU A 59 -15.07 30.43 19.07
C GLU A 59 -16.21 30.12 20.04
N PHE A 60 -17.31 30.86 19.87
CA PHE A 60 -18.49 30.67 20.68
C PHE A 60 -19.11 29.30 20.44
N LEU A 61 -19.29 28.94 19.17
CA LEU A 61 -19.79 27.63 18.83
C LEU A 61 -18.89 26.55 19.40
N SER A 62 -17.58 26.77 19.29
CA SER A 62 -16.60 25.81 19.79
C SER A 62 -16.73 25.59 21.29
N GLN A 63 -16.96 26.67 22.04
CA GLN A 63 -17.07 26.59 23.49
C GLN A 63 -18.40 25.97 23.94
N LYS A 64 -19.43 26.12 23.10
CA LYS A 64 -20.74 25.53 23.38
C LYS A 64 -20.87 24.17 22.72
N ARG A 65 -19.79 23.73 22.08
CA ARG A 65 -19.71 22.43 21.45
C ARG A 65 -20.82 22.20 20.44
N ILE A 66 -21.00 23.18 19.56
CA ILE A 66 -21.96 23.10 18.48
C ILE A 66 -21.26 23.16 17.13
N PRO A 67 -21.26 22.04 16.39
CA PRO A 67 -20.78 22.11 15.02
C PRO A 67 -21.77 22.85 14.13
N ILE A 68 -21.29 23.39 13.01
CA ILE A 68 -22.19 24.03 12.06
C ILE A 68 -21.93 23.47 10.67
N HIS A 69 -23.01 23.06 10.01
CA HIS A 69 -22.93 22.51 8.67
C HIS A 69 -23.43 23.50 7.64
N PHE A 70 -22.72 23.61 6.52
CA PHE A 70 -23.07 24.57 5.50
C PHE A 70 -23.55 23.87 4.23
N PHE A 71 -24.64 24.39 3.68
CA PHE A 71 -25.18 23.92 2.41
C PHE A 71 -25.24 25.10 1.45
N ASN A 72 -24.94 24.87 0.17
CA ASN A 72 -25.08 25.96 -0.80
C ASN A 72 -26.56 26.13 -1.19
N ARG A 73 -26.85 27.02 -2.13
CA ARG A 73 -28.25 27.38 -2.37
C ARG A 73 -28.95 26.27 -3.15
N GLU A 74 -28.17 25.52 -3.94
CA GLU A 74 -28.71 24.40 -4.67
C GLU A 74 -29.06 23.25 -3.70
N GLY A 75 -28.58 23.36 -2.47
CA GLY A 75 -28.94 22.43 -1.42
C GLY A 75 -27.92 21.33 -1.23
N TYR A 76 -26.76 21.50 -1.85
CA TYR A 76 -25.66 20.54 -1.78
C TYR A 76 -24.76 20.83 -0.58
N TYR A 77 -24.26 19.79 0.06
CA TYR A 77 -23.48 19.98 1.28
C TYR A 77 -22.05 20.38 0.94
N VAL A 78 -21.69 21.61 1.31
CA VAL A 78 -20.35 22.14 1.03
C VAL A 78 -19.32 21.78 2.11
N GLY A 79 -19.76 21.71 3.36
CA GLY A 79 -18.83 21.39 4.42
C GLY A 79 -19.27 21.73 5.85
N THR A 80 -18.39 21.44 6.79
CA THR A 80 -18.74 21.54 8.20
C THR A 80 -17.65 22.26 8.98
N PHE A 81 -18.04 23.09 9.94
CA PHE A 81 -17.09 23.56 10.92
C PHE A 81 -17.13 22.59 12.10
N TYR A 82 -16.03 21.87 12.28
CA TYR A 82 -15.95 20.85 13.31
C TYR A 82 -15.15 21.42 14.48
N PRO A 83 -15.80 21.63 15.62
CA PRO A 83 -15.08 22.24 16.75
C PRO A 83 -13.99 21.32 17.27
N ARG A 84 -13.06 21.88 18.03
CA ARG A 84 -12.07 21.10 18.76
C ARG A 84 -12.81 20.02 19.57
N GLU A 85 -12.26 18.82 19.58
CA GLU A 85 -12.88 17.71 20.30
C GLU A 85 -12.81 17.98 21.79
N TYR A 86 -13.95 17.93 22.47
CA TYR A 86 -13.94 18.06 23.92
C TYR A 86 -13.89 16.68 24.61
N LEU A 87 -14.10 15.62 23.84
CA LEU A 87 -14.03 14.28 24.37
C LEU A 87 -12.79 13.60 23.85
N ASN A 88 -11.80 13.45 24.71
CA ASN A 88 -10.48 13.00 24.28
C ASN A 88 -10.03 11.81 25.09
N SER A 89 -9.84 10.69 24.39
CA SER A 89 -9.40 9.47 25.04
C SER A 89 -8.27 8.85 24.24
N GLY A 90 -7.07 8.80 24.83
CA GLY A 90 -5.92 8.26 24.16
C GLY A 90 -6.19 6.84 23.67
N PHE A 91 -6.66 6.00 24.59
CA PHE A 91 -6.85 4.58 24.33
C PHE A 91 -7.79 4.34 23.16
N LEU A 92 -8.97 4.97 23.22
CA LEU A 92 -9.98 4.71 22.21
C LEU A 92 -9.56 5.18 20.81
N ILE A 93 -8.96 6.36 20.71
CA ILE A 93 -8.39 6.82 19.45
C ILE A 93 -7.33 5.85 18.94
N LEU A 94 -6.52 5.33 19.85
CA LEU A 94 -5.51 4.36 19.49
C LEU A 94 -6.15 3.10 18.95
N LYS A 95 -7.22 2.67 19.61
CA LYS A 95 -7.95 1.48 19.18
C LYS A 95 -8.65 1.72 17.85
N GLN A 96 -9.25 2.89 17.68
CA GLN A 96 -9.92 3.22 16.44
C GLN A 96 -8.94 3.11 15.27
N ALA A 97 -7.70 3.54 15.49
CA ALA A 97 -6.70 3.50 14.41
C ALA A 97 -6.13 2.11 14.19
N GLU A 98 -5.84 1.38 15.27
CA GLU A 98 -5.23 0.07 15.11
C GLU A 98 -6.26 -0.91 14.54
N HIS A 99 -7.54 -0.59 14.73
CA HIS A 99 -8.60 -1.40 14.14
C HIS A 99 -8.73 -1.11 12.65
N TYR A 100 -8.24 0.05 12.21
CA TYR A 100 -8.20 0.33 10.79
C TYR A 100 -7.00 -0.30 10.10
N ILE A 101 -5.81 -0.19 10.72
CA ILE A 101 -4.59 -0.62 10.04
C ILE A 101 -4.40 -2.13 10.14
N ASN A 102 -5.20 -2.75 10.99
CA ASN A 102 -5.25 -4.20 11.05
C ASN A 102 -6.28 -4.68 10.04
N GLN A 103 -5.82 -5.40 9.03
CA GLN A 103 -6.66 -5.81 7.91
C GLN A 103 -7.85 -6.65 8.36
N GLU A 104 -7.62 -7.59 9.26
CA GLU A 104 -8.68 -8.46 9.75
C GLU A 104 -9.68 -7.73 10.63
N LYS A 105 -9.17 -6.87 11.52
CA LYS A 105 -10.02 -6.08 12.39
C LYS A 105 -10.86 -5.11 11.57
N ARG A 106 -10.27 -4.55 10.53
CA ARG A 106 -10.99 -3.62 9.67
C ARG A 106 -12.12 -4.33 8.95
N MET A 107 -11.82 -5.51 8.41
CA MET A 107 -12.82 -6.33 7.71
C MET A 107 -14.00 -6.67 8.61
N LEU A 108 -13.71 -6.98 9.87
CA LEU A 108 -14.74 -7.31 10.83
C LEU A 108 -15.76 -6.17 10.93
N ILE A 109 -15.27 -4.97 11.23
CA ILE A 109 -16.14 -3.80 11.41
C ILE A 109 -16.92 -3.50 10.14
N ALA A 110 -16.23 -3.50 9.01
CA ALA A 110 -16.84 -3.20 7.72
C ALA A 110 -17.96 -4.19 7.40
N ARG A 111 -17.70 -5.47 7.66
CA ARG A 111 -18.70 -6.49 7.38
C ARG A 111 -19.90 -6.35 8.29
N GLU A 112 -19.65 -5.86 9.50
CA GLU A 112 -20.72 -5.61 10.45
C GLU A 112 -21.61 -4.47 9.95
N ILE A 113 -20.98 -3.39 9.49
CA ILE A 113 -21.67 -2.26 8.89
C ILE A 113 -22.56 -2.71 7.72
N VAL A 114 -21.96 -3.42 6.77
CA VAL A 114 -22.70 -3.90 5.60
C VAL A 114 -23.85 -4.82 6.01
N SER A 115 -23.56 -5.79 6.89
CA SER A 115 -24.57 -6.75 7.33
C SER A 115 -25.79 -6.08 7.93
N ARG A 116 -25.56 -5.10 8.80
CA ARG A 116 -26.66 -4.38 9.43
C ARG A 116 -27.41 -3.53 8.41
N SER A 117 -26.69 -2.98 7.45
CA SER A 117 -27.31 -2.23 6.36
C SER A 117 -28.30 -3.11 5.61
N PHE A 118 -27.86 -4.31 5.27
CA PHE A 118 -28.69 -5.23 4.50
C PHE A 118 -29.94 -5.62 5.28
N GLN A 119 -29.78 -5.92 6.56
CA GLN A 119 -30.93 -6.33 7.35
C GLN A 119 -31.91 -5.17 7.51
N ASN A 120 -31.39 -3.97 7.72
CA ASN A 120 -32.25 -2.79 7.83
C ASN A 120 -32.99 -2.51 6.52
N MET A 121 -32.33 -2.76 5.39
CA MET A 121 -33.00 -2.66 4.10
C MET A 121 -34.13 -3.68 4.02
N VAL A 122 -33.78 -4.93 4.33
CA VAL A 122 -34.70 -6.06 4.15
C VAL A 122 -35.98 -5.96 5.01
N ASP A 123 -35.86 -5.54 6.27
CA ASP A 123 -37.05 -5.35 7.11
C ASP A 123 -37.78 -4.07 6.79
N PHE A 124 -37.10 -3.10 6.19
CA PHE A 124 -37.81 -1.94 5.71
C PHE A 124 -38.81 -2.40 4.67
N LEU A 125 -38.34 -3.26 3.78
CA LEU A 125 -39.16 -3.77 2.69
C LEU A 125 -40.25 -4.70 3.18
N LYS A 126 -39.92 -5.56 4.16
CA LYS A 126 -40.87 -6.52 4.67
C LYS A 126 -41.94 -5.86 5.53
N LYS A 127 -41.57 -4.77 6.20
CA LYS A 127 -42.51 -4.00 7.01
C LYS A 127 -43.66 -3.46 6.16
N ARG A 128 -43.36 -3.16 4.91
CA ARG A 128 -44.34 -2.63 3.97
C ARG A 128 -44.99 -3.74 3.13
N LYS A 129 -44.69 -4.98 3.51
CA LYS A 129 -45.24 -6.17 2.86
C LYS A 129 -44.77 -6.26 1.41
N VAL A 130 -43.58 -5.71 1.15
CA VAL A 130 -42.92 -5.85 -0.14
C VAL A 130 -41.96 -7.03 -0.09
N ARG A 131 -42.00 -7.88 -1.12
CA ARG A 131 -41.07 -8.99 -1.20
C ARG A 131 -39.68 -8.45 -1.46
N ALA A 132 -38.75 -8.77 -0.57
CA ALA A 132 -37.39 -8.29 -0.70
C ALA A 132 -36.50 -9.31 -1.37
N ASP A 133 -37.10 -10.41 -1.82
CA ASP A 133 -36.41 -11.70 -1.91
C ASP A 133 -35.05 -11.65 -2.62
N SER A 134 -34.83 -10.64 -3.44
CA SER A 134 -33.50 -10.35 -3.95
C SER A 134 -32.67 -9.78 -2.79
N LEU A 135 -31.52 -9.18 -3.07
CA LEU A 135 -30.60 -8.68 -2.04
C LEU A 135 -29.96 -9.83 -1.27
N THR A 136 -30.50 -11.04 -1.45
CA THR A 136 -29.98 -12.23 -0.80
C THR A 136 -28.69 -12.62 -1.48
N ARG A 137 -28.66 -12.45 -2.80
CA ARG A 137 -27.47 -12.74 -3.58
C ARG A 137 -26.38 -11.72 -3.26
N TYR A 138 -26.79 -10.51 -2.91
CA TYR A 138 -25.85 -9.48 -2.50
C TYR A 138 -25.33 -9.76 -1.11
N LYS A 139 -26.20 -10.27 -0.25
CA LYS A 139 -25.79 -10.66 1.10
C LYS A 139 -24.80 -11.81 1.04
N LYS A 140 -25.08 -12.80 0.20
CA LYS A 140 -24.19 -13.95 0.03
C LYS A 140 -22.87 -13.53 -0.59
N LYS A 141 -22.94 -12.62 -1.56
CA LYS A 141 -21.73 -12.11 -2.19
C LYS A 141 -20.92 -11.31 -1.17
N ALA A 142 -21.60 -10.76 -0.18
CA ALA A 142 -20.94 -9.95 0.85
C ALA A 142 -20.15 -10.80 1.84
N GLU A 143 -20.66 -11.98 2.17
CA GLU A 143 -19.95 -12.87 3.10
C GLU A 143 -18.72 -13.50 2.43
N GLU A 144 -18.78 -13.69 1.12
CA GLU A 144 -17.73 -14.40 0.40
C GLU A 144 -16.56 -13.50 0.02
N ALA A 145 -16.75 -12.18 0.14
CA ALA A 145 -15.72 -11.21 -0.24
C ALA A 145 -14.46 -11.36 0.61
N SER A 146 -13.30 -11.15 -0.02
CA SER A 146 -12.04 -11.24 0.69
C SER A 146 -11.44 -9.88 1.09
N ASN A 147 -12.04 -8.78 0.68
CA ASN A 147 -11.52 -7.47 1.07
C ASN A 147 -12.58 -6.37 1.14
N VAL A 148 -12.23 -5.28 1.81
CA VAL A 148 -13.15 -4.19 2.12
C VAL A 148 -13.64 -3.47 0.86
N SER A 149 -12.75 -3.31 -0.11
CA SER A 149 -13.08 -2.61 -1.35
C SER A 149 -14.24 -3.27 -2.09
N GLU A 150 -14.15 -4.59 -2.24
CA GLU A 150 -15.21 -5.33 -2.90
C GLU A 150 -16.50 -5.23 -2.09
N LEU A 151 -16.35 -5.16 -0.78
CA LEU A 151 -17.49 -5.04 0.12
C LEU A 151 -18.23 -3.73 -0.14
N MET A 152 -17.47 -2.65 -0.37
CA MET A 152 -18.07 -1.35 -0.64
C MET A 152 -18.85 -1.37 -1.95
N GLY A 153 -18.31 -2.07 -2.96
CA GLY A 153 -18.99 -2.19 -4.24
C GLY A 153 -20.25 -3.04 -4.16
N ILE A 154 -20.20 -4.11 -3.37
CA ILE A 154 -21.36 -4.96 -3.15
C ILE A 154 -22.46 -4.18 -2.45
N GLU A 155 -22.07 -3.39 -1.46
CA GLU A 155 -23.00 -2.57 -0.70
C GLU A 155 -23.71 -1.59 -1.63
N GLY A 156 -22.97 -1.05 -2.59
CA GLY A 156 -23.52 -0.10 -3.54
C GLY A 156 -24.54 -0.74 -4.47
N ASN A 157 -24.21 -1.93 -4.97
CA ASN A 157 -25.11 -2.65 -5.87
C ASN A 157 -26.36 -3.13 -5.16
N ALA A 158 -26.21 -3.47 -3.88
CA ALA A 158 -27.33 -3.88 -3.06
C ALA A 158 -28.28 -2.71 -2.83
N ARG A 159 -27.70 -1.54 -2.54
CA ARG A 159 -28.48 -0.33 -2.32
C ARG A 159 -29.23 0.05 -3.58
N GLU A 160 -28.56 -0.08 -4.72
CA GLU A 160 -29.15 0.20 -6.02
C GLU A 160 -30.33 -0.72 -6.29
N GLU A 161 -30.11 -2.02 -6.09
CA GLU A 161 -31.18 -3.00 -6.25
C GLU A 161 -32.31 -2.71 -5.27
N TYR A 162 -31.98 -2.38 -4.04
CA TYR A 162 -32.99 -2.08 -3.03
C TYR A 162 -33.79 -0.78 -3.35
N TYR A 163 -33.12 0.22 -3.89
CA TYR A 163 -33.80 1.40 -4.39
C TYR A 163 -34.81 1.03 -5.48
N SER A 164 -34.48 0.03 -6.29
CA SER A 164 -35.45 -0.53 -7.20
C SER A 164 -36.64 -0.97 -6.40
N MET A 165 -36.56 -2.13 -5.79
CA MET A 165 -37.65 -2.69 -5.01
C MET A 165 -38.42 -1.70 -4.14
N ILE A 166 -37.93 -0.47 -4.06
CA ILE A 166 -38.62 0.59 -3.38
C ILE A 166 -39.55 1.19 -4.40
N ASP A 167 -38.97 1.72 -5.47
CA ASP A 167 -39.80 2.47 -6.37
C ASP A 167 -41.12 1.76 -6.56
N SER A 168 -41.09 0.45 -6.46
CA SER A 168 -42.33 -0.31 -6.58
C SER A 168 -43.03 -0.19 -5.25
N LEU A 169 -44.22 0.42 -5.35
CA LEU A 169 -44.83 1.22 -4.30
C LEU A 169 -44.67 2.74 -4.45
N VAL A 170 -44.14 3.29 -5.54
CA VAL A 170 -44.44 4.71 -5.79
C VAL A 170 -45.25 4.88 -7.06
N SER A 171 -46.47 5.40 -6.90
CA SER A 171 -47.40 5.53 -8.02
C SER A 171 -46.84 6.46 -9.10
N ASP A 172 -46.30 7.61 -8.70
CA ASP A 172 -46.28 8.79 -9.58
C ASP A 172 -45.19 8.68 -10.65
N GLU A 173 -44.75 7.46 -10.93
CA GLU A 173 -44.10 7.28 -12.23
C GLU A 173 -42.84 8.17 -12.27
N ARG A 174 -43.02 9.32 -12.90
CA ARG A 174 -42.04 10.40 -12.91
C ARG A 174 -41.41 10.74 -11.53
N PHE A 175 -42.06 10.36 -10.42
CA PHE A 175 -41.45 10.60 -9.09
C PHE A 175 -40.58 9.44 -8.60
N ARG A 176 -40.32 8.49 -9.50
CA ARG A 176 -39.39 7.37 -9.26
C ARG A 176 -37.88 7.63 -9.40
N ILE A 177 -37.12 6.80 -8.68
CA ILE A 177 -35.64 6.91 -8.65
C ILE A 177 -35.00 6.67 -10.03
N GLU A 178 -35.61 5.85 -10.89
CA GLU A 178 -35.02 5.56 -12.19
C GLU A 178 -33.64 4.93 -11.91
N LYS A 179 -32.55 5.57 -12.32
CA LYS A 179 -31.25 5.18 -11.73
C LYS A 179 -30.56 6.32 -10.99
N ARG A 180 -29.74 5.93 -10.01
CA ARG A 180 -29.16 6.84 -9.02
C ARG A 180 -28.44 8.00 -9.67
N THR A 181 -28.79 9.23 -9.29
CA THR A 181 -28.11 10.34 -9.93
C THR A 181 -27.38 11.20 -8.94
N ARG A 182 -26.17 11.49 -9.34
CA ARG A 182 -25.34 12.53 -8.82
C ARG A 182 -24.64 13.05 -10.09
N ARG A 183 -23.83 14.11 -9.99
CA ARG A 183 -23.84 15.06 -8.87
C ARG A 183 -25.13 15.90 -8.81
N PRO A 184 -25.42 16.68 -9.87
CA PRO A 184 -26.73 17.33 -9.73
C PRO A 184 -27.79 16.27 -9.92
N PRO A 185 -28.81 16.21 -9.04
CA PRO A 185 -29.81 15.16 -9.25
C PRO A 185 -30.57 15.45 -10.55
N LYS A 186 -30.82 14.42 -11.36
CA LYS A 186 -31.36 14.59 -12.71
C LYS A 186 -32.89 14.38 -12.76
N ASN A 187 -33.47 14.08 -11.59
CA ASN A 187 -34.93 14.08 -11.43
C ASN A 187 -35.37 14.27 -9.97
N PHE A 188 -36.68 14.06 -9.73
CA PHE A 188 -37.32 14.40 -8.45
C PHE A 188 -36.77 13.55 -7.31
N ALA A 189 -36.89 12.25 -7.50
CA ALA A 189 -36.60 11.30 -6.43
C ALA A 189 -35.21 11.52 -5.87
N ASN A 190 -34.21 11.45 -6.75
CA ASN A 190 -32.81 11.54 -6.31
C ASN A 190 -32.52 12.84 -5.59
N THR A 191 -33.15 13.92 -6.03
CA THR A 191 -33.06 15.22 -5.35
C THR A 191 -33.44 15.10 -3.88
N LEU A 192 -34.57 14.44 -3.63
CA LEU A 192 -35.02 14.20 -2.26
C LEU A 192 -34.07 13.25 -1.53
N ILE A 193 -33.76 12.13 -2.17
CA ILE A 193 -32.88 11.12 -1.58
C ILE A 193 -31.50 11.68 -1.26
N SER A 194 -30.93 12.43 -2.19
CA SER A 194 -29.62 13.03 -1.99
C SER A 194 -29.65 14.05 -0.85
N PHE A 195 -30.70 14.87 -0.81
CA PHE A 195 -30.83 15.87 0.24
C PHE A 195 -30.98 15.22 1.61
N GLY A 196 -31.85 14.22 1.69
CA GLY A 196 -32.06 13.48 2.92
C GLY A 196 -30.79 12.80 3.41
N ASN A 197 -30.10 12.12 2.49
CA ASN A 197 -28.83 11.47 2.81
C ASN A 197 -27.84 12.49 3.39
N SER A 198 -27.77 13.66 2.76
CA SER A 198 -26.90 14.74 3.21
C SER A 198 -27.22 15.18 4.63
N LEU A 199 -28.50 15.42 4.89
CA LEU A 199 -28.96 15.81 6.22
C LEU A 199 -28.52 14.77 7.24
N LEU A 200 -28.61 13.50 6.83
CA LEU A 200 -28.26 12.39 7.71
C LEU A 200 -26.75 12.31 7.96
N TYR A 201 -25.95 12.52 6.90
CA TYR A 201 -24.50 12.54 7.04
C TYR A 201 -24.07 13.56 8.07
N THR A 202 -24.64 14.75 7.98
CA THR A 202 -24.31 15.83 8.90
C THR A 202 -24.80 15.50 10.31
N THR A 203 -25.95 14.83 10.38
CA THR A 203 -26.52 14.45 11.67
C THR A 203 -25.61 13.46 12.40
N VAL A 204 -25.26 12.38 11.71
CA VAL A 204 -24.36 11.38 12.27
C VAL A 204 -23.03 12.05 12.65
N LEU A 205 -22.58 12.97 11.81
CA LEU A 205 -21.33 13.71 12.06
C LEU A 205 -21.39 14.49 13.36
N SER A 206 -22.48 15.22 13.59
CA SER A 206 -22.68 15.96 14.81
C SER A 206 -22.70 15.02 16.03
N LEU A 207 -23.25 13.84 15.83
CA LEU A 207 -23.36 12.86 16.91
C LEU A 207 -22.01 12.23 17.23
N ILE A 208 -21.19 12.01 16.21
CA ILE A 208 -19.84 11.50 16.43
C ILE A 208 -19.04 12.48 17.28
N TYR A 209 -19.27 13.77 17.06
CA TYR A 209 -18.65 14.82 17.85
C TYR A 209 -18.98 14.69 19.34
N GLN A 210 -20.11 14.04 19.63
CA GLN A 210 -20.55 13.79 21.00
C GLN A 210 -19.99 12.47 21.55
N THR A 211 -19.08 11.85 20.82
CA THR A 211 -18.38 10.67 21.33
C THR A 211 -16.88 10.87 21.31
N HIS A 212 -16.15 9.87 21.78
CA HIS A 212 -14.69 9.93 21.78
C HIS A 212 -14.10 9.52 20.43
N LEU A 213 -14.97 9.16 19.49
CA LEU A 213 -14.53 8.73 18.16
C LEU A 213 -14.10 9.88 17.26
N ASP A 214 -13.11 9.62 16.41
CA ASP A 214 -12.74 10.58 15.40
C ASP A 214 -13.44 10.27 14.08
N PRO A 215 -14.16 11.25 13.53
CA PRO A 215 -14.97 11.08 12.32
C PRO A 215 -14.14 10.81 11.06
N ARG A 216 -12.84 11.07 11.13
CA ARG A 216 -11.95 10.91 9.97
C ARG A 216 -11.52 9.46 9.73
N ILE A 217 -11.67 8.62 10.75
CA ILE A 217 -11.36 7.20 10.58
C ILE A 217 -12.65 6.41 10.44
N GLY A 218 -12.91 5.95 9.22
CA GLY A 218 -14.00 5.03 8.93
C GLY A 218 -13.49 3.64 8.59
N TYR A 219 -14.40 2.71 8.33
CA TYR A 219 -14.00 1.32 8.13
C TYR A 219 -14.48 0.75 6.79
N LEU A 220 -15.78 0.74 6.57
CA LEU A 220 -16.31 0.38 5.26
C LEU A 220 -15.82 1.37 4.20
N HIS A 221 -16.05 2.66 4.43
CA HIS A 221 -15.46 3.70 3.60
C HIS A 221 -14.00 3.85 4.03
N GLU A 222 -13.08 3.78 3.07
CA GLU A 222 -11.66 3.79 3.41
C GLU A 222 -11.27 5.09 4.08
N THR A 223 -10.27 5.00 4.95
CA THR A 223 -9.74 6.21 5.54
C THR A 223 -8.57 6.69 4.69
N ASN A 224 -8.86 7.75 3.94
CA ASN A 224 -7.89 8.58 3.27
C ASN A 224 -8.14 9.85 4.01
N PHE A 225 -7.22 10.80 4.06
CA PHE A 225 -7.72 11.93 4.78
C PHE A 225 -8.03 12.99 3.75
N ARG A 226 -9.17 12.76 3.10
CA ARG A 226 -9.81 13.69 2.18
C ARG A 226 -11.23 14.08 2.61
N ARG A 227 -11.69 13.49 3.71
CA ARG A 227 -13.11 13.57 4.09
C ARG A 227 -13.37 12.90 5.43
N PHE A 228 -14.60 13.07 5.93
CA PHE A 228 -15.04 12.28 7.05
C PHE A 228 -15.57 10.95 6.54
N SER A 229 -15.23 9.87 7.23
CA SER A 229 -15.57 8.53 6.79
C SER A 229 -16.58 7.90 7.74
N LEU A 230 -16.22 7.84 9.01
CA LEU A 230 -17.05 7.18 10.02
C LEU A 230 -18.52 7.58 9.92
N ASN A 231 -18.79 8.84 9.62
CA ASN A 231 -20.18 9.26 9.54
C ASN A 231 -20.87 8.67 8.31
N LEU A 232 -20.10 8.47 7.24
CA LEU A 232 -20.62 7.81 6.04
C LEU A 232 -20.94 6.35 6.31
N ASP A 233 -20.06 5.68 7.05
CA ASP A 233 -20.24 4.28 7.43
C ASP A 233 -21.51 4.07 8.25
N ILE A 234 -21.70 4.90 9.27
CA ILE A 234 -22.80 4.73 10.19
C ILE A 234 -24.12 5.09 9.54
N ALA A 235 -24.07 6.06 8.64
CA ALA A 235 -25.26 6.54 7.95
C ALA A 235 -25.93 5.45 7.12
N GLU A 236 -25.13 4.48 6.64
CA GLU A 236 -25.66 3.36 5.83
C GLU A 236 -26.74 2.58 6.55
N LEU A 237 -26.58 2.42 7.86
CA LEU A 237 -27.52 1.69 8.69
C LEU A 237 -28.88 2.40 8.76
N PHE A 238 -28.84 3.72 8.84
CA PHE A 238 -30.04 4.48 9.15
C PHE A 238 -30.76 5.10 7.95
N LYS A 239 -30.26 4.84 6.75
CA LYS A 239 -30.87 5.38 5.54
C LYS A 239 -32.33 4.93 5.33
N PRO A 240 -32.66 3.64 5.56
CA PRO A 240 -34.08 3.29 5.42
C PRO A 240 -34.99 3.97 6.43
N ALA A 241 -34.60 3.95 7.70
CA ALA A 241 -35.44 4.42 8.79
C ALA A 241 -35.67 5.93 8.74
N VAL A 242 -34.65 6.66 8.31
CA VAL A 242 -34.72 8.11 8.27
C VAL A 242 -35.09 8.61 6.87
N VAL A 243 -34.19 8.42 5.92
CA VAL A 243 -34.35 8.96 4.58
C VAL A 243 -35.45 8.27 3.78
N ASP A 244 -35.39 6.94 3.71
CA ASP A 244 -36.28 6.19 2.84
C ASP A 244 -37.73 6.22 3.31
N ARG A 245 -37.95 6.12 4.62
CA ARG A 245 -39.31 6.20 5.12
C ARG A 245 -39.83 7.61 4.90
N LEU A 246 -38.93 8.59 5.08
CA LEU A 246 -39.28 9.97 4.83
C LEU A 246 -39.69 10.17 3.39
N PHE A 247 -38.91 9.60 2.47
CA PHE A 247 -39.17 9.74 1.05
C PHE A 247 -40.51 9.14 0.64
N LEU A 248 -40.78 7.91 1.07
CA LEU A 248 -42.04 7.24 0.75
C LEU A 248 -43.23 7.98 1.36
N ASN A 249 -43.13 8.30 2.64
CA ASN A 249 -44.15 9.04 3.37
C ASN A 249 -44.47 10.37 2.69
N LEU A 250 -43.42 11.08 2.27
CA LEU A 250 -43.55 12.40 1.68
C LEU A 250 -44.21 12.37 0.30
N VAL A 251 -43.78 11.41 -0.53
CA VAL A 251 -44.26 11.33 -1.91
C VAL A 251 -45.66 10.71 -1.99
N ASN A 252 -46.01 9.89 -1.00
CA ASN A 252 -47.32 9.22 -0.96
C ASN A 252 -48.44 10.17 -0.57
N THR A 253 -48.13 11.11 0.32
CA THR A 253 -49.13 12.06 0.80
C THR A 253 -49.21 13.27 -0.11
N ARG A 254 -48.36 13.27 -1.14
CA ARG A 254 -48.28 14.36 -2.10
C ARG A 254 -48.00 15.69 -1.42
N GLN A 255 -47.32 15.64 -0.28
CA GLN A 255 -46.97 16.86 0.44
C GLN A 255 -45.89 17.61 -0.31
N ILE A 256 -45.09 16.86 -1.07
CA ILE A 256 -44.09 17.45 -1.95
C ILE A 256 -44.53 17.31 -3.40
N ASN A 257 -44.48 18.40 -4.16
CA ASN A 257 -44.94 18.40 -5.55
C ASN A 257 -43.96 19.07 -6.51
N GLU A 258 -44.34 19.15 -7.79
CA GLU A 258 -43.49 19.71 -8.83
C GLU A 258 -43.12 21.16 -8.57
N LYS A 259 -43.97 21.84 -7.79
CA LYS A 259 -43.69 23.21 -7.41
C LYS A 259 -42.43 23.29 -6.55
N HIS A 260 -42.01 22.14 -6.01
CA HIS A 260 -40.90 22.08 -5.08
C HIS A 260 -39.54 21.82 -5.74
N PHE A 261 -39.48 21.82 -7.07
CA PHE A 261 -38.20 21.64 -7.76
C PHE A 261 -37.96 22.75 -8.79
N ASP A 262 -36.70 23.12 -8.97
CA ASP A 262 -36.35 24.19 -9.85
C ASP A 262 -35.54 23.60 -10.96
N GLU A 263 -35.91 23.93 -12.18
CA GLU A 263 -35.29 23.35 -13.35
C GLU A 263 -33.92 23.92 -13.56
N ILE A 264 -33.52 24.82 -12.69
CA ILE A 264 -32.23 25.45 -12.85
C ILE A 264 -31.14 24.41 -12.77
N SER A 265 -29.95 24.77 -13.23
CA SER A 265 -28.78 23.99 -12.94
C SER A 265 -28.70 22.63 -13.61
N GLU A 266 -29.17 22.51 -14.83
CA GLU A 266 -28.85 21.35 -15.62
C GLU A 266 -29.21 20.07 -14.91
N GLY A 267 -30.20 20.17 -14.05
CA GLY A 267 -30.62 19.04 -13.25
C GLY A 267 -31.52 19.66 -12.23
N LEU A 268 -31.85 18.93 -11.18
CA LEU A 268 -32.83 19.42 -10.24
C LEU A 268 -32.22 19.89 -8.93
N MET A 269 -32.84 20.89 -8.31
CA MET A 269 -32.55 21.26 -6.93
C MET A 269 -33.82 21.21 -6.10
N LEU A 270 -33.67 21.03 -4.79
CA LEU A 270 -34.81 21.20 -3.92
C LEU A 270 -34.87 22.69 -3.47
N ASN A 271 -36.03 23.30 -3.70
CA ASN A 271 -36.29 24.69 -3.29
C ASN A 271 -36.54 24.95 -1.81
N ASP A 272 -36.59 26.23 -1.47
CA ASP A 272 -36.77 26.65 -0.10
C ASP A 272 -38.03 25.99 0.47
N GLU A 273 -39.24 26.45 0.12
CA GLU A 273 -40.31 25.54 -0.29
C GLU A 273 -40.20 24.13 0.36
N GLY A 274 -39.99 23.11 -0.47
CA GLY A 274 -39.75 21.75 0.01
C GLY A 274 -38.59 21.54 0.98
N LYS A 275 -37.59 22.42 0.97
CA LYS A 275 -36.50 22.32 1.94
C LYS A 275 -37.02 22.37 3.37
N SER A 276 -37.84 23.38 3.68
CA SER A 276 -38.36 23.54 5.03
C SER A 276 -39.31 22.39 5.38
N LEU A 277 -40.15 22.02 4.42
CA LEU A 277 -41.04 20.88 4.57
C LEU A 277 -40.24 19.60 4.83
N PHE A 278 -39.26 19.36 3.97
CA PHE A 278 -38.38 18.20 4.10
C PHE A 278 -37.69 18.23 5.45
N VAL A 279 -37.16 19.39 5.82
CA VAL A 279 -36.44 19.52 7.08
C VAL A 279 -37.37 19.24 8.25
N LYS A 280 -38.59 19.77 8.19
CA LYS A 280 -39.56 19.56 9.27
C LYS A 280 -39.89 18.08 9.48
N ASN A 281 -40.22 17.38 8.40
CA ASN A 281 -40.52 15.95 8.44
C ASN A 281 -39.28 15.14 8.81
N TYR A 282 -38.17 15.41 8.12
CA TYR A 282 -36.89 14.81 8.48
C TYR A 282 -36.59 14.94 9.96
N GLU A 283 -36.70 16.16 10.49
CA GLU A 283 -36.37 16.35 11.89
C GLU A 283 -37.28 15.48 12.78
N GLN A 284 -38.59 15.71 12.71
CA GLN A 284 -39.51 14.96 13.54
C GLN A 284 -39.27 13.44 13.40
N ALA A 285 -38.75 13.00 12.25
CA ALA A 285 -38.39 11.59 12.08
C ALA A 285 -37.27 11.18 13.04
N LEU A 286 -36.45 12.16 13.42
CA LEU A 286 -35.38 11.92 14.39
C LEU A 286 -35.88 11.91 15.84
N ARG A 287 -37.03 12.48 16.16
CA ARG A 287 -37.51 12.45 17.55
C ARG A 287 -38.32 11.20 17.91
N GLU A 288 -38.48 10.29 16.96
CA GLU A 288 -39.44 9.21 17.15
C GLU A 288 -38.88 8.10 18.03
N THR A 289 -39.79 7.41 18.69
CA THR A 289 -39.45 6.58 19.85
C THR A 289 -40.17 5.25 19.90
N VAL A 290 -39.45 4.24 20.37
CA VAL A 290 -39.99 2.94 20.73
C VAL A 290 -40.97 3.06 21.91
N VAL A 299 -36.65 5.52 23.31
CA VAL A 299 -35.42 6.10 22.76
C VAL A 299 -35.62 6.65 21.35
N SER A 300 -35.03 7.82 21.09
CA SER A 300 -35.16 8.47 19.79
C SER A 300 -34.23 7.88 18.72
N MET A 301 -34.61 8.06 17.45
CA MET A 301 -33.78 7.67 16.31
C MET A 301 -32.36 8.20 16.45
N ARG A 302 -32.26 9.42 16.95
CA ARG A 302 -30.99 10.09 17.14
C ARG A 302 -30.20 9.42 18.27
N SER A 303 -30.91 8.98 19.30
CA SER A 303 -30.30 8.22 20.39
C SER A 303 -29.83 6.86 19.87
N LEU A 304 -30.58 6.29 18.93
CA LEU A 304 -30.23 5.02 18.33
C LEU A 304 -28.89 5.11 17.60
N ILE A 305 -28.70 6.21 16.87
CA ILE A 305 -27.45 6.44 16.15
C ILE A 305 -26.29 6.58 17.13
N LYS A 306 -26.53 7.30 18.23
CA LYS A 306 -25.53 7.44 19.28
C LYS A 306 -25.22 6.09 19.92
N MET A 307 -26.24 5.25 20.06
CA MET A 307 -26.07 3.93 20.66
C MET A 307 -25.21 3.00 19.82
N GLU A 308 -25.35 3.06 18.49
CA GLU A 308 -24.54 2.22 17.64
C GLU A 308 -23.11 2.77 17.62
N LEU A 309 -22.98 4.07 17.80
CA LEU A 309 -21.65 4.68 17.93
C LEU A 309 -21.00 4.17 19.21
N HIS A 310 -21.79 4.15 20.30
CA HIS A 310 -21.33 3.62 21.57
C HIS A 310 -20.95 2.16 21.43
N LYS A 311 -21.76 1.42 20.70
CA LYS A 311 -21.53 0.00 20.51
C LYS A 311 -20.20 -0.22 19.78
N LEU A 312 -19.90 0.66 18.83
CA LEU A 312 -18.62 0.58 18.13
C LEU A 312 -17.47 0.82 19.09
N GLU A 313 -17.62 1.81 19.96
CA GLU A 313 -16.60 2.13 20.95
C GLU A 313 -16.35 0.96 21.90
N LYS A 314 -17.44 0.38 22.40
CA LYS A 314 -17.33 -0.82 23.22
C LYS A 314 -16.58 -1.92 22.48
N HIS A 315 -16.83 -2.03 21.19
CA HIS A 315 -16.15 -3.01 20.34
C HIS A 315 -14.66 -2.74 20.20
N LEU A 316 -14.30 -1.47 19.97
CA LEU A 316 -12.91 -1.11 19.74
C LEU A 316 -12.04 -1.44 20.96
N ILE A 317 -12.62 -1.34 22.14
CA ILE A 317 -11.89 -1.59 23.38
C ILE A 317 -12.09 -3.01 23.94
N GLY A 318 -12.84 -3.84 23.23
CA GLY A 318 -12.91 -5.25 23.57
C GLY A 318 -14.19 -5.75 24.21
N GLU A 319 -15.07 -4.84 24.62
CA GLU A 319 -16.38 -5.25 25.10
C GLU A 319 -17.26 -5.64 23.93
N GLN A 320 -18.30 -6.42 24.21
CA GLN A 320 -19.41 -6.64 23.27
C GLN A 320 -18.97 -6.83 21.83
N VAL A 321 -18.23 -7.90 21.59
CA VAL A 321 -17.62 -8.13 20.29
C VAL A 321 -18.67 -8.24 19.17
N PHE A 322 -18.26 -7.89 17.95
CA PHE A 322 -19.05 -8.22 16.78
C PHE A 322 -18.71 -9.65 16.36
N GLY A 323 -19.72 -10.40 15.93
CA GLY A 323 -19.51 -11.78 15.53
C GLY A 323 -19.03 -12.65 16.69
N SER A 324 -18.09 -13.54 16.40
CA SER A 324 -17.62 -14.51 17.38
C SER A 324 -16.15 -14.37 17.74
N GLU A 325 -15.80 -14.71 18.97
CA GLU A 325 -14.40 -14.75 19.40
C GLU A 325 -13.66 -15.92 18.73
N GLU A 326 -12.57 -15.60 18.03
CA GLU A 326 -11.78 -16.59 17.32
C GLU A 326 -10.54 -16.97 18.10
N MET B 8 24.55 -10.97 -48.26
CA MET B 8 24.33 -12.26 -48.91
C MET B 8 24.03 -12.07 -50.40
N GLU B 9 24.25 -13.11 -51.19
CA GLU B 9 24.15 -12.98 -52.64
C GLU B 9 22.99 -13.77 -53.26
N SER B 10 22.86 -13.66 -54.58
CA SER B 10 21.66 -14.13 -55.29
C SER B 10 22.00 -15.08 -56.44
N VAL B 11 21.21 -16.14 -56.56
CA VAL B 11 21.44 -17.14 -57.60
C VAL B 11 20.45 -16.99 -58.74
N TYR B 12 20.96 -17.02 -59.97
CA TYR B 12 20.13 -16.88 -61.16
C TYR B 12 20.15 -18.15 -62.00
N LEU B 13 18.97 -18.68 -62.30
CA LEU B 13 18.87 -19.88 -63.13
C LEU B 13 18.21 -19.58 -64.47
N PHE B 14 19.00 -19.58 -65.53
CA PHE B 14 18.46 -19.37 -66.86
C PHE B 14 18.16 -20.70 -67.54
N SER B 15 18.62 -21.79 -66.92
CA SER B 15 18.52 -23.11 -67.54
C SER B 15 17.29 -23.89 -67.09
N SER B 16 16.72 -24.65 -68.01
CA SER B 16 15.58 -25.50 -67.72
C SER B 16 16.03 -26.80 -67.04
N GLY B 17 15.15 -27.40 -66.25
CA GLY B 17 15.47 -28.64 -65.57
C GLY B 17 14.58 -28.94 -64.38
N THR B 18 15.06 -29.80 -63.48
CA THR B 18 14.29 -30.15 -62.30
C THR B 18 15.01 -29.71 -61.03
N LEU B 19 14.29 -29.04 -60.14
CA LEU B 19 14.85 -28.60 -58.87
C LEU B 19 14.65 -29.65 -57.78
N LYS B 20 15.77 -30.06 -57.19
CA LYS B 20 15.75 -30.99 -56.08
C LYS B 20 16.84 -30.62 -55.10
N ARG B 21 16.71 -31.11 -53.87
CA ARG B 21 17.77 -30.92 -52.91
C ARG B 21 18.63 -32.16 -52.83
N LYS B 22 19.91 -32.01 -53.15
CA LYS B 22 20.91 -32.89 -52.58
C LYS B 22 21.22 -32.28 -51.24
N ALA B 23 20.90 -32.98 -50.16
CA ALA B 23 20.91 -32.32 -48.86
C ALA B 23 22.33 -31.93 -48.50
N ASN B 24 22.50 -30.65 -48.14
CA ASN B 24 23.69 -29.76 -48.33
C ASN B 24 23.72 -28.76 -49.52
N THR B 25 22.76 -28.80 -50.45
CA THR B 25 22.75 -27.85 -51.58
C THR B 25 21.49 -28.03 -52.42
N ILE B 26 21.22 -27.09 -53.32
CA ILE B 26 20.08 -27.28 -54.21
C ILE B 26 20.61 -27.75 -55.56
N CYS B 27 19.83 -28.61 -56.20
CA CYS B 27 20.22 -29.24 -57.44
C CYS B 27 19.28 -28.89 -58.58
N LEU B 28 19.86 -28.58 -59.73
CA LEU B 28 19.10 -28.46 -60.97
C LEU B 28 19.64 -29.48 -61.95
N GLU B 29 18.86 -30.51 -62.27
CA GLU B 29 19.33 -31.52 -63.20
C GLU B 29 18.75 -31.25 -64.59
N THR B 30 19.65 -30.84 -65.48
CA THR B 30 19.29 -30.47 -66.84
C THR B 30 19.58 -31.63 -67.79
N GLU B 31 19.40 -31.38 -69.09
CA GLU B 31 19.73 -32.37 -70.10
C GLU B 31 21.24 -32.41 -70.31
N SER B 32 21.90 -31.30 -69.97
CA SER B 32 23.36 -31.19 -70.10
C SER B 32 24.08 -31.87 -68.95
N GLY B 33 23.45 -31.87 -67.79
CA GLY B 33 24.04 -32.42 -66.58
C GLY B 33 23.42 -31.82 -65.33
N ARG B 34 24.07 -32.01 -64.19
CA ARG B 34 23.54 -31.54 -62.92
C ARG B 34 24.30 -30.31 -62.41
N LYS B 35 23.56 -29.25 -62.10
CA LYS B 35 24.13 -28.03 -61.54
C LYS B 35 23.86 -27.95 -60.04
N TYR B 36 24.92 -28.08 -59.24
CA TYR B 36 24.80 -27.95 -57.79
C TYR B 36 25.30 -26.59 -57.32
N ILE B 37 24.40 -25.77 -56.79
CA ILE B 37 24.79 -24.48 -56.23
C ILE B 37 24.57 -24.47 -54.72
N PRO B 38 25.66 -24.28 -53.95
CA PRO B 38 25.61 -24.23 -52.48
C PRO B 38 24.71 -23.12 -51.97
N VAL B 39 24.11 -23.32 -50.81
CA VAL B 39 23.23 -22.30 -50.23
C VAL B 39 23.88 -21.42 -49.17
N GLU B 40 25.16 -21.65 -48.89
CA GLU B 40 25.75 -21.15 -47.64
C GLU B 40 25.48 -19.66 -47.42
N ASN B 41 25.83 -18.81 -48.39
CA ASN B 41 25.42 -17.38 -48.39
C ASN B 41 24.28 -16.91 -49.31
N VAL B 42 23.59 -17.82 -50.01
CA VAL B 42 22.50 -17.41 -50.91
C VAL B 42 21.28 -16.84 -50.19
N MET B 43 20.90 -15.60 -50.49
CA MET B 43 19.67 -15.03 -49.95
C MET B 43 18.40 -15.36 -50.75
N ASP B 44 18.51 -15.46 -52.07
CA ASP B 44 17.35 -15.83 -52.89
C ASP B 44 17.70 -16.44 -54.25
N ILE B 45 16.70 -17.05 -54.88
CA ILE B 45 16.83 -17.62 -56.22
C ILE B 45 15.86 -16.96 -57.20
N LYS B 46 16.37 -16.58 -58.37
CA LYS B 46 15.52 -16.05 -59.43
C LYS B 46 15.48 -17.01 -60.62
N VAL B 47 14.29 -17.42 -61.03
CA VAL B 47 14.14 -18.45 -62.06
C VAL B 47 13.67 -17.89 -63.39
N PHE B 48 14.57 -17.85 -64.38
CA PHE B 48 14.19 -17.48 -65.74
C PHE B 48 13.95 -18.66 -66.70
N GLY B 49 14.33 -19.86 -66.29
CA GLY B 49 14.16 -21.04 -67.14
C GLY B 49 12.86 -21.72 -66.80
N GLU B 50 12.53 -22.81 -67.49
CA GLU B 50 11.34 -23.56 -67.11
C GLU B 50 11.78 -24.72 -66.25
N VAL B 51 11.28 -24.77 -65.02
CA VAL B 51 11.76 -25.73 -64.04
C VAL B 51 10.65 -26.56 -63.42
N ASP B 52 11.00 -27.77 -63.00
CA ASP B 52 10.07 -28.64 -62.30
C ASP B 52 10.52 -28.72 -60.86
N LEU B 53 9.56 -28.87 -59.94
CA LEU B 53 9.89 -28.98 -58.53
C LEU B 53 8.80 -29.68 -57.75
N ASN B 54 9.13 -30.11 -56.54
CA ASN B 54 8.14 -30.66 -55.62
C ASN B 54 8.05 -29.83 -54.36
N LYS B 55 7.20 -30.24 -53.42
CA LYS B 55 7.00 -29.47 -52.19
C LYS B 55 8.19 -29.62 -51.25
N ARG B 56 8.89 -30.75 -51.33
CA ARG B 56 10.04 -30.96 -50.45
C ARG B 56 11.18 -30.00 -50.79
N PHE B 57 11.27 -29.60 -52.05
CA PHE B 57 12.26 -28.61 -52.43
C PHE B 57 11.88 -27.25 -51.85
N LEU B 58 10.57 -26.98 -51.78
CA LEU B 58 10.07 -25.75 -51.18
C LEU B 58 10.30 -25.75 -49.68
N GLU B 59 10.11 -26.91 -49.04
CA GLU B 59 10.37 -27.05 -47.60
C GLU B 59 11.84 -26.80 -47.29
N PHE B 60 12.71 -27.23 -48.19
CA PHE B 60 14.14 -27.05 -48.03
C PHE B 60 14.50 -25.57 -48.11
N LEU B 61 13.99 -24.89 -49.13
CA LEU B 61 14.26 -23.46 -49.28
C LEU B 61 13.76 -22.69 -48.06
N SER B 62 12.63 -23.15 -47.52
CA SER B 62 12.01 -22.52 -46.37
C SER B 62 12.86 -22.70 -45.10
N GLN B 63 13.48 -23.86 -44.96
CA GLN B 63 14.35 -24.13 -43.82
C GLN B 63 15.60 -23.26 -43.86
N LYS B 64 16.08 -23.01 -45.08
CA LYS B 64 17.29 -22.24 -45.27
C LYS B 64 16.97 -20.75 -45.48
N ARG B 65 15.68 -20.42 -45.36
CA ARG B 65 15.20 -19.04 -45.44
C ARG B 65 15.52 -18.37 -46.77
N ILE B 66 15.31 -19.12 -47.85
CA ILE B 66 15.58 -18.61 -49.19
C ILE B 66 14.31 -18.54 -50.05
N PRO B 67 13.84 -17.33 -50.31
CA PRO B 67 12.68 -17.17 -51.19
C PRO B 67 13.07 -17.38 -52.63
N ILE B 68 12.11 -17.72 -53.49
CA ILE B 68 12.45 -17.94 -54.89
C ILE B 68 11.50 -17.18 -55.80
N HIS B 69 12.06 -16.39 -56.72
CA HIS B 69 11.28 -15.54 -57.62
C HIS B 69 11.19 -16.16 -59.00
N PHE B 70 10.02 -16.08 -59.61
CA PHE B 70 9.82 -16.67 -60.93
C PHE B 70 9.57 -15.62 -62.01
N PHE B 71 10.33 -15.72 -63.09
CA PHE B 71 10.16 -14.87 -64.27
C PHE B 71 9.84 -15.76 -65.45
N ASN B 72 8.88 -15.35 -66.30
CA ASN B 72 8.47 -16.21 -67.41
C ASN B 72 9.39 -16.08 -68.62
N ARG B 73 8.96 -16.70 -69.72
CA ARG B 73 9.67 -16.70 -70.99
C ARG B 73 10.16 -15.30 -71.38
N GLU B 74 9.21 -14.38 -71.53
CA GLU B 74 9.49 -13.00 -71.90
C GLU B 74 10.28 -12.23 -70.84
N GLY B 75 10.37 -12.78 -69.63
CA GLY B 75 11.12 -12.14 -68.57
C GLY B 75 10.29 -11.34 -67.60
N TYR B 76 8.97 -11.47 -67.69
CA TYR B 76 8.09 -10.80 -66.74
C TYR B 76 8.01 -11.57 -65.44
N TYR B 77 7.85 -10.84 -64.34
CA TYR B 77 7.81 -11.44 -63.02
C TYR B 77 6.40 -11.92 -62.71
N VAL B 78 6.23 -13.24 -62.62
CA VAL B 78 4.93 -13.83 -62.36
C VAL B 78 4.57 -13.92 -60.88
N GLY B 79 5.57 -14.11 -60.02
CA GLY B 79 5.31 -14.22 -58.60
C GLY B 79 6.45 -14.82 -57.80
N THR B 80 6.26 -14.90 -56.48
CA THR B 80 7.31 -15.35 -55.58
C THR B 80 6.82 -16.42 -54.60
N PHE B 81 7.67 -17.39 -54.32
CA PHE B 81 7.41 -18.28 -53.21
C PHE B 81 8.07 -17.65 -52.01
N TYR B 82 7.24 -17.17 -51.11
CA TYR B 82 7.70 -16.44 -49.95
C TYR B 82 7.63 -17.38 -48.77
N PRO B 83 8.80 -17.74 -48.20
CA PRO B 83 8.85 -18.70 -47.09
C PRO B 83 8.20 -18.13 -45.83
N ARG B 84 7.88 -19.02 -44.89
CA ARG B 84 7.40 -18.61 -43.58
C ARG B 84 8.41 -17.63 -42.97
N GLU B 85 7.92 -16.51 -42.43
CA GLU B 85 8.79 -15.51 -41.82
C GLU B 85 9.53 -16.11 -40.63
N TYR B 86 10.86 -15.99 -40.63
CA TYR B 86 11.62 -16.43 -39.46
C TYR B 86 11.90 -15.25 -38.51
N LEU B 87 11.68 -14.03 -38.96
CA LEU B 87 11.84 -12.87 -38.11
C LEU B 87 10.49 -12.35 -37.68
N ASN B 88 10.17 -12.56 -36.41
CA ASN B 88 8.83 -12.29 -35.89
C ASN B 88 8.85 -11.47 -34.62
N SER B 89 8.23 -10.30 -34.69
CA SER B 89 8.12 -9.41 -33.55
C SER B 89 6.70 -8.87 -33.49
N GLY B 90 5.99 -9.18 -32.42
CA GLY B 90 4.63 -8.71 -32.27
C GLY B 90 4.54 -7.19 -32.33
N PHE B 91 5.43 -6.53 -31.59
CA PHE B 91 5.38 -5.08 -31.47
C PHE B 91 5.60 -4.36 -32.81
N LEU B 92 6.60 -4.79 -33.56
CA LEU B 92 6.91 -4.15 -34.84
C LEU B 92 5.79 -4.32 -35.87
N ILE B 93 5.28 -5.55 -35.99
CA ILE B 93 4.15 -5.83 -36.88
C ILE B 93 2.95 -4.95 -36.52
N LEU B 94 2.64 -4.87 -35.23
CA LEU B 94 1.55 -4.05 -34.73
C LEU B 94 1.73 -2.57 -35.09
N LYS B 95 2.96 -2.08 -35.00
CA LYS B 95 3.23 -0.70 -35.36
C LYS B 95 3.15 -0.50 -36.87
N GLN B 96 3.62 -1.48 -37.63
CA GLN B 96 3.57 -1.38 -39.09
C GLN B 96 2.12 -1.25 -39.53
N ALA B 97 1.27 -2.09 -38.95
CA ALA B 97 -0.16 -2.05 -39.23
C ALA B 97 -0.80 -0.77 -38.72
N GLU B 98 -0.37 -0.29 -37.55
CA GLU B 98 -1.07 0.84 -36.94
C GLU B 98 -0.62 2.16 -37.55
N HIS B 99 0.56 2.17 -38.17
CA HIS B 99 0.96 3.34 -38.94
C HIS B 99 0.23 3.39 -40.27
N TYR B 100 -0.31 2.27 -40.72
CA TYR B 100 -1.11 2.32 -41.93
C TYR B 100 -2.53 2.84 -41.68
N ILE B 101 -3.19 2.29 -40.68
CA ILE B 101 -4.61 2.58 -40.44
C ILE B 101 -4.77 3.96 -39.80
N ASN B 102 -3.67 4.53 -39.36
CA ASN B 102 -3.67 5.93 -38.94
C ASN B 102 -3.29 6.81 -40.12
N GLN B 103 -4.25 7.61 -40.57
CA GLN B 103 -4.07 8.42 -41.77
C GLN B 103 -2.88 9.38 -41.68
N GLU B 104 -2.68 9.97 -40.50
CA GLU B 104 -1.58 10.93 -40.33
C GLU B 104 -0.22 10.25 -40.35
N LYS B 105 -0.12 9.12 -39.66
CA LYS B 105 1.13 8.37 -39.63
C LYS B 105 1.45 7.80 -41.01
N ARG B 106 0.41 7.37 -41.72
CA ARG B 106 0.60 6.87 -43.06
C ARG B 106 1.07 7.98 -43.98
N MET B 107 0.46 9.16 -43.85
CA MET B 107 0.84 10.29 -44.69
C MET B 107 2.31 10.64 -44.49
N LEU B 108 2.76 10.61 -43.24
CA LEU B 108 4.14 10.90 -42.92
C LEU B 108 5.12 9.96 -43.62
N ILE B 109 4.86 8.66 -43.53
CA ILE B 109 5.74 7.66 -44.13
C ILE B 109 5.74 7.77 -45.65
N ALA B 110 4.54 7.84 -46.24
CA ALA B 110 4.42 8.02 -47.69
C ALA B 110 5.12 9.30 -48.14
N ARG B 111 4.95 10.36 -47.36
CA ARG B 111 5.56 11.63 -47.71
C ARG B 111 7.07 11.51 -47.69
N GLU B 112 7.57 10.73 -46.74
CA GLU B 112 9.00 10.47 -46.62
C GLU B 112 9.52 9.72 -47.85
N ILE B 113 8.80 8.65 -48.23
CA ILE B 113 9.12 7.87 -49.41
C ILE B 113 9.19 8.78 -50.64
N VAL B 114 8.14 9.57 -50.85
CA VAL B 114 8.07 10.41 -52.03
C VAL B 114 9.19 11.45 -52.03
N SER B 115 9.47 11.99 -50.86
CA SER B 115 10.50 13.01 -50.69
C SER B 115 11.88 12.51 -51.10
N ARG B 116 12.24 11.33 -50.59
CA ARG B 116 13.55 10.74 -50.89
C ARG B 116 13.60 10.24 -52.33
N SER B 117 12.46 9.76 -52.82
CA SER B 117 12.32 9.37 -54.21
C SER B 117 12.65 10.54 -55.14
N PHE B 118 12.20 11.73 -54.75
CA PHE B 118 12.45 12.92 -55.55
C PHE B 118 13.92 13.30 -55.46
N GLN B 119 14.46 13.28 -54.26
CA GLN B 119 15.85 13.69 -54.06
C GLN B 119 16.79 12.76 -54.84
N ASN B 120 16.45 11.48 -54.88
CA ASN B 120 17.24 10.49 -55.61
C ASN B 120 17.17 10.70 -57.11
N MET B 121 15.99 11.06 -57.61
CA MET B 121 15.84 11.43 -59.01
C MET B 121 16.73 12.63 -59.33
N VAL B 122 16.69 13.63 -58.45
CA VAL B 122 17.37 14.89 -58.70
C VAL B 122 18.89 14.73 -58.78
N ASP B 123 19.47 14.06 -57.80
CA ASP B 123 20.92 13.87 -57.75
C ASP B 123 21.42 12.91 -58.80
N PHE B 124 20.55 12.02 -59.26
CA PHE B 124 20.86 11.21 -60.43
C PHE B 124 21.07 12.12 -61.64
N LEU B 125 20.23 13.13 -61.75
CA LEU B 125 20.29 14.03 -62.89
C LEU B 125 21.48 14.97 -62.80
N LYS B 126 21.73 15.51 -61.62
CA LYS B 126 22.78 16.51 -61.46
C LYS B 126 24.17 15.90 -61.47
N LYS B 127 24.29 14.64 -61.04
CA LYS B 127 25.56 13.95 -61.08
C LYS B 127 26.04 13.83 -62.51
N ARG B 128 25.09 13.74 -63.44
CA ARG B 128 25.38 13.70 -64.87
C ARG B 128 25.32 15.09 -65.49
N LYS B 129 25.22 16.10 -64.62
CA LYS B 129 25.29 17.51 -65.00
C LYS B 129 24.12 17.95 -65.87
N VAL B 130 22.97 17.31 -65.67
CA VAL B 130 21.71 17.74 -66.26
C VAL B 130 20.98 18.62 -65.25
N ARG B 131 20.29 19.67 -65.73
CA ARG B 131 19.60 20.58 -64.82
C ARG B 131 18.35 19.90 -64.25
N ALA B 132 18.31 19.77 -62.93
CA ALA B 132 17.28 18.98 -62.27
C ALA B 132 16.11 19.80 -61.72
N ASP B 133 16.16 21.11 -61.91
CA ASP B 133 15.03 21.97 -61.59
C ASP B 133 13.89 21.63 -62.54
N SER B 134 12.67 21.98 -62.14
CA SER B 134 11.39 21.54 -62.76
C SER B 134 10.96 20.21 -62.16
N LEU B 135 11.84 19.57 -61.41
CA LEU B 135 11.42 18.53 -60.49
C LEU B 135 11.07 19.21 -59.17
N THR B 136 11.54 20.45 -59.03
CA THR B 136 11.30 21.26 -57.84
C THR B 136 9.83 21.62 -57.74
N ARG B 137 9.19 21.85 -58.89
CA ARG B 137 7.76 22.14 -58.93
C ARG B 137 6.96 20.97 -58.39
N TYR B 138 7.39 19.74 -58.70
CA TYR B 138 6.69 18.56 -58.22
C TYR B 138 6.80 18.34 -56.73
N LYS B 139 7.96 18.62 -56.17
CA LYS B 139 8.10 18.38 -54.74
C LYS B 139 7.28 19.41 -53.99
N LYS B 140 7.18 20.60 -54.57
CA LYS B 140 6.32 21.63 -54.01
C LYS B 140 4.90 21.10 -53.88
N LYS B 141 4.39 20.51 -54.96
CA LYS B 141 3.03 20.02 -54.94
C LYS B 141 2.88 18.74 -54.12
N ALA B 142 3.96 17.99 -53.96
CA ALA B 142 3.96 16.86 -53.01
C ALA B 142 3.85 17.37 -51.58
N GLU B 143 4.39 18.56 -51.34
CA GLU B 143 4.30 19.18 -50.02
C GLU B 143 2.88 19.68 -49.77
N GLU B 144 2.24 20.19 -50.82
CA GLU B 144 0.88 20.72 -50.69
C GLU B 144 -0.17 19.61 -50.69
N ALA B 145 0.24 18.37 -50.99
CA ALA B 145 -0.71 17.26 -51.09
C ALA B 145 -1.41 17.01 -49.76
N SER B 146 -2.72 16.77 -49.80
CA SER B 146 -3.46 16.49 -48.57
C SER B 146 -3.74 15.01 -48.30
N ASN B 147 -3.41 14.13 -49.25
CA ASN B 147 -3.57 12.71 -48.99
C ASN B 147 -2.70 11.82 -49.88
N VAL B 148 -2.57 10.55 -49.48
CA VAL B 148 -1.70 9.60 -50.15
C VAL B 148 -2.08 9.39 -51.61
N SER B 149 -3.38 9.34 -51.88
CA SER B 149 -3.89 9.23 -53.25
C SER B 149 -3.29 10.32 -54.13
N GLU B 150 -3.36 11.56 -53.67
CA GLU B 150 -2.78 12.67 -54.37
C GLU B 150 -1.26 12.50 -54.49
N LEU B 151 -0.65 12.06 -53.40
CA LEU B 151 0.80 11.90 -53.34
C LEU B 151 1.32 10.89 -54.37
N MET B 152 0.60 9.77 -54.52
CA MET B 152 0.97 8.73 -55.49
C MET B 152 0.93 9.24 -56.94
N GLY B 153 -0.06 10.07 -57.24
CA GLY B 153 -0.20 10.63 -58.56
C GLY B 153 0.92 11.60 -58.90
N ILE B 154 1.25 12.46 -57.95
CA ILE B 154 2.33 13.42 -58.11
C ILE B 154 3.66 12.69 -58.29
N GLU B 155 3.82 11.62 -57.50
CA GLU B 155 5.02 10.80 -57.57
C GLU B 155 5.20 10.17 -58.94
N GLY B 156 4.09 9.71 -59.52
CA GLY B 156 4.10 9.12 -60.84
C GLY B 156 4.40 10.11 -61.95
N ASN B 157 3.78 11.29 -61.87
CA ASN B 157 3.99 12.32 -62.88
C ASN B 157 5.44 12.81 -62.83
N ALA B 158 6.03 12.79 -61.64
CA ALA B 158 7.41 13.19 -61.48
C ALA B 158 8.36 12.17 -62.09
N ARG B 159 8.00 10.89 -61.97
CA ARG B 159 8.77 9.80 -62.55
C ARG B 159 8.88 9.94 -64.07
N GLU B 160 7.74 10.17 -64.70
CA GLU B 160 7.68 10.40 -66.15
C GLU B 160 8.53 11.58 -66.59
N GLU B 161 8.21 12.79 -66.11
CA GLU B 161 8.93 14.01 -66.49
C GLU B 161 10.44 13.86 -66.27
N TYR B 162 10.80 13.01 -65.32
CA TYR B 162 12.18 12.71 -65.00
C TYR B 162 12.79 11.73 -66.03
N TYR B 163 11.97 10.80 -66.55
CA TYR B 163 12.39 9.87 -67.61
C TYR B 163 12.70 10.62 -68.91
N SER B 164 11.97 11.70 -69.13
CA SER B 164 12.25 12.62 -70.21
C SER B 164 13.68 13.15 -70.09
N MET B 165 14.01 13.72 -68.94
CA MET B 165 15.36 14.21 -68.70
C MET B 165 16.39 13.07 -68.86
N ILE B 166 15.93 11.84 -68.68
CA ILE B 166 16.78 10.68 -68.94
C ILE B 166 16.98 10.50 -70.45
N ASP B 167 15.88 10.50 -71.21
CA ASP B 167 15.96 10.39 -72.67
C ASP B 167 16.91 11.45 -73.24
N SER B 168 16.96 12.62 -72.59
CA SER B 168 17.87 13.69 -73.01
C SER B 168 19.33 13.28 -72.82
N LEU B 169 19.54 12.16 -72.13
CA LEU B 169 20.89 11.66 -71.91
C LEU B 169 21.24 10.52 -72.86
N VAL B 170 20.30 10.05 -73.67
CA VAL B 170 20.60 8.89 -74.49
C VAL B 170 20.98 9.37 -75.91
N SER B 171 21.42 8.46 -76.79
CA SER B 171 22.00 8.87 -78.07
C SER B 171 21.23 8.23 -79.21
N ASP B 172 21.24 6.91 -79.26
CA ASP B 172 20.44 6.28 -80.29
C ASP B 172 19.02 6.76 -79.98
N GLU B 173 18.43 7.43 -80.96
CA GLU B 173 17.09 7.97 -80.84
C GLU B 173 16.09 6.83 -80.65
N ARG B 174 16.52 5.63 -81.04
CA ARG B 174 15.67 4.44 -81.03
C ARG B 174 15.83 3.68 -79.71
N PHE B 175 16.81 4.06 -78.89
CA PHE B 175 16.98 3.43 -77.57
C PHE B 175 16.37 4.22 -76.40
N ARG B 176 15.63 5.27 -76.72
CA ARG B 176 14.94 6.14 -75.76
C ARG B 176 13.53 5.71 -75.34
N ILE B 177 13.21 6.01 -74.08
CA ILE B 177 11.90 5.77 -73.49
C ILE B 177 10.73 6.41 -74.24
N GLU B 178 10.78 7.73 -74.47
CA GLU B 178 9.61 8.42 -75.00
C GLU B 178 8.42 8.16 -74.09
N LYS B 179 7.44 7.41 -74.58
CA LYS B 179 6.30 6.98 -73.76
C LYS B 179 6.60 5.74 -72.91
N ARG B 180 6.58 5.88 -71.57
CA ARG B 180 6.67 4.70 -70.69
C ARG B 180 5.47 3.83 -70.98
N THR B 181 5.73 2.57 -71.31
CA THR B 181 4.66 1.63 -71.59
C THR B 181 4.88 0.23 -71.05
N ARG B 182 3.85 -0.17 -70.32
CA ARG B 182 3.54 -1.54 -69.96
C ARG B 182 2.34 -1.90 -70.88
N ARG B 183 1.72 -3.08 -70.76
CA ARG B 183 2.31 -4.26 -70.14
C ARG B 183 3.45 -4.81 -70.99
N PRO B 184 3.17 -5.25 -72.24
CA PRO B 184 4.40 -5.50 -72.98
C PRO B 184 5.05 -4.17 -73.27
N PRO B 185 6.35 -4.05 -72.96
CA PRO B 185 7.09 -2.84 -73.36
C PRO B 185 6.92 -2.69 -74.85
N LYS B 186 6.70 -1.49 -75.38
CA LYS B 186 6.53 -1.37 -76.82
C LYS B 186 7.85 -0.97 -77.53
N ASN B 187 8.92 -0.71 -76.75
CA ASN B 187 10.26 -0.53 -77.34
C ASN B 187 11.43 -0.90 -76.42
N PHE B 188 12.65 -0.60 -76.86
CA PHE B 188 13.91 -1.04 -76.23
C PHE B 188 14.04 -0.59 -74.79
N ALA B 189 14.15 0.73 -74.62
CA ALA B 189 14.38 1.34 -73.32
C ALA B 189 13.37 0.79 -72.31
N ASN B 190 12.14 0.67 -72.80
CA ASN B 190 11.04 0.15 -71.97
C ASN B 190 11.00 -1.35 -71.83
N THR B 191 11.82 -2.07 -72.59
CA THR B 191 12.06 -3.44 -72.18
C THR B 191 13.09 -3.47 -71.03
N LEU B 192 14.09 -2.61 -71.10
CA LEU B 192 15.14 -2.62 -70.11
C LEU B 192 14.68 -2.09 -68.75
N ILE B 193 13.81 -1.10 -68.78
CA ILE B 193 13.32 -0.52 -67.58
C ILE B 193 12.45 -1.50 -66.81
N SER B 194 11.48 -2.11 -67.47
CA SER B 194 10.61 -3.03 -66.78
C SER B 194 11.33 -4.22 -66.17
N PHE B 195 12.28 -4.75 -66.89
CA PHE B 195 13.05 -5.92 -66.48
C PHE B 195 13.90 -5.58 -65.24
N GLY B 196 14.60 -4.45 -65.33
CA GLY B 196 15.34 -3.92 -64.22
C GLY B 196 14.45 -3.59 -63.02
N ASN B 197 13.29 -2.99 -63.29
CA ASN B 197 12.34 -2.69 -62.22
C ASN B 197 11.90 -3.94 -61.50
N SER B 198 11.53 -4.95 -62.28
CA SER B 198 11.12 -6.24 -61.73
C SER B 198 12.21 -6.84 -60.85
N LEU B 199 13.44 -6.86 -61.37
CA LEU B 199 14.58 -7.36 -60.61
C LEU B 199 14.74 -6.64 -59.28
N LEU B 200 14.63 -5.32 -59.31
CA LEU B 200 14.73 -4.52 -58.09
C LEU B 200 13.59 -4.87 -57.14
N TYR B 201 12.40 -5.09 -57.69
CA TYR B 201 11.24 -5.42 -56.87
C TYR B 201 11.47 -6.70 -56.07
N THR B 202 12.11 -7.69 -56.69
CA THR B 202 12.36 -8.96 -56.02
C THR B 202 13.55 -8.88 -55.07
N THR B 203 14.50 -7.99 -55.39
CA THR B 203 15.65 -7.79 -54.52
C THR B 203 15.18 -7.15 -53.23
N VAL B 204 14.41 -6.08 -53.35
CA VAL B 204 13.86 -5.42 -52.17
C VAL B 204 13.00 -6.39 -51.37
N LEU B 205 12.23 -7.21 -52.07
CA LEU B 205 11.38 -8.21 -51.43
C LEU B 205 12.18 -9.18 -50.55
N SER B 206 13.30 -9.66 -51.06
CA SER B 206 14.11 -10.63 -50.33
C SER B 206 14.81 -9.98 -49.13
N LEU B 207 15.20 -8.72 -49.30
CA LEU B 207 15.79 -7.97 -48.20
C LEU B 207 14.76 -7.73 -47.11
N ILE B 208 13.51 -7.52 -47.51
CA ILE B 208 12.41 -7.36 -46.56
C ILE B 208 12.21 -8.66 -45.78
N TYR B 209 12.43 -9.79 -46.44
CA TYR B 209 12.31 -11.09 -45.78
C TYR B 209 13.38 -11.25 -44.69
N GLN B 210 14.46 -10.50 -44.81
CA GLN B 210 15.53 -10.49 -43.81
C GLN B 210 15.33 -9.43 -42.72
N THR B 211 14.15 -8.78 -42.72
CA THR B 211 13.77 -7.92 -41.61
C THR B 211 12.52 -8.45 -40.93
N HIS B 212 12.05 -7.74 -39.91
CA HIS B 212 10.81 -8.11 -39.22
C HIS B 212 9.59 -7.52 -39.92
N LEU B 213 9.82 -6.70 -40.94
CA LEU B 213 8.72 -6.08 -41.68
C LEU B 213 7.92 -7.06 -42.52
N ASP B 214 6.62 -6.85 -42.62
CA ASP B 214 5.80 -7.66 -43.51
C ASP B 214 5.64 -6.91 -44.84
N PRO B 215 5.95 -7.60 -45.96
CA PRO B 215 5.94 -6.96 -47.28
C PRO B 215 4.56 -6.54 -47.74
N ARG B 216 3.53 -7.06 -47.09
CA ARG B 216 2.15 -6.78 -47.49
C ARG B 216 1.65 -5.41 -47.05
N ILE B 217 2.28 -4.81 -46.05
CA ILE B 217 1.84 -3.49 -45.62
C ILE B 217 2.76 -2.42 -46.17
N GLY B 218 2.26 -1.69 -47.16
CA GLY B 218 2.97 -0.55 -47.70
C GLY B 218 2.29 0.74 -47.29
N TYR B 219 2.88 1.87 -47.66
CA TYR B 219 2.37 3.15 -47.20
C TYR B 219 2.02 4.05 -48.38
N LEU B 220 3.01 4.38 -49.20
CA LEU B 220 2.75 5.09 -50.45
C LEU B 220 1.79 4.26 -51.31
N HIS B 221 2.21 3.05 -51.67
CA HIS B 221 1.31 2.09 -52.30
C HIS B 221 0.35 1.53 -51.26
N GLU B 222 -0.94 1.55 -51.58
CA GLU B 222 -1.95 1.17 -50.60
C GLU B 222 -1.90 -0.32 -50.28
N THR B 223 -2.32 -0.68 -49.09
CA THR B 223 -2.36 -2.08 -48.75
C THR B 223 -3.76 -2.56 -49.10
N ASN B 224 -3.86 -3.22 -50.25
CA ASN B 224 -5.13 -3.72 -50.75
C ASN B 224 -5.29 -5.23 -50.57
N PHE B 225 -4.22 -5.85 -50.07
CA PHE B 225 -4.14 -7.30 -49.95
C PHE B 225 -4.28 -8.01 -51.29
N ARG B 226 -3.97 -7.30 -52.37
CA ARG B 226 -3.85 -7.93 -53.69
C ARG B 226 -2.40 -8.18 -54.12
N ARG B 227 -1.44 -7.79 -53.29
CA ARG B 227 -0.06 -7.69 -53.74
C ARG B 227 0.88 -7.32 -52.60
N PHE B 228 2.18 -7.47 -52.84
CA PHE B 228 3.17 -6.91 -51.93
C PHE B 228 3.30 -5.43 -52.20
N SER B 229 3.16 -4.64 -51.15
CA SER B 229 3.12 -3.18 -51.25
C SER B 229 4.45 -2.58 -50.84
N LEU B 230 4.87 -2.89 -49.62
CA LEU B 230 6.08 -2.32 -49.04
C LEU B 230 7.28 -2.33 -49.97
N ASN B 231 7.47 -3.41 -50.72
CA ASN B 231 8.67 -3.50 -51.56
C ASN B 231 8.58 -2.57 -52.77
N LEU B 232 7.35 -2.24 -53.16
CA LEU B 232 7.12 -1.22 -54.20
C LEU B 232 7.51 0.18 -53.69
N ASP B 233 7.12 0.48 -52.44
CA ASP B 233 7.49 1.74 -51.79
C ASP B 233 8.99 1.96 -51.77
N ILE B 234 9.70 1.00 -51.19
CA ILE B 234 11.14 1.09 -51.03
C ILE B 234 11.86 1.12 -52.37
N ALA B 235 11.36 0.33 -53.32
CA ALA B 235 11.99 0.25 -54.64
C ALA B 235 11.97 1.59 -55.34
N GLU B 236 10.95 2.40 -55.05
CA GLU B 236 10.84 3.75 -55.62
C GLU B 236 12.10 4.56 -55.37
N LEU B 237 12.64 4.45 -54.16
CA LEU B 237 13.85 5.18 -53.79
C LEU B 237 15.04 4.77 -54.65
N PHE B 238 15.14 3.49 -54.93
CA PHE B 238 16.32 2.94 -55.59
C PHE B 238 16.24 2.69 -57.09
N LYS B 239 15.13 3.05 -57.73
CA LYS B 239 15.03 2.87 -59.18
C LYS B 239 16.15 3.61 -59.94
N PRO B 240 16.44 4.87 -59.56
CA PRO B 240 17.72 5.39 -60.08
C PRO B 240 18.89 4.77 -59.30
N ALA B 241 20.08 4.82 -59.88
CA ALA B 241 21.31 4.28 -59.27
C ALA B 241 21.35 2.76 -59.29
N VAL B 242 20.21 2.13 -59.55
CA VAL B 242 20.17 0.68 -59.78
C VAL B 242 19.67 0.40 -61.19
N VAL B 243 18.39 0.71 -61.44
CA VAL B 243 17.78 0.44 -62.74
C VAL B 243 18.16 1.48 -63.81
N ASP B 244 18.13 2.76 -63.44
CA ASP B 244 18.39 3.83 -64.42
C ASP B 244 19.87 3.99 -64.73
N ARG B 245 20.70 3.93 -63.70
CA ARG B 245 22.16 3.98 -63.87
C ARG B 245 22.62 2.85 -64.78
N LEU B 246 22.05 1.68 -64.56
CA LEU B 246 22.32 0.51 -65.37
C LEU B 246 21.91 0.74 -66.81
N PHE B 247 20.69 1.21 -66.99
CA PHE B 247 20.11 1.42 -68.31
C PHE B 247 20.91 2.40 -69.18
N LEU B 248 21.26 3.55 -68.61
CA LEU B 248 22.05 4.55 -69.34
C LEU B 248 23.41 4.01 -69.77
N ASN B 249 24.18 3.56 -68.78
CA ASN B 249 25.53 3.08 -69.02
C ASN B 249 25.56 1.93 -70.03
N LEU B 250 24.67 0.96 -69.82
CA LEU B 250 24.62 -0.22 -70.67
C LEU B 250 24.35 0.13 -72.14
N VAL B 251 23.43 1.06 -72.36
CA VAL B 251 23.05 1.44 -73.72
C VAL B 251 24.12 2.33 -74.37
N ASN B 252 24.63 3.29 -73.61
CA ASN B 252 25.63 4.24 -74.12
C ASN B 252 26.97 3.57 -74.45
N THR B 253 27.24 2.43 -73.83
CA THR B 253 28.46 1.68 -74.11
C THR B 253 28.21 0.67 -75.23
N ARG B 254 26.98 0.66 -75.71
CA ARG B 254 26.53 -0.25 -76.77
C ARG B 254 26.70 -1.71 -76.36
N GLN B 255 26.73 -1.96 -75.05
CA GLN B 255 26.78 -3.32 -74.54
C GLN B 255 25.45 -3.99 -74.80
N ILE B 256 24.40 -3.18 -74.90
CA ILE B 256 23.08 -3.66 -75.31
C ILE B 256 22.74 -3.16 -76.72
N ASN B 257 22.39 -4.07 -77.61
CA ASN B 257 21.98 -3.72 -78.97
C ASN B 257 20.76 -4.53 -79.41
N GLU B 258 20.37 -4.38 -80.68
CA GLU B 258 19.14 -4.96 -81.18
C GLU B 258 19.15 -6.50 -81.22
N LYS B 259 20.33 -7.09 -81.12
CA LYS B 259 20.46 -8.55 -81.12
C LYS B 259 19.97 -9.14 -79.80
N HIS B 260 19.72 -8.27 -78.82
CA HIS B 260 19.36 -8.70 -77.49
C HIS B 260 17.85 -8.72 -77.26
N PHE B 261 17.08 -8.41 -78.28
CA PHE B 261 15.63 -8.36 -78.15
C PHE B 261 14.92 -9.22 -79.21
N ASP B 262 13.72 -9.67 -78.88
CA ASP B 262 12.85 -10.38 -79.83
C ASP B 262 11.47 -9.72 -79.91
N GLU B 263 10.86 -9.79 -81.09
CA GLU B 263 9.56 -9.16 -81.29
C GLU B 263 8.44 -10.16 -81.18
N ILE B 264 7.72 -10.05 -80.08
CA ILE B 264 6.55 -10.87 -79.79
C ILE B 264 5.35 -9.94 -79.77
N SER B 265 4.17 -10.50 -80.06
CA SER B 265 2.93 -9.75 -79.92
C SER B 265 3.04 -8.38 -80.57
N GLU B 266 2.59 -7.36 -79.84
CA GLU B 266 3.00 -6.00 -80.16
C GLU B 266 3.84 -5.50 -79.00
N GLY B 267 5.15 -5.47 -79.20
CA GLY B 267 6.09 -5.17 -78.14
C GLY B 267 7.34 -5.99 -78.28
N LEU B 268 8.21 -5.94 -77.27
CA LEU B 268 9.46 -6.67 -77.31
C LEU B 268 9.74 -7.45 -76.04
N MET B 269 10.66 -8.39 -76.13
CA MET B 269 11.16 -9.06 -74.94
C MET B 269 12.68 -9.14 -74.99
N LEU B 270 13.29 -9.31 -73.82
CA LEU B 270 14.73 -9.49 -73.69
C LEU B 270 14.97 -10.98 -73.46
N ASN B 271 16.01 -11.57 -74.07
CA ASN B 271 16.26 -13.00 -73.87
C ASN B 271 17.69 -13.32 -73.49
N ASP B 272 18.05 -14.60 -73.56
CA ASP B 272 19.20 -15.17 -72.90
C ASP B 272 20.45 -14.30 -72.95
N GLU B 273 20.87 -13.86 -74.14
CA GLU B 273 22.04 -13.00 -74.24
C GLU B 273 21.84 -11.71 -73.46
N GLY B 274 20.76 -10.99 -73.76
CA GLY B 274 20.45 -9.75 -73.08
C GLY B 274 20.14 -9.92 -71.60
N LYS B 275 19.40 -10.98 -71.27
CA LYS B 275 19.03 -11.25 -69.88
C LYS B 275 20.25 -11.48 -69.00
N SER B 276 21.15 -12.34 -69.43
CA SER B 276 22.32 -12.69 -68.64
C SER B 276 23.26 -11.50 -68.50
N LEU B 277 23.42 -10.74 -69.58
CA LEU B 277 24.29 -9.58 -69.56
C LEU B 277 23.73 -8.50 -68.65
N PHE B 278 22.42 -8.30 -68.74
CA PHE B 278 21.72 -7.35 -67.87
C PHE B 278 21.87 -7.77 -66.41
N VAL B 279 21.67 -9.06 -66.15
CA VAL B 279 21.73 -9.58 -64.79
C VAL B 279 23.13 -9.46 -64.20
N LYS B 280 24.14 -9.80 -64.98
CA LYS B 280 25.53 -9.68 -64.52
C LYS B 280 25.84 -8.26 -64.07
N ASN B 281 25.48 -7.29 -64.90
CA ASN B 281 25.69 -5.89 -64.58
C ASN B 281 24.85 -5.43 -63.40
N TYR B 282 23.62 -5.92 -63.35
CA TYR B 282 22.72 -5.67 -62.22
C TYR B 282 23.32 -6.19 -60.91
N GLU B 283 23.89 -7.39 -60.96
CA GLU B 283 24.43 -8.01 -59.76
C GLU B 283 25.72 -7.36 -59.27
N GLN B 284 26.50 -6.80 -60.18
CA GLN B 284 27.72 -6.11 -59.76
C GLN B 284 27.39 -4.66 -59.38
N ALA B 285 26.19 -4.22 -59.75
CA ALA B 285 25.73 -2.89 -59.37
C ALA B 285 25.35 -2.88 -57.89
N LEU B 286 24.66 -3.93 -57.44
CA LEU B 286 24.25 -4.04 -56.05
C LEU B 286 25.44 -4.29 -55.12
N ARG B 287 26.44 -5.02 -55.63
CA ARG B 287 27.55 -5.44 -54.81
C ARG B 287 28.67 -4.40 -54.69
N GLU B 288 28.55 -3.31 -55.44
CA GLU B 288 29.57 -2.26 -55.40
C GLU B 288 29.56 -1.55 -54.05
N THR B 289 30.76 -1.23 -53.55
CA THR B 289 30.90 -0.59 -52.24
C THR B 289 31.26 0.89 -52.36
N SER B 300 27.70 -0.05 -49.56
CA SER B 300 27.18 -0.94 -50.60
C SER B 300 25.69 -0.65 -50.88
N MET B 301 25.25 -0.95 -52.10
CA MET B 301 23.89 -0.62 -52.54
C MET B 301 22.83 -1.54 -51.92
N ARG B 302 23.10 -2.85 -51.93
CA ARG B 302 22.18 -3.80 -51.34
C ARG B 302 22.04 -3.54 -49.83
N SER B 303 23.16 -3.19 -49.21
CA SER B 303 23.16 -2.85 -47.79
C SER B 303 22.41 -1.54 -47.55
N LEU B 304 22.48 -0.62 -48.51
CA LEU B 304 21.76 0.65 -48.41
C LEU B 304 20.26 0.41 -48.33
N ILE B 305 19.75 -0.49 -49.17
CA ILE B 305 18.34 -0.83 -49.15
C ILE B 305 17.96 -1.43 -47.80
N LYS B 306 18.84 -2.26 -47.24
CA LYS B 306 18.65 -2.80 -45.91
C LYS B 306 18.62 -1.70 -44.86
N MET B 307 19.52 -0.73 -45.03
CA MET B 307 19.61 0.42 -44.14
C MET B 307 18.30 1.19 -44.11
N GLU B 308 17.69 1.31 -45.27
CA GLU B 308 16.41 2.01 -45.39
C GLU B 308 15.31 1.21 -44.73
N LEU B 309 15.36 -0.11 -44.86
CA LEU B 309 14.38 -0.98 -44.23
C LEU B 309 14.49 -0.88 -42.71
N HIS B 310 15.71 -0.83 -42.21
CA HIS B 310 15.96 -0.70 -40.79
C HIS B 310 15.52 0.66 -40.24
N LYS B 311 15.68 1.71 -41.04
CA LYS B 311 15.27 3.04 -40.62
C LYS B 311 13.76 3.19 -40.59
N LEU B 312 13.07 2.43 -41.45
CA LEU B 312 11.62 2.40 -41.38
C LEU B 312 11.21 1.69 -40.08
N GLU B 313 11.96 0.64 -39.73
CA GLU B 313 11.68 -0.10 -38.50
C GLU B 313 11.94 0.76 -37.26
N LYS B 314 13.01 1.53 -37.29
CA LYS B 314 13.31 2.44 -36.17
C LYS B 314 12.24 3.52 -36.08
N HIS B 315 11.73 3.94 -37.22
CA HIS B 315 10.65 4.92 -37.26
C HIS B 315 9.35 4.37 -36.66
N LEU B 316 9.01 3.15 -37.03
CA LEU B 316 7.76 2.55 -36.59
C LEU B 316 7.68 2.39 -35.06
N ILE B 317 8.82 2.14 -34.42
CA ILE B 317 8.84 1.95 -32.97
C ILE B 317 9.16 3.23 -32.19
N GLY B 318 9.35 4.33 -32.90
CA GLY B 318 9.52 5.62 -32.25
C GLY B 318 10.92 6.24 -32.22
N GLU B 319 11.93 5.52 -32.71
CA GLU B 319 13.26 6.12 -32.89
C GLU B 319 13.35 6.92 -34.19
N GLN B 320 14.23 7.93 -34.22
CA GLN B 320 14.66 8.62 -35.44
C GLN B 320 13.50 8.91 -36.40
N VAL B 321 12.39 9.36 -35.83
CA VAL B 321 11.15 9.56 -36.57
C VAL B 321 11.34 10.57 -37.69
N PHE B 322 10.75 10.27 -38.84
CA PHE B 322 10.81 11.15 -40.01
C PHE B 322 10.25 12.53 -39.67
N GLY B 323 10.84 13.55 -40.27
CA GLY B 323 10.40 14.91 -40.06
C GLY B 323 10.60 15.38 -38.63
N SER B 324 9.66 16.18 -38.13
CA SER B 324 9.78 16.80 -36.82
C SER B 324 8.70 16.29 -35.86
N GLU B 325 9.02 16.30 -34.57
CA GLU B 325 8.03 15.93 -33.56
C GLU B 325 6.98 17.04 -33.47
N GLU B 326 5.72 16.66 -33.65
CA GLU B 326 4.61 17.61 -33.66
C GLU B 326 4.09 17.87 -32.25
N GLU C 9 39.18 -1.80 -17.17
CA GLU C 9 38.49 -0.69 -17.80
C GLU C 9 38.07 0.28 -16.70
N SER C 10 38.44 -0.08 -15.48
CA SER C 10 38.16 0.74 -14.30
C SER C 10 39.46 1.33 -13.75
N VAL C 11 39.46 2.65 -13.56
CA VAL C 11 40.61 3.33 -12.99
C VAL C 11 40.48 3.46 -11.48
N TYR C 12 41.52 3.05 -10.76
CA TYR C 12 41.56 3.18 -9.31
C TYR C 12 42.56 4.26 -8.91
N LEU C 13 42.14 5.19 -8.05
CA LEU C 13 43.04 6.22 -7.54
C LEU C 13 43.23 6.05 -6.04
N PHE C 14 44.41 5.59 -5.64
CA PHE C 14 44.70 5.46 -4.21
C PHE C 14 45.41 6.68 -3.65
N SER C 15 45.89 7.54 -4.55
CA SER C 15 46.71 8.67 -4.12
C SER C 15 45.88 9.95 -4.00
N SER C 16 46.21 10.74 -2.98
CA SER C 16 45.53 12.00 -2.75
C SER C 16 46.00 13.07 -3.74
N GLY C 17 45.14 14.02 -4.06
CA GLY C 17 45.49 15.08 -4.98
C GLY C 17 44.29 15.80 -5.58
N THR C 18 44.51 16.48 -6.69
CA THR C 18 43.45 17.25 -7.35
C THR C 18 43.09 16.66 -8.71
N LEU C 19 41.79 16.50 -8.95
CA LEU C 19 41.30 16.02 -10.24
C LEU C 19 40.95 17.19 -11.15
N LYS C 20 41.52 17.19 -12.36
CA LYS C 20 41.29 18.26 -13.30
C LYS C 20 41.21 17.72 -14.72
N ARG C 21 40.61 18.47 -15.62
CA ARG C 21 40.58 18.08 -17.03
C ARG C 21 41.53 18.95 -17.84
N LYS C 22 42.51 18.30 -18.48
CA LYS C 22 43.46 18.99 -19.36
C LYS C 22 43.36 18.39 -20.76
N ALA C 23 42.99 19.22 -21.74
CA ALA C 23 42.63 18.75 -23.07
C ALA C 23 41.57 17.66 -22.92
N ASN C 24 41.69 16.57 -23.67
CA ASN C 24 40.85 15.43 -23.35
C ASN C 24 41.67 14.30 -22.73
N THR C 25 41.57 14.24 -21.41
CA THR C 25 42.16 13.24 -20.53
C THR C 25 41.91 13.77 -19.13
N ILE C 26 42.01 12.92 -18.12
CA ILE C 26 41.90 13.41 -16.75
C ILE C 26 43.26 13.35 -16.08
N CYS C 27 43.52 14.32 -15.21
CA CYS C 27 44.81 14.43 -14.56
C CYS C 27 44.66 14.51 -13.05
N LEU C 28 45.39 13.66 -12.34
CA LEU C 28 45.44 13.75 -10.89
C LEU C 28 46.72 14.45 -10.49
N GLU C 29 46.59 15.65 -9.92
CA GLU C 29 47.78 16.34 -9.48
C GLU C 29 48.03 15.98 -8.04
N THR C 30 49.03 15.15 -7.81
CA THR C 30 49.65 15.13 -6.52
C THR C 30 50.77 16.13 -6.71
N GLU C 31 51.46 16.51 -5.65
CA GLU C 31 52.61 17.38 -5.83
C GLU C 31 53.92 16.60 -5.72
N SER C 32 53.78 15.28 -5.56
CA SER C 32 54.86 14.37 -5.88
C SER C 32 55.00 14.39 -7.40
N GLY C 33 53.89 14.69 -8.08
CA GLY C 33 53.87 14.83 -9.52
C GLY C 33 52.48 14.63 -10.09
N ARG C 34 52.39 14.66 -11.41
CA ARG C 34 51.13 14.41 -12.10
C ARG C 34 50.96 12.96 -12.50
N LYS C 35 49.80 12.39 -12.19
CA LYS C 35 49.42 11.12 -12.79
C LYS C 35 48.39 11.36 -13.89
N TYR C 36 48.78 11.12 -15.13
CA TYR C 36 47.89 11.30 -16.27
C TYR C 36 47.05 10.07 -16.53
N ILE C 37 45.72 10.25 -16.58
CA ILE C 37 44.83 9.16 -16.96
C ILE C 37 44.04 9.49 -18.23
N PRO C 38 44.31 8.78 -19.33
CA PRO C 38 43.46 8.95 -20.51
C PRO C 38 42.10 8.28 -20.33
N VAL C 39 41.09 8.84 -20.99
CA VAL C 39 39.69 8.48 -20.78
C VAL C 39 39.24 7.38 -21.73
N GLU C 40 40.08 7.08 -22.72
CA GLU C 40 39.67 6.38 -23.94
C GLU C 40 38.73 5.21 -23.68
N ASN C 41 39.23 4.16 -23.05
CA ASN C 41 38.37 3.00 -22.79
C ASN C 41 37.79 2.95 -21.38
N VAL C 42 38.08 3.94 -20.54
CA VAL C 42 37.66 3.88 -19.14
C VAL C 42 36.14 3.86 -18.97
N MET C 43 35.63 2.82 -18.31
CA MET C 43 34.20 2.73 -17.99
C MET C 43 33.81 3.45 -16.69
N ASP C 44 34.66 3.41 -15.67
CA ASP C 44 34.37 4.10 -14.41
C ASP C 44 35.63 4.34 -13.59
N ILE C 45 35.52 5.26 -12.63
CA ILE C 45 36.63 5.57 -11.74
C ILE C 45 36.25 5.24 -10.30
N LYS C 46 37.19 4.66 -9.56
CA LYS C 46 36.99 4.40 -8.14
C LYS C 46 38.03 5.16 -7.31
N VAL C 47 37.55 6.03 -6.43
CA VAL C 47 38.42 6.88 -5.65
C VAL C 47 38.52 6.41 -4.20
N PHE C 48 39.69 5.88 -3.83
CA PHE C 48 39.95 5.50 -2.44
C PHE C 48 40.70 6.56 -1.66
N GLY C 49 41.22 7.56 -2.36
CA GLY C 49 42.09 8.56 -1.76
C GLY C 49 41.37 9.87 -1.50
N GLU C 50 42.08 10.83 -0.93
CA GLU C 50 41.47 12.14 -0.65
C GLU C 50 41.70 13.06 -1.84
N VAL C 51 40.62 13.38 -2.55
CA VAL C 51 40.73 14.16 -3.77
C VAL C 51 39.90 15.42 -3.73
N ASP C 52 40.41 16.47 -4.35
CA ASP C 52 39.64 17.68 -4.57
C ASP C 52 39.30 17.76 -6.06
N LEU C 53 38.09 18.23 -6.37
CA LEU C 53 37.66 18.36 -7.76
C LEU C 53 36.59 19.45 -7.89
N ASN C 54 36.37 19.93 -9.11
CA ASN C 54 35.33 20.91 -9.34
C ASN C 54 34.25 20.38 -10.27
N LYS C 55 33.24 21.20 -10.54
CA LYS C 55 32.09 20.77 -11.30
C LYS C 55 32.43 20.53 -12.78
N ARG C 56 33.39 21.31 -13.27
CA ARG C 56 33.74 21.24 -14.68
C ARG C 56 34.44 19.91 -14.95
N PHE C 57 35.04 19.33 -13.92
CA PHE C 57 35.61 17.99 -14.02
C PHE C 57 34.50 16.97 -14.14
N LEU C 58 33.40 17.23 -13.44
CA LEU C 58 32.24 16.35 -13.47
C LEU C 58 31.52 16.46 -14.82
N GLU C 59 31.45 17.69 -15.35
CA GLU C 59 30.89 17.91 -16.67
C GLU C 59 31.67 17.07 -17.68
N PHE C 60 32.98 17.04 -17.50
CA PHE C 60 33.85 16.26 -18.37
C PHE C 60 33.56 14.77 -18.26
N LEU C 61 33.47 14.27 -17.02
CA LEU C 61 33.17 12.86 -16.78
C LEU C 61 31.81 12.49 -17.38
N SER C 62 30.83 13.36 -17.17
CA SER C 62 29.50 13.15 -17.73
C SER C 62 29.56 13.05 -19.25
N GLN C 63 30.30 13.95 -19.88
CA GLN C 63 30.43 13.97 -21.33
C GLN C 63 31.16 12.75 -21.86
N LYS C 64 32.04 12.18 -21.04
CA LYS C 64 32.77 10.99 -21.44
C LYS C 64 32.07 9.72 -20.97
N ARG C 65 30.89 9.91 -20.37
CA ARG C 65 30.03 8.81 -19.94
C ARG C 65 30.74 7.93 -18.91
N ILE C 66 31.46 8.57 -17.99
CA ILE C 66 32.20 7.87 -16.95
C ILE C 66 31.68 8.17 -15.55
N PRO C 67 31.06 7.17 -14.91
CA PRO C 67 30.67 7.35 -13.50
C PRO C 67 31.92 7.40 -12.62
N ILE C 68 31.79 7.94 -11.42
CA ILE C 68 32.89 7.89 -10.48
C ILE C 68 32.37 7.46 -9.10
N HIS C 69 33.02 6.45 -8.53
CA HIS C 69 32.61 5.92 -7.23
C HIS C 69 33.59 6.36 -6.14
N PHE C 70 33.05 6.71 -4.98
CA PHE C 70 33.88 7.23 -3.90
C PHE C 70 33.91 6.31 -2.69
N PHE C 71 35.12 6.10 -2.16
CA PHE C 71 35.32 5.31 -0.96
C PHE C 71 36.07 6.15 0.08
N ASN C 72 35.79 5.92 1.35
CA ASN C 72 36.42 6.72 2.40
C ASN C 72 37.78 6.16 2.84
N ARG C 73 38.33 6.80 3.87
CA ARG C 73 39.59 6.38 4.49
C ARG C 73 39.59 4.89 4.79
N GLU C 74 38.66 4.46 5.63
CA GLU C 74 38.53 3.06 6.04
C GLU C 74 38.11 2.13 4.89
N GLY C 75 37.72 2.70 3.76
CA GLY C 75 37.44 1.90 2.58
C GLY C 75 35.98 1.54 2.36
N TYR C 76 35.09 2.20 3.08
CA TYR C 76 33.66 2.00 2.89
C TYR C 76 33.15 2.85 1.72
N TYR C 77 32.17 2.32 1.00
CA TYR C 77 31.63 3.03 -0.14
C TYR C 77 30.65 4.09 0.34
N VAL C 78 31.00 5.35 0.11
CA VAL C 78 30.13 6.47 0.51
C VAL C 78 29.06 6.82 -0.52
N GLY C 79 29.37 6.65 -1.81
CA GLY C 79 28.45 7.05 -2.85
C GLY C 79 29.06 7.18 -4.23
N THR C 80 28.23 7.56 -5.21
CA THR C 80 28.66 7.63 -6.61
C THR C 80 28.15 8.88 -7.31
N PHE C 81 28.98 9.49 -8.15
CA PHE C 81 28.48 10.49 -9.06
C PHE C 81 28.03 9.78 -10.32
N TYR C 82 26.72 9.78 -10.52
CA TYR C 82 26.10 9.06 -11.62
C TYR C 82 25.79 10.06 -12.71
N PRO C 83 26.47 9.94 -13.87
CA PRO C 83 26.25 10.92 -14.93
C PRO C 83 24.86 10.80 -15.51
N ARG C 84 24.43 11.85 -16.22
CA ARG C 84 23.17 11.82 -16.95
C ARG C 84 23.16 10.60 -17.85
N GLU C 85 22.05 9.90 -17.86
CA GLU C 85 21.89 8.73 -18.73
C GLU C 85 22.04 9.20 -20.18
N TYR C 86 22.92 8.55 -20.94
CA TYR C 86 22.97 8.80 -22.38
C TYR C 86 22.13 7.76 -23.16
N LEU C 87 21.70 6.71 -22.47
CA LEU C 87 20.84 5.71 -23.11
C LEU C 87 19.43 5.84 -22.60
N ASN C 88 18.55 6.34 -23.45
CA ASN C 88 17.19 6.62 -23.03
C ASN C 88 16.18 6.04 -23.99
N SER C 89 15.34 5.17 -23.44
CA SER C 89 14.27 4.52 -24.17
C SER C 89 13.01 4.61 -23.32
N GLY C 90 12.00 5.31 -23.83
CA GLY C 90 10.74 5.41 -23.13
C GLY C 90 10.15 4.06 -22.82
N PHE C 91 10.09 3.20 -23.82
CA PHE C 91 9.42 1.91 -23.69
C PHE C 91 10.04 1.02 -22.61
N LEU C 92 11.36 0.91 -22.62
CA LEU C 92 12.05 0.03 -21.68
C LEU C 92 11.88 0.51 -20.24
N ILE C 93 12.17 1.80 -20.00
CA ILE C 93 11.93 2.41 -18.70
C ILE C 93 10.50 2.20 -18.22
N LEU C 94 9.54 2.40 -19.12
CA LEU C 94 8.14 2.13 -18.80
C LEU C 94 7.95 0.66 -18.41
N LYS C 95 8.55 -0.27 -19.15
CA LYS C 95 8.40 -1.68 -18.82
C LYS C 95 9.07 -2.02 -17.50
N GLN C 96 10.24 -1.45 -17.27
CA GLN C 96 10.97 -1.69 -16.03
C GLN C 96 10.10 -1.30 -14.84
N ALA C 97 9.46 -0.14 -14.95
CA ALA C 97 8.58 0.33 -13.87
C ALA C 97 7.33 -0.53 -13.83
N GLU C 98 6.82 -0.82 -15.01
CA GLU C 98 5.63 -1.64 -15.09
C GLU C 98 5.88 -3.04 -14.49
N HIS C 99 7.10 -3.62 -14.53
CA HIS C 99 7.14 -4.93 -13.90
C HIS C 99 7.34 -4.81 -12.40
N TYR C 100 7.67 -3.62 -11.92
CA TYR C 100 7.77 -3.47 -10.48
C TYR C 100 6.39 -3.33 -9.84
N ILE C 101 5.52 -2.52 -10.44
CA ILE C 101 4.26 -2.20 -9.78
C ILE C 101 3.23 -3.31 -9.99
N ASN C 102 3.55 -4.21 -10.91
CA ASN C 102 2.79 -5.42 -11.11
C ASN C 102 3.41 -6.49 -10.23
N GLN C 103 2.69 -6.91 -9.20
CA GLN C 103 3.28 -7.74 -8.17
C GLN C 103 3.63 -9.13 -8.71
N GLU C 104 2.82 -9.64 -9.62
CA GLU C 104 3.09 -10.93 -10.25
C GLU C 104 4.36 -10.85 -11.08
N LYS C 105 4.46 -9.81 -11.91
CA LYS C 105 5.62 -9.61 -12.75
C LYS C 105 6.88 -9.35 -11.92
N ARG C 106 6.69 -8.70 -10.77
CA ARG C 106 7.82 -8.36 -9.92
C ARG C 106 8.44 -9.59 -9.28
N MET C 107 7.61 -10.46 -8.73
CA MET C 107 8.12 -11.69 -8.12
C MET C 107 8.65 -12.66 -9.15
N LEU C 108 8.14 -12.61 -10.37
CA LEU C 108 8.71 -13.42 -11.41
C LEU C 108 10.20 -13.11 -11.55
N ILE C 109 10.53 -11.82 -11.57
CA ILE C 109 11.91 -11.41 -11.72
C ILE C 109 12.69 -11.68 -10.43
N ALA C 110 12.05 -11.42 -9.29
CA ALA C 110 12.67 -11.66 -7.99
C ALA C 110 13.05 -13.14 -7.85
N ARG C 111 12.13 -14.01 -8.23
CA ARG C 111 12.37 -15.45 -8.22
C ARG C 111 13.54 -15.83 -9.12
N GLU C 112 13.64 -15.16 -10.26
CA GLU C 112 14.72 -15.41 -11.21
C GLU C 112 16.07 -15.09 -10.59
N ILE C 113 16.16 -13.91 -9.98
CA ILE C 113 17.38 -13.49 -9.29
C ILE C 113 17.76 -14.50 -8.20
N VAL C 114 16.81 -14.82 -7.34
CA VAL C 114 17.06 -15.72 -6.22
C VAL C 114 17.45 -17.13 -6.68
N SER C 115 16.70 -17.67 -7.63
CA SER C 115 16.96 -19.00 -8.14
C SER C 115 18.39 -19.16 -8.68
N ARG C 116 18.84 -18.16 -9.43
CA ARG C 116 20.15 -18.21 -10.04
C ARG C 116 21.25 -17.82 -9.06
N SER C 117 20.89 -17.02 -8.07
CA SER C 117 21.79 -16.76 -6.97
C SER C 117 22.07 -18.09 -6.24
N PHE C 118 21.04 -18.93 -6.14
CA PHE C 118 21.17 -20.21 -5.43
C PHE C 118 22.02 -21.23 -6.17
N GLN C 119 21.84 -21.34 -7.49
CA GLN C 119 22.62 -22.28 -8.28
C GLN C 119 24.08 -21.88 -8.27
N ASN C 120 24.32 -20.60 -8.50
CA ASN C 120 25.67 -20.04 -8.47
C ASN C 120 26.36 -20.33 -7.14
N MET C 121 25.60 -20.31 -6.05
CA MET C 121 26.14 -20.69 -4.75
C MET C 121 26.48 -22.18 -4.74
N VAL C 122 25.60 -22.97 -5.36
CA VAL C 122 25.70 -24.42 -5.28
C VAL C 122 26.84 -25.01 -6.10
N ASP C 123 27.03 -24.59 -7.35
CA ASP C 123 28.13 -25.19 -8.11
C ASP C 123 29.45 -24.55 -7.70
N PHE C 124 29.39 -23.39 -7.05
CA PHE C 124 30.59 -22.85 -6.43
C PHE C 124 31.07 -23.87 -5.40
N LEU C 125 30.12 -24.44 -4.65
CA LEU C 125 30.43 -25.44 -3.63
C LEU C 125 30.83 -26.77 -4.25
N LYS C 126 30.15 -27.13 -5.33
CA LYS C 126 30.42 -28.38 -6.03
C LYS C 126 31.82 -28.44 -6.64
N LYS C 127 32.20 -27.36 -7.33
CA LYS C 127 33.50 -27.29 -8.00
C LYS C 127 34.65 -27.49 -7.01
N ARG C 128 34.40 -27.16 -5.75
CA ARG C 128 35.40 -27.34 -4.70
C ARG C 128 35.21 -28.65 -3.94
N LYS C 129 34.28 -29.46 -4.43
CA LYS C 129 33.98 -30.79 -3.85
C LYS C 129 33.43 -30.68 -2.44
N VAL C 130 32.77 -29.56 -2.14
CA VAL C 130 32.04 -29.41 -0.90
C VAL C 130 30.59 -29.80 -1.22
N ARG C 131 29.74 -29.88 -0.20
CA ARG C 131 28.39 -30.37 -0.40
C ARG C 131 27.35 -29.32 -0.05
N ALA C 132 26.42 -29.08 -0.98
CA ALA C 132 25.26 -28.30 -0.65
C ALA C 132 24.06 -29.23 -0.53
N ASP C 133 23.64 -29.46 0.72
CA ASP C 133 22.42 -30.18 1.01
C ASP C 133 21.57 -29.16 1.72
N SER C 134 21.89 -28.87 2.97
CA SER C 134 22.10 -27.48 3.37
C SER C 134 21.08 -26.55 2.73
N LEU C 135 21.64 -25.80 1.79
CA LEU C 135 20.94 -24.87 0.91
C LEU C 135 19.69 -25.38 0.19
N THR C 136 19.60 -26.68 -0.08
CA THR C 136 18.55 -27.20 -0.97
C THR C 136 17.13 -26.92 -0.47
N ARG C 137 16.93 -26.95 0.84
CA ARG C 137 15.61 -26.64 1.39
C ARG C 137 15.33 -25.14 1.41
N TYR C 138 16.38 -24.33 1.29
CA TYR C 138 16.19 -22.90 1.11
C TYR C 138 15.61 -22.64 -0.27
N LYS C 139 16.04 -23.45 -1.24
CA LYS C 139 15.57 -23.30 -2.61
C LYS C 139 14.07 -23.53 -2.70
N LYS C 140 13.59 -24.55 -2.01
CA LYS C 140 12.17 -24.86 -2.02
C LYS C 140 11.37 -24.05 -1.01
N LYS C 141 12.03 -23.52 0.02
CA LYS C 141 11.38 -22.54 0.88
C LYS C 141 11.16 -21.29 0.04
N ALA C 142 12.10 -21.04 -0.87
CA ALA C 142 12.07 -19.89 -1.75
C ALA C 142 10.90 -19.93 -2.71
N GLU C 143 10.52 -21.13 -3.13
CA GLU C 143 9.40 -21.29 -4.06
C GLU C 143 8.04 -21.26 -3.36
N GLU C 144 7.99 -21.76 -2.12
CA GLU C 144 6.77 -21.72 -1.32
C GLU C 144 6.38 -20.28 -0.92
N ALA C 145 7.30 -19.33 -1.11
CA ALA C 145 7.08 -17.93 -0.71
C ALA C 145 6.04 -17.24 -1.58
N SER C 146 5.15 -16.45 -0.95
CA SER C 146 4.18 -15.65 -1.70
C SER C 146 4.49 -14.15 -1.88
N ASN C 147 5.55 -13.63 -1.25
CA ASN C 147 5.89 -12.21 -1.42
C ASN C 147 7.40 -11.96 -1.45
N VAL C 148 7.82 -10.89 -2.14
CA VAL C 148 9.23 -10.64 -2.39
C VAL C 148 10.06 -10.43 -1.11
N SER C 149 9.45 -9.87 -0.08
CA SER C 149 10.13 -9.66 1.19
C SER C 149 10.63 -10.98 1.77
N GLU C 150 9.76 -11.99 1.73
CA GLU C 150 10.11 -13.32 2.18
C GLU C 150 11.22 -13.92 1.32
N LEU C 151 11.20 -13.62 0.02
CA LEU C 151 12.29 -14.05 -0.86
C LEU C 151 13.60 -13.46 -0.40
N MET C 152 13.57 -12.19 -0.03
CA MET C 152 14.76 -11.50 0.42
C MET C 152 15.29 -12.13 1.70
N GLY C 153 14.38 -12.46 2.60
CA GLY C 153 14.73 -13.08 3.87
C GLY C 153 15.34 -14.44 3.68
N ILE C 154 14.70 -15.26 2.85
CA ILE C 154 15.19 -16.59 2.52
C ILE C 154 16.55 -16.51 1.83
N GLU C 155 16.69 -15.53 0.95
CA GLU C 155 17.92 -15.36 0.18
C GLU C 155 19.06 -15.02 1.11
N GLY C 156 18.79 -14.16 2.09
CA GLY C 156 19.80 -13.79 3.08
C GLY C 156 20.28 -14.95 3.93
N ASN C 157 19.34 -15.81 4.35
CA ASN C 157 19.64 -16.97 5.20
C ASN C 157 20.26 -18.13 4.44
N ALA C 158 19.77 -18.37 3.23
CA ALA C 158 20.38 -19.33 2.33
C ALA C 158 21.80 -18.87 2.12
N ARG C 159 21.92 -17.57 1.92
CA ARG C 159 23.23 -16.97 1.66
C ARG C 159 24.18 -17.32 2.80
N GLU C 160 23.82 -17.00 4.03
CA GLU C 160 24.80 -17.22 5.12
C GLU C 160 25.06 -18.70 5.48
N GLU C 161 24.11 -19.61 5.22
CA GLU C 161 24.42 -21.04 5.37
C GLU C 161 25.42 -21.46 4.30
N TYR C 162 25.34 -20.81 3.15
CA TYR C 162 26.34 -20.97 2.11
C TYR C 162 27.72 -20.55 2.66
N TYR C 163 27.82 -19.39 3.32
CA TYR C 163 29.12 -18.98 3.89
C TYR C 163 29.67 -19.98 4.92
N SER C 164 28.78 -20.70 5.58
CA SER C 164 29.19 -21.76 6.48
C SER C 164 30.01 -22.76 5.68
N MET C 165 29.35 -23.39 4.71
CA MET C 165 29.99 -24.34 3.82
C MET C 165 31.22 -23.73 3.09
N ILE C 166 31.30 -22.41 3.02
CA ILE C 166 32.49 -21.75 2.50
C ILE C 166 33.60 -21.73 3.55
N ASP C 167 33.23 -21.54 4.83
CA ASP C 167 34.22 -21.50 5.91
C ASP C 167 34.91 -22.85 6.07
N SER C 168 34.20 -23.89 5.66
CA SER C 168 34.68 -25.26 5.74
C SER C 168 35.90 -25.48 4.82
N LEU C 169 36.20 -24.49 3.98
CA LEU C 169 37.45 -24.44 3.25
C LEU C 169 38.52 -23.51 3.80
N VAL C 170 38.25 -22.72 4.83
CA VAL C 170 39.29 -21.78 5.25
C VAL C 170 40.40 -22.45 6.08
N SER C 171 41.63 -21.99 5.85
CA SER C 171 42.83 -22.56 6.48
C SER C 171 42.95 -22.09 7.92
N ASP C 172 43.01 -20.77 8.00
CA ASP C 172 43.59 -19.94 9.04
C ASP C 172 42.64 -19.83 10.24
N GLU C 173 41.96 -20.94 10.53
CA GLU C 173 40.60 -21.09 11.06
C GLU C 173 40.03 -19.88 11.76
N ARG C 174 40.83 -19.14 12.52
CA ARG C 174 40.44 -17.81 12.94
C ARG C 174 40.28 -16.83 11.72
N PHE C 175 40.58 -17.28 10.49
CA PHE C 175 40.39 -16.41 9.33
C PHE C 175 39.06 -16.65 8.59
N ARG C 176 38.19 -17.49 9.16
CA ARG C 176 36.87 -17.81 8.57
C ARG C 176 35.92 -16.61 8.72
N ILE C 177 34.62 -16.84 8.47
CA ILE C 177 33.64 -15.75 8.62
C ILE C 177 32.77 -15.86 9.89
N GLU C 178 31.99 -16.94 9.97
CA GLU C 178 31.19 -17.43 11.14
C GLU C 178 29.94 -16.60 11.44
N LYS C 179 29.93 -15.36 10.95
CA LYS C 179 28.97 -14.30 11.34
C LYS C 179 29.67 -12.94 11.22
N ASN C 187 35.77 -8.57 12.06
CA ASN C 187 36.29 -9.89 11.68
C ASN C 187 37.24 -9.78 10.49
N PHE C 188 38.04 -10.83 10.32
CA PHE C 188 39.07 -10.83 9.29
C PHE C 188 38.47 -10.81 7.91
N ALA C 189 37.69 -11.84 7.58
CA ALA C 189 37.09 -11.93 6.25
C ALA C 189 36.09 -10.84 5.93
N ASN C 190 35.23 -10.52 6.90
CA ASN C 190 34.10 -9.62 6.69
C ASN C 190 34.53 -8.21 6.32
N THR C 191 35.82 -7.95 6.45
CA THR C 191 36.45 -6.78 5.86
C THR C 191 36.63 -7.02 4.35
N LEU C 192 37.19 -8.19 4.03
CA LEU C 192 37.45 -8.57 2.64
C LEU C 192 36.14 -8.78 1.86
N ILE C 193 35.24 -9.58 2.42
CA ILE C 193 33.97 -9.86 1.75
C ILE C 193 33.17 -8.58 1.53
N SER C 194 33.13 -7.72 2.54
CA SER C 194 32.40 -6.47 2.41
C SER C 194 33.05 -5.54 1.39
N PHE C 195 34.37 -5.50 1.37
CA PHE C 195 35.10 -4.66 0.42
C PHE C 195 34.93 -5.15 -1.02
N GLY C 196 35.01 -6.47 -1.19
CA GLY C 196 34.80 -7.07 -2.50
C GLY C 196 33.37 -6.86 -2.99
N ASN C 197 32.41 -7.06 -2.09
CA ASN C 197 31.01 -6.83 -2.42
C ASN C 197 30.79 -5.40 -2.87
N SER C 198 31.46 -4.47 -2.20
CA SER C 198 31.38 -3.05 -2.55
C SER C 198 31.87 -2.82 -3.98
N LEU C 199 33.03 -3.39 -4.29
CA LEU C 199 33.60 -3.28 -5.63
C LEU C 199 32.64 -3.84 -6.66
N LEU C 200 31.99 -4.95 -6.30
CA LEU C 200 31.03 -5.58 -7.21
C LEU C 200 29.78 -4.71 -7.38
N TYR C 201 29.30 -4.12 -6.29
CA TYR C 201 28.12 -3.26 -6.36
C TYR C 201 28.36 -2.08 -7.30
N THR C 202 29.55 -1.50 -7.21
CA THR C 202 29.90 -0.33 -8.02
C THR C 202 30.13 -0.73 -9.47
N THR C 203 30.71 -1.90 -9.68
CA THR C 203 30.96 -2.38 -11.04
C THR C 203 29.64 -2.58 -11.77
N VAL C 204 28.72 -3.31 -11.14
CA VAL C 204 27.41 -3.56 -11.73
C VAL C 204 26.69 -2.24 -11.97
N LEU C 205 26.84 -1.29 -11.05
CA LEU C 205 26.24 0.04 -11.22
C LEU C 205 26.75 0.70 -12.49
N SER C 206 28.06 0.66 -12.67
CA SER C 206 28.70 1.24 -13.85
C SER C 206 28.24 0.57 -15.14
N LEU C 207 27.93 -0.72 -15.08
CA LEU C 207 27.49 -1.45 -16.26
C LEU C 207 26.03 -1.13 -16.59
N ILE C 208 25.22 -0.92 -15.56
CA ILE C 208 23.84 -0.52 -15.74
C ILE C 208 23.77 0.84 -16.44
N TYR C 209 24.73 1.72 -16.13
CA TYR C 209 24.82 3.02 -16.78
C TYR C 209 25.04 2.87 -18.27
N GLN C 210 25.57 1.74 -18.68
CA GLN C 210 25.80 1.42 -20.08
C GLN C 210 24.64 0.66 -20.71
N THR C 211 23.53 0.55 -19.98
CA THR C 211 22.30 0.00 -20.54
C THR C 211 21.17 1.03 -20.45
N HIS C 212 20.00 0.68 -20.97
CA HIS C 212 18.85 1.57 -20.92
C HIS C 212 18.15 1.43 -19.58
N LEU C 213 18.67 0.56 -18.73
CA LEU C 213 18.05 0.30 -17.44
C LEU C 213 18.35 1.38 -16.42
N ASP C 214 17.38 1.68 -15.57
CA ASP C 214 17.59 2.63 -14.50
C ASP C 214 17.96 1.86 -13.24
N PRO C 215 19.10 2.21 -12.65
CA PRO C 215 19.58 1.51 -11.45
C PRO C 215 18.69 1.68 -10.22
N ARG C 216 17.81 2.67 -10.23
CA ARG C 216 16.97 2.95 -9.06
C ARG C 216 15.83 1.96 -8.88
N ILE C 217 15.49 1.22 -9.94
CA ILE C 217 14.42 0.24 -9.86
C ILE C 217 14.98 -1.18 -9.79
N GLY C 218 14.88 -1.79 -8.62
CA GLY C 218 15.23 -3.20 -8.45
C GLY C 218 13.99 -4.04 -8.28
N TYR C 219 14.14 -5.35 -8.17
CA TYR C 219 13.01 -6.26 -8.09
C TYR C 219 13.04 -7.08 -6.80
N LEU C 220 14.10 -7.86 -6.60
CA LEU C 220 14.30 -8.55 -5.35
C LEU C 220 14.45 -7.53 -4.22
N HIS C 221 15.42 -6.64 -4.35
CA HIS C 221 15.52 -5.54 -3.41
C HIS C 221 14.41 -4.55 -3.71
N GLU C 222 13.74 -4.08 -2.65
CA GLU C 222 12.65 -3.13 -2.77
C GLU C 222 13.08 -1.89 -3.54
N THR C 223 12.20 -1.37 -4.39
CA THR C 223 12.46 -0.05 -4.92
C THR C 223 11.77 0.91 -3.97
N ASN C 224 12.61 1.52 -3.14
CA ASN C 224 12.29 2.67 -2.35
C ASN C 224 13.23 3.66 -2.99
N PHE C 225 12.97 4.96 -2.96
CA PHE C 225 14.03 5.71 -3.58
C PHE C 225 14.82 6.30 -2.44
N ARG C 226 15.62 5.41 -1.86
CA ARG C 226 16.62 5.71 -0.87
C ARG C 226 18.02 5.30 -1.34
N ARG C 227 18.07 4.70 -2.53
CA ARG C 227 19.27 3.99 -2.99
C ARG C 227 19.10 3.39 -4.38
N PHE C 228 20.21 2.98 -4.96
CA PHE C 228 20.18 2.10 -6.11
C PHE C 228 19.83 0.69 -5.65
N SER C 229 19.00 0.01 -6.43
CA SER C 229 18.51 -1.32 -6.10
C SER C 229 19.00 -2.33 -7.10
N LEU C 230 18.68 -2.09 -8.37
CA LEU C 230 18.95 -3.03 -9.45
C LEU C 230 20.36 -3.61 -9.43
N ASN C 231 21.34 -2.78 -9.07
CA ASN C 231 22.72 -3.28 -9.04
C ASN C 231 22.92 -4.25 -7.89
N LEU C 232 22.22 -4.02 -6.79
CA LEU C 232 22.23 -4.95 -5.67
C LEU C 232 21.58 -6.28 -6.03
N ASP C 233 20.52 -6.23 -6.83
CA ASP C 233 19.86 -7.44 -7.32
C ASP C 233 20.80 -8.27 -8.19
N ILE C 234 21.37 -7.63 -9.20
CA ILE C 234 22.21 -8.31 -10.18
C ILE C 234 23.51 -8.83 -9.53
N ALA C 235 23.97 -8.11 -8.51
CA ALA C 235 25.20 -8.50 -7.83
C ALA C 235 25.07 -9.83 -7.08
N GLU C 236 23.85 -10.17 -6.67
CA GLU C 236 23.61 -11.41 -5.94
C GLU C 236 24.07 -12.65 -6.71
N LEU C 237 23.90 -12.60 -8.02
CA LEU C 237 24.27 -13.70 -8.91
C LEU C 237 25.79 -13.92 -8.97
N PHE C 238 26.53 -12.82 -8.99
CA PHE C 238 27.96 -12.87 -9.28
C PHE C 238 28.86 -12.84 -8.06
N LYS C 239 28.26 -12.78 -6.87
CA LYS C 239 29.03 -12.77 -5.62
C LYS C 239 29.93 -14.01 -5.45
N PRO C 240 29.41 -15.22 -5.72
CA PRO C 240 30.34 -16.36 -5.61
C PRO C 240 31.50 -16.32 -6.61
N ALA C 241 31.19 -16.07 -7.88
CA ALA C 241 32.18 -16.16 -8.95
C ALA C 241 33.26 -15.09 -8.84
N VAL C 242 32.87 -13.91 -8.38
CA VAL C 242 33.77 -12.77 -8.33
C VAL C 242 34.38 -12.61 -6.94
N VAL C 243 33.53 -12.33 -5.97
CA VAL C 243 33.97 -12.04 -4.61
C VAL C 243 34.47 -13.27 -3.85
N ASP C 244 33.66 -14.34 -3.83
CA ASP C 244 33.95 -15.48 -3.00
C ASP C 244 35.15 -16.28 -3.48
N ARG C 245 35.26 -16.46 -4.79
CA ARG C 245 36.39 -17.19 -5.36
C ARG C 245 37.65 -16.38 -5.14
N LEU C 246 37.48 -15.05 -5.16
CA LEU C 246 38.58 -14.15 -4.85
C LEU C 246 38.99 -14.29 -3.39
N PHE C 247 38.00 -14.35 -2.51
CA PHE C 247 38.25 -14.51 -1.08
C PHE C 247 39.01 -15.79 -0.79
N LEU C 248 38.50 -16.90 -1.29
CA LEU C 248 39.13 -18.20 -1.05
C LEU C 248 40.55 -18.24 -1.59
N ASN C 249 40.75 -17.75 -2.81
CA ASN C 249 42.06 -17.74 -3.44
C ASN C 249 43.10 -17.04 -2.56
N LEU C 250 42.82 -15.81 -2.17
CA LEU C 250 43.81 -14.99 -1.46
C LEU C 250 44.11 -15.44 -0.03
N VAL C 251 43.09 -15.88 0.69
CA VAL C 251 43.30 -16.29 2.09
C VAL C 251 43.97 -17.66 2.14
N ASN C 252 43.70 -18.51 1.16
CA ASN C 252 44.28 -19.85 1.13
C ASN C 252 45.69 -19.85 0.55
N THR C 253 46.00 -18.80 -0.19
CA THR C 253 47.35 -18.66 -0.76
C THR C 253 48.20 -17.76 0.13
N ARG C 254 47.57 -17.25 1.19
CA ARG C 254 48.25 -16.43 2.20
C ARG C 254 48.84 -15.13 1.65
N GLN C 255 48.26 -14.62 0.56
CA GLN C 255 48.67 -13.30 0.07
C GLN C 255 48.13 -12.20 0.99
N ILE C 256 46.98 -12.47 1.59
CA ILE C 256 46.42 -11.61 2.61
C ILE C 256 46.57 -12.25 3.98
N ASN C 257 47.31 -11.59 4.86
CA ASN C 257 47.41 -12.00 6.26
C ASN C 257 47.03 -10.81 7.16
N GLU C 258 47.18 -10.96 8.47
CA GLU C 258 46.71 -9.93 9.39
C GLU C 258 47.52 -8.63 9.32
N LYS C 259 48.60 -8.65 8.54
CA LYS C 259 49.30 -7.41 8.20
C LYS C 259 48.41 -6.51 7.34
N HIS C 260 47.34 -7.09 6.80
CA HIS C 260 46.45 -6.40 5.87
C HIS C 260 45.19 -5.79 6.51
N PHE C 261 45.09 -5.84 7.83
CA PHE C 261 43.92 -5.25 8.50
C PHE C 261 44.30 -4.29 9.63
N ASP C 262 43.43 -3.31 9.89
CA ASP C 262 43.62 -2.37 10.99
C ASP C 262 42.43 -2.40 11.95
N MET C 269 39.24 -2.49 9.41
CA MET C 269 39.67 -1.76 8.23
C MET C 269 40.64 -2.61 7.40
N LEU C 270 40.63 -2.40 6.08
CA LEU C 270 41.59 -2.99 5.17
C LEU C 270 42.64 -1.93 4.82
N ASN C 271 43.90 -2.33 4.68
CA ASN C 271 44.98 -1.38 4.41
C ASN C 271 45.03 -0.94 2.95
N ASP C 272 45.62 0.24 2.72
CA ASP C 272 45.98 0.71 1.39
C ASP C 272 46.71 -0.38 0.61
N GLU C 273 47.73 -0.97 1.24
CA GLU C 273 48.48 -2.09 0.69
C GLU C 273 47.58 -3.23 0.24
N GLY C 274 46.83 -3.78 1.19
CA GLY C 274 45.87 -4.83 0.88
C GLY C 274 44.84 -4.45 -0.16
N LYS C 275 44.38 -3.20 -0.12
CA LYS C 275 43.42 -2.71 -1.11
C LYS C 275 43.96 -2.81 -2.51
N SER C 276 45.23 -2.42 -2.68
CA SER C 276 45.87 -2.48 -3.99
C SER C 276 45.91 -3.92 -4.48
N LEU C 277 46.33 -4.83 -3.60
CA LEU C 277 46.39 -6.24 -3.93
C LEU C 277 44.99 -6.76 -4.25
N PHE C 278 44.04 -6.47 -3.38
CA PHE C 278 42.66 -6.89 -3.55
C PHE C 278 42.08 -6.35 -4.85
N VAL C 279 42.40 -5.11 -5.17
CA VAL C 279 41.74 -4.42 -6.27
C VAL C 279 42.00 -5.06 -7.63
N LYS C 280 43.25 -5.37 -7.95
CA LYS C 280 43.52 -5.95 -9.26
C LYS C 280 43.52 -7.48 -9.27
N ASN C 281 43.49 -8.08 -8.09
CA ASN C 281 43.05 -9.47 -7.98
C ASN C 281 41.60 -9.52 -8.44
N TYR C 282 40.85 -8.54 -7.96
CA TYR C 282 39.47 -8.34 -8.36
C TYR C 282 39.38 -7.97 -9.83
N GLU C 283 40.28 -7.10 -10.29
CA GLU C 283 40.08 -6.43 -11.59
C GLU C 283 40.07 -7.36 -12.80
N GLN C 284 41.02 -8.28 -12.90
CA GLN C 284 40.89 -9.35 -13.91
C GLN C 284 40.35 -10.67 -13.39
N ALA C 285 39.93 -10.74 -12.13
CA ALA C 285 38.93 -11.76 -11.81
C ALA C 285 37.76 -11.44 -12.72
N LEU C 286 37.49 -10.14 -12.85
CA LEU C 286 36.49 -9.61 -13.76
C LEU C 286 36.89 -9.68 -15.24
N ARG C 287 38.07 -9.17 -15.56
CA ARG C 287 38.44 -8.87 -16.94
C ARG C 287 38.95 -10.10 -17.69
N GLU C 288 38.94 -11.25 -17.04
CA GLU C 288 39.54 -12.43 -17.66
C GLU C 288 38.48 -13.39 -18.22
N THR C 289 38.81 -14.00 -19.35
CA THR C 289 37.85 -14.52 -20.32
C THR C 289 37.82 -16.04 -20.50
N VAL C 290 36.66 -16.66 -20.38
CA VAL C 290 36.51 -18.05 -20.81
C VAL C 290 35.22 -18.27 -21.61
N TYR C 298 32.95 -17.63 -25.93
CA TYR C 298 33.77 -17.40 -24.74
C TYR C 298 33.66 -15.94 -24.29
N VAL C 299 33.55 -15.72 -22.99
CA VAL C 299 33.15 -14.41 -22.48
C VAL C 299 33.75 -14.07 -21.11
N SER C 300 34.13 -12.80 -20.92
CA SER C 300 34.63 -12.32 -19.62
C SER C 300 33.49 -12.04 -18.62
N MET C 301 33.84 -12.05 -17.34
CA MET C 301 32.88 -11.83 -16.26
C MET C 301 32.09 -10.51 -16.37
N ARG C 302 32.78 -9.43 -16.74
CA ARG C 302 32.11 -8.14 -16.85
C ARG C 302 31.08 -8.20 -17.97
N SER C 303 31.40 -8.93 -19.02
CA SER C 303 30.48 -9.09 -20.13
C SER C 303 29.33 -10.03 -19.75
N LEU C 304 29.60 -11.01 -18.89
CA LEU C 304 28.53 -11.85 -18.35
C LEU C 304 27.50 -10.99 -17.64
N ILE C 305 27.99 -10.10 -16.78
CA ILE C 305 27.10 -9.21 -16.04
C ILE C 305 26.29 -8.34 -17.00
N LYS C 306 26.96 -7.82 -18.02
CA LYS C 306 26.27 -7.01 -19.01
C LYS C 306 25.25 -7.84 -19.78
N MET C 307 25.60 -9.07 -20.10
CA MET C 307 24.69 -9.97 -20.81
C MET C 307 23.43 -10.19 -20.00
N GLU C 308 23.58 -10.32 -18.68
CA GLU C 308 22.41 -10.56 -17.83
C GLU C 308 21.54 -9.30 -17.74
N LEU C 309 22.18 -8.13 -17.75
CA LEU C 309 21.42 -6.90 -17.82
C LEU C 309 20.61 -6.87 -19.11
N HIS C 310 21.25 -7.20 -20.22
CA HIS C 310 20.57 -7.24 -21.51
C HIS C 310 19.44 -8.26 -21.48
N LYS C 311 19.69 -9.37 -20.79
CA LYS C 311 18.70 -10.43 -20.63
C LYS C 311 17.46 -9.92 -19.89
N LEU C 312 17.69 -9.16 -18.82
CA LEU C 312 16.58 -8.51 -18.12
C LEU C 312 15.79 -7.61 -19.08
N GLU C 313 16.50 -6.85 -19.91
CA GLU C 313 15.87 -5.93 -20.85
C GLU C 313 14.99 -6.66 -21.85
N LYS C 314 15.52 -7.74 -22.41
CA LYS C 314 14.77 -8.55 -23.35
C LYS C 314 13.51 -9.08 -22.69
N HIS C 315 13.64 -9.53 -21.45
CA HIS C 315 12.51 -9.98 -20.65
C HIS C 315 11.47 -8.86 -20.43
N LEU C 316 11.93 -7.67 -20.08
CA LEU C 316 11.04 -6.56 -19.82
C LEU C 316 10.20 -6.19 -21.04
N ILE C 317 10.78 -6.33 -22.23
CA ILE C 317 10.04 -6.00 -23.44
C ILE C 317 9.38 -7.21 -24.11
N GLY C 318 9.54 -8.39 -23.51
CA GLY C 318 8.75 -9.54 -23.94
C GLY C 318 9.44 -10.64 -24.71
N GLU C 319 10.70 -10.43 -25.08
CA GLU C 319 11.53 -11.51 -25.60
C GLU C 319 12.01 -12.39 -24.45
N GLN C 320 12.38 -13.64 -24.76
CA GLN C 320 13.18 -14.48 -23.87
C GLN C 320 12.73 -14.43 -22.41
N VAL C 321 11.43 -14.61 -22.20
CA VAL C 321 10.82 -14.47 -20.88
C VAL C 321 11.39 -15.49 -19.89
N PHE C 322 11.37 -15.15 -18.61
CA PHE C 322 11.75 -16.08 -17.57
C PHE C 322 10.63 -17.09 -17.37
N GLY C 323 10.98 -18.35 -17.19
CA GLY C 323 10.00 -19.40 -16.97
C GLY C 323 9.18 -19.68 -18.21
N SER C 324 7.90 -20.02 -18.01
CA SER C 324 7.02 -20.38 -19.11
C SER C 324 5.87 -19.38 -19.30
N GLU C 325 5.34 -19.33 -20.52
CA GLU C 325 4.18 -18.50 -20.83
C GLU C 325 2.90 -19.09 -20.24
N GLU C 326 2.20 -18.32 -19.42
CA GLU C 326 0.91 -18.73 -18.88
C GLU C 326 -0.24 -18.10 -19.67
N GLU D 9 -29.82 -1.89 52.70
CA GLU D 9 -28.95 -2.61 51.78
C GLU D 9 -28.03 -3.59 52.51
N SER D 10 -27.97 -3.47 53.83
CA SER D 10 -27.10 -4.35 54.62
C SER D 10 -27.91 -5.08 55.70
N VAL D 11 -27.87 -6.40 55.66
CA VAL D 11 -28.68 -7.23 56.56
C VAL D 11 -27.86 -7.77 57.73
N TYR D 12 -28.37 -7.58 58.94
CA TYR D 12 -27.71 -8.05 60.15
C TYR D 12 -28.48 -9.18 60.83
N LEU D 13 -27.80 -10.29 61.07
CA LEU D 13 -28.41 -11.40 61.77
C LEU D 13 -27.74 -11.63 63.13
N PHE D 14 -28.43 -11.25 64.19
CA PHE D 14 -27.96 -11.53 65.54
C PHE D 14 -28.59 -12.81 66.10
N SER D 15 -29.59 -13.32 65.39
CA SER D 15 -30.33 -14.48 65.87
C SER D 15 -29.77 -15.78 65.27
N SER D 16 -29.66 -16.80 66.12
CA SER D 16 -29.13 -18.08 65.69
C SER D 16 -30.19 -18.92 64.95
N GLY D 17 -29.74 -19.77 64.04
CA GLY D 17 -30.65 -20.60 63.27
C GLY D 17 -30.12 -21.13 61.95
N THR D 18 -31.03 -21.50 61.05
CA THR D 18 -30.64 -22.06 59.77
C THR D 18 -30.97 -21.12 58.61
N LEU D 19 -29.96 -20.81 57.79
CA LEU D 19 -30.16 -19.99 56.60
C LEU D 19 -30.54 -20.87 55.42
N LYS D 20 -31.60 -20.48 54.72
CA LYS D 20 -32.09 -21.25 53.58
C LYS D 20 -32.69 -20.36 52.51
N ARG D 21 -32.63 -20.80 51.25
CA ARG D 21 -33.29 -20.08 50.17
C ARG D 21 -34.71 -20.58 50.01
N LYS D 22 -35.66 -19.68 50.22
CA LYS D 22 -37.06 -19.98 49.92
C LYS D 22 -37.49 -19.06 48.78
N ALA D 23 -37.69 -19.65 47.61
CA ALA D 23 -37.97 -18.89 46.39
C ALA D 23 -36.92 -17.80 46.18
N ASN D 24 -37.40 -16.56 46.03
CA ASN D 24 -36.52 -15.44 45.74
C ASN D 24 -36.09 -14.68 47.01
N THR D 25 -36.51 -15.17 48.17
CA THR D 25 -36.11 -14.52 49.42
C THR D 25 -35.20 -15.42 50.25
N ILE D 26 -34.27 -14.82 51.01
CA ILE D 26 -33.51 -15.59 52.01
C ILE D 26 -34.29 -15.72 53.33
N CYS D 27 -34.07 -16.82 54.04
CA CYS D 27 -34.72 -16.97 55.32
C CYS D 27 -33.90 -17.76 56.40
N LEU D 28 -33.88 -17.14 57.57
CA LEU D 28 -33.14 -17.61 58.74
C LEU D 28 -34.10 -18.24 59.75
N GLU D 29 -34.05 -19.56 59.91
CA GLU D 29 -35.00 -20.20 60.82
C GLU D 29 -34.52 -20.23 62.28
N THR D 30 -35.18 -19.48 63.16
CA THR D 30 -34.81 -19.51 64.58
C THR D 30 -35.79 -20.36 65.40
N GLU D 31 -35.52 -20.48 66.70
CA GLU D 31 -36.41 -21.25 67.57
C GLU D 31 -37.79 -20.59 67.64
N SER D 32 -37.79 -19.26 67.72
CA SER D 32 -39.02 -18.50 67.93
C SER D 32 -39.83 -18.40 66.64
N GLY D 33 -39.20 -18.76 65.53
CA GLY D 33 -39.86 -18.74 64.23
C GLY D 33 -39.00 -18.34 63.05
N ARG D 34 -39.67 -17.95 61.97
CA ARG D 34 -39.02 -17.65 60.69
C ARG D 34 -38.95 -16.16 60.43
N LYS D 35 -37.85 -15.72 59.85
CA LYS D 35 -37.67 -14.35 59.41
C LYS D 35 -37.45 -14.39 57.93
N TYR D 36 -38.03 -13.46 57.20
CA TYR D 36 -37.88 -13.45 55.78
C TYR D 36 -37.25 -12.15 55.42
N ILE D 37 -36.11 -12.19 54.76
CA ILE D 37 -35.51 -10.96 54.29
C ILE D 37 -35.36 -11.02 52.81
N PRO D 38 -36.04 -10.11 52.17
CA PRO D 38 -35.90 -9.95 50.71
C PRO D 38 -34.46 -9.61 50.31
N VAL D 39 -33.99 -10.18 49.21
CA VAL D 39 -32.64 -9.95 48.72
C VAL D 39 -32.55 -8.71 47.86
N GLU D 40 -33.71 -8.11 47.60
CA GLU D 40 -33.86 -7.08 46.58
C GLU D 40 -32.83 -5.95 46.65
N ASN D 41 -32.85 -5.17 47.72
CA ASN D 41 -31.92 -4.06 47.84
C ASN D 41 -30.65 -4.40 48.63
N VAL D 42 -30.55 -5.65 49.07
CA VAL D 42 -29.45 -6.08 49.93
C VAL D 42 -28.11 -6.14 49.21
N MET D 43 -27.13 -5.39 49.70
CA MET D 43 -25.75 -5.51 49.19
C MET D 43 -24.96 -6.62 49.88
N ASP D 44 -25.16 -6.82 51.19
CA ASP D 44 -24.42 -7.85 51.92
C ASP D 44 -25.12 -8.34 53.20
N ILE D 45 -24.64 -9.46 53.72
CA ILE D 45 -25.12 -9.98 55.00
C ILE D 45 -23.99 -10.07 56.02
N LYS D 46 -24.22 -9.56 57.22
CA LYS D 46 -23.27 -9.71 58.31
C LYS D 46 -23.87 -10.62 59.38
N VAL D 47 -23.21 -11.74 59.66
CA VAL D 47 -23.74 -12.72 60.61
C VAL D 47 -23.02 -12.71 61.94
N PHE D 48 -23.70 -12.22 62.98
CA PHE D 48 -23.17 -12.29 64.34
C PHE D 48 -23.69 -13.47 65.15
N GLY D 49 -24.69 -14.17 64.62
CA GLY D 49 -25.32 -15.26 65.34
C GLY D 49 -24.75 -16.61 64.99
N GLU D 50 -25.31 -17.67 65.59
CA GLU D 50 -24.87 -19.01 65.28
C GLU D 50 -25.75 -19.62 64.20
N VAL D 51 -25.19 -19.80 63.01
CA VAL D 51 -26.02 -20.19 61.88
C VAL D 51 -25.55 -21.46 61.18
N ASP D 52 -26.51 -22.21 60.65
CA ASP D 52 -26.24 -23.32 59.74
C ASP D 52 -26.66 -22.92 58.33
N LEU D 53 -25.91 -23.39 57.33
CA LEU D 53 -26.25 -23.11 55.94
C LEU D 53 -25.68 -24.20 55.05
N ASN D 54 -26.19 -24.31 53.83
CA ASN D 54 -25.63 -25.25 52.88
C ASN D 54 -25.09 -24.55 51.64
N LYS D 55 -24.47 -25.32 50.74
CA LYS D 55 -23.83 -24.74 49.57
C LYS D 55 -24.89 -24.18 48.63
N ARG D 56 -26.04 -24.83 48.58
CA ARG D 56 -27.17 -24.35 47.79
C ARG D 56 -27.52 -22.91 48.14
N PHE D 57 -27.39 -22.58 49.41
CA PHE D 57 -27.66 -21.24 49.90
C PHE D 57 -26.57 -20.26 49.44
N LEU D 58 -25.32 -20.73 49.44
CA LEU D 58 -24.20 -19.94 48.95
C LEU D 58 -24.35 -19.68 47.46
N GLU D 59 -24.86 -20.67 46.73
CA GLU D 59 -25.14 -20.51 45.31
C GLU D 59 -26.15 -19.38 45.10
N PHE D 60 -27.16 -19.33 45.97
CA PHE D 60 -28.19 -18.31 45.90
C PHE D 60 -27.63 -16.92 46.15
N LEU D 61 -26.80 -16.78 47.18
CA LEU D 61 -26.17 -15.50 47.48
C LEU D 61 -25.28 -15.07 46.32
N SER D 62 -24.60 -16.03 45.72
CA SER D 62 -23.70 -15.76 44.61
C SER D 62 -24.46 -15.27 43.39
N GLN D 63 -25.61 -15.89 43.11
CA GLN D 63 -26.44 -15.47 41.99
C GLN D 63 -27.00 -14.07 42.21
N LYS D 64 -27.32 -13.75 43.46
CA LYS D 64 -27.89 -12.46 43.80
C LYS D 64 -26.79 -11.46 44.13
N ARG D 65 -25.54 -11.91 44.02
CA ARG D 65 -24.35 -11.07 44.19
C ARG D 65 -24.28 -10.45 45.59
N ILE D 66 -24.58 -11.27 46.59
CA ILE D 66 -24.54 -10.84 47.99
C ILE D 66 -23.46 -11.55 48.77
N PRO D 67 -22.39 -10.83 49.11
CA PRO D 67 -21.37 -11.41 49.99
C PRO D 67 -21.92 -11.57 51.40
N ILE D 68 -21.36 -12.50 52.17
CA ILE D 68 -21.80 -12.66 53.54
C ILE D 68 -20.60 -12.69 54.46
N HIS D 69 -20.67 -11.91 55.52
CA HIS D 69 -19.55 -11.72 56.42
C HIS D 69 -19.84 -12.37 57.76
N PHE D 70 -18.81 -12.98 58.36
CA PHE D 70 -19.01 -13.78 59.57
C PHE D 70 -18.21 -13.26 60.76
N PHE D 71 -18.90 -13.12 61.89
CA PHE D 71 -18.28 -12.67 63.13
C PHE D 71 -18.48 -13.71 64.21
N ASN D 72 -17.50 -13.90 65.08
CA ASN D 72 -17.64 -14.91 66.12
C ASN D 72 -18.40 -14.40 67.34
N ARG D 73 -18.47 -15.25 68.36
CA ARG D 73 -19.08 -14.91 69.64
C ARG D 73 -18.57 -13.56 70.15
N GLU D 74 -17.26 -13.49 70.38
CA GLU D 74 -16.63 -12.28 70.92
C GLU D 74 -16.81 -11.05 70.03
N GLY D 75 -17.27 -11.26 68.80
CA GLY D 75 -17.60 -10.14 67.92
C GLY D 75 -16.51 -9.81 66.90
N TYR D 76 -15.43 -10.56 66.95
CA TYR D 76 -14.33 -10.38 66.01
C TYR D 76 -14.65 -11.07 64.67
N TYR D 77 -14.22 -10.45 63.57
CA TYR D 77 -14.53 -10.91 62.21
C TYR D 77 -13.63 -12.08 61.79
N VAL D 78 -14.24 -13.24 61.56
CA VAL D 78 -13.50 -14.44 61.18
C VAL D 78 -13.21 -14.52 59.69
N GLY D 79 -14.12 -14.01 58.86
CA GLY D 79 -13.94 -14.11 57.43
C GLY D 79 -15.18 -13.79 56.62
N THR D 80 -15.04 -13.89 55.31
CA THR D 80 -16.08 -13.50 54.38
C THR D 80 -16.28 -14.56 53.30
N PHE D 81 -17.53 -14.80 52.94
CA PHE D 81 -17.79 -15.57 51.74
C PHE D 81 -17.91 -14.59 50.60
N TYR D 82 -16.91 -14.60 49.74
CA TYR D 82 -16.82 -13.65 48.64
C TYR D 82 -17.28 -14.37 47.38
N PRO D 83 -18.43 -13.97 46.85
CA PRO D 83 -18.99 -14.63 45.67
C PRO D 83 -18.11 -14.41 44.44
N ARG D 84 -18.28 -15.25 43.42
CA ARG D 84 -17.62 -15.05 42.14
C ARG D 84 -17.89 -13.64 41.64
N GLU D 85 -16.85 -12.94 41.22
CA GLU D 85 -17.00 -11.58 40.72
C GLU D 85 -17.87 -11.53 39.47
N TYR D 86 -18.90 -10.68 39.49
CA TYR D 86 -19.73 -10.49 38.30
C TYR D 86 -19.23 -9.33 37.46
N LEU D 87 -18.32 -8.53 38.02
CA LEU D 87 -17.74 -7.44 37.26
C LEU D 87 -16.30 -7.75 36.88
N ASN D 88 -16.10 -8.07 35.61
CA ASN D 88 -14.80 -8.53 35.15
C ASN D 88 -14.33 -7.76 33.95
N SER D 89 -13.18 -7.13 34.12
CA SER D 89 -12.54 -6.38 33.06
C SER D 89 -11.07 -6.73 33.01
N GLY D 90 -10.65 -7.34 31.91
CA GLY D 90 -9.25 -7.66 31.73
C GLY D 90 -8.35 -6.46 31.93
N PHE D 91 -8.65 -5.37 31.24
CA PHE D 91 -7.77 -4.21 31.25
C PHE D 91 -7.59 -3.62 32.66
N LEU D 92 -8.67 -3.48 33.42
CA LEU D 92 -8.57 -2.91 34.75
C LEU D 92 -7.77 -3.80 35.73
N ILE D 93 -8.09 -5.09 35.77
CA ILE D 93 -7.33 -6.04 36.57
C ILE D 93 -5.84 -5.96 36.23
N LEU D 94 -5.53 -5.92 34.94
CA LEU D 94 -4.14 -5.84 34.49
C LEU D 94 -3.45 -4.59 35.04
N LYS D 95 -4.15 -3.46 34.98
CA LYS D 95 -3.62 -2.20 35.50
C LYS D 95 -3.48 -2.20 37.00
N GLN D 96 -4.42 -2.84 37.70
CA GLN D 96 -4.35 -2.93 39.16
C GLN D 96 -3.08 -3.65 39.55
N ALA D 97 -2.81 -4.77 38.89
CA ALA D 97 -1.61 -5.54 39.13
C ALA D 97 -0.36 -4.81 38.65
N GLU D 98 -0.44 -4.21 37.47
CA GLU D 98 0.69 -3.51 36.87
C GLU D 98 1.12 -2.33 37.76
N HIS D 99 0.14 -1.66 38.36
CA HIS D 99 0.42 -0.55 39.26
C HIS D 99 0.98 -1.01 40.60
N TYR D 100 0.83 -2.29 40.91
CA TYR D 100 1.51 -2.83 42.09
C TYR D 100 2.96 -3.23 41.84
N ILE D 101 3.22 -3.93 40.74
CA ILE D 101 4.53 -4.52 40.50
C ILE D 101 5.53 -3.47 40.03
N ASN D 102 5.02 -2.31 39.62
CA ASN D 102 5.85 -1.16 39.34
C ASN D 102 5.91 -0.29 40.59
N GLN D 103 7.08 -0.19 41.19
CA GLN D 103 7.23 0.47 42.50
C GLN D 103 6.82 1.94 42.49
N GLU D 104 7.18 2.67 41.44
CA GLU D 104 6.86 4.08 41.33
C GLU D 104 5.36 4.29 41.27
N LYS D 105 4.69 3.44 40.51
CA LYS D 105 3.24 3.51 40.42
C LYS D 105 2.64 3.14 41.76
N ARG D 106 3.22 2.14 42.41
CA ARG D 106 2.70 1.68 43.69
C ARG D 106 2.88 2.73 44.77
N MET D 107 4.06 3.36 44.80
CA MET D 107 4.33 4.44 45.75
C MET D 107 3.34 5.58 45.61
N LEU D 108 3.00 5.90 44.37
CA LEU D 108 2.09 6.99 44.09
C LEU D 108 0.75 6.76 44.78
N ILE D 109 0.18 5.58 44.54
CA ILE D 109 -1.12 5.23 45.10
C ILE D 109 -1.04 5.18 46.63
N ALA D 110 0.05 4.61 47.14
CA ALA D 110 0.27 4.54 48.58
C ALA D 110 0.35 5.93 49.21
N ARG D 111 1.05 6.85 48.54
CA ARG D 111 1.14 8.22 49.01
C ARG D 111 -0.23 8.88 49.03
N GLU D 112 -1.02 8.60 48.01
CA GLU D 112 -2.39 9.11 47.95
C GLU D 112 -3.20 8.63 49.15
N ILE D 113 -3.23 7.32 49.37
CA ILE D 113 -3.92 6.73 50.52
C ILE D 113 -3.50 7.38 51.83
N VAL D 114 -2.19 7.45 52.06
CA VAL D 114 -1.65 8.02 53.27
C VAL D 114 -1.97 9.51 53.40
N SER D 115 -1.81 10.25 52.30
CA SER D 115 -2.08 11.69 52.28
C SER D 115 -3.52 12.01 52.66
N ARG D 116 -4.46 11.25 52.10
CA ARG D 116 -5.87 11.47 52.37
C ARG D 116 -6.26 10.97 53.77
N SER D 117 -5.57 9.93 54.25
CA SER D 117 -5.77 9.46 55.62
C SER D 117 -5.42 10.57 56.59
N PHE D 118 -4.35 11.29 56.29
CA PHE D 118 -3.88 12.36 57.14
C PHE D 118 -4.85 13.53 57.10
N GLN D 119 -5.31 13.88 55.91
CA GLN D 119 -6.25 14.98 55.76
C GLN D 119 -7.54 14.68 56.51
N ASN D 120 -7.95 13.42 56.49
CA ASN D 120 -9.18 13.02 57.15
C ASN D 120 -9.06 13.05 58.68
N MET D 121 -7.90 12.63 59.20
CA MET D 121 -7.65 12.70 60.63
C MET D 121 -7.68 14.16 61.08
N VAL D 122 -7.00 15.01 60.31
CA VAL D 122 -6.87 16.42 60.62
C VAL D 122 -8.23 17.14 60.60
N ASP D 123 -9.02 16.87 59.57
CA ASP D 123 -10.35 17.49 59.47
C ASP D 123 -11.25 17.04 60.60
N PHE D 124 -11.09 15.77 61.01
CA PHE D 124 -11.84 15.22 62.12
C PHE D 124 -11.57 16.02 63.39
N LEU D 125 -10.29 16.32 63.62
CA LEU D 125 -9.89 17.05 64.81
C LEU D 125 -10.34 18.51 64.74
N LYS D 126 -10.25 19.10 63.54
CA LYS D 126 -10.54 20.52 63.37
C LYS D 126 -12.01 20.89 63.55
N LYS D 127 -12.93 20.04 63.06
CA LYS D 127 -14.34 20.38 63.14
C LYS D 127 -14.80 20.28 64.59
N ARG D 128 -14.05 19.51 65.39
CA ARG D 128 -14.27 19.46 66.83
C ARG D 128 -13.40 20.48 67.54
N LYS D 129 -12.69 21.28 66.75
CA LYS D 129 -11.84 22.36 67.21
C LYS D 129 -10.79 21.89 68.20
N VAL D 130 -10.26 20.70 67.94
CA VAL D 130 -9.00 20.26 68.53
C VAL D 130 -7.91 20.64 67.53
N ARG D 131 -6.77 21.09 68.03
CA ARG D 131 -5.70 21.56 67.17
C ARG D 131 -4.90 20.37 66.64
N ALA D 132 -4.90 20.21 65.31
CA ALA D 132 -4.38 19.00 64.65
C ALA D 132 -2.96 19.14 64.11
N ASP D 133 -2.32 20.28 64.38
CA ASP D 133 -1.08 20.64 63.68
C ASP D 133 0.13 19.77 64.02
N SER D 134 0.06 18.98 65.08
CA SER D 134 1.19 18.08 65.39
C SER D 134 1.21 16.99 64.33
N LEU D 135 0.05 16.70 63.75
CA LEU D 135 -0.04 15.73 62.67
C LEU D 135 0.70 16.21 61.43
N THR D 136 0.92 17.52 61.36
CA THR D 136 1.65 18.12 60.24
C THR D 136 3.04 17.50 60.05
N ARG D 137 3.71 17.17 61.16
CA ARG D 137 5.05 16.61 61.05
C ARG D 137 5.06 15.22 60.42
N TYR D 138 4.03 14.43 60.71
CA TYR D 138 3.90 13.13 60.09
C TYR D 138 3.61 13.30 58.61
N LYS D 139 2.88 14.36 58.29
CA LYS D 139 2.57 14.70 56.90
C LYS D 139 3.88 14.93 56.15
N LYS D 140 4.76 15.71 56.74
CA LYS D 140 6.06 15.99 56.12
C LYS D 140 6.92 14.73 56.07
N LYS D 141 7.00 14.01 57.17
CA LYS D 141 7.73 12.76 57.22
C LYS D 141 7.25 11.79 56.13
N ALA D 142 5.94 11.74 55.90
CA ALA D 142 5.39 10.93 54.82
C ALA D 142 5.85 11.41 53.43
N GLU D 143 6.03 12.71 53.27
CA GLU D 143 6.46 13.25 51.98
C GLU D 143 7.90 12.87 51.67
N GLU D 144 8.72 12.71 52.71
CA GLU D 144 10.14 12.43 52.54
C GLU D 144 10.40 10.93 52.37
N ALA D 145 9.39 10.10 52.65
CA ALA D 145 9.53 8.65 52.61
C ALA D 145 9.97 8.15 51.24
N SER D 146 10.97 7.28 51.22
CA SER D 146 11.48 6.73 49.97
C SER D 146 10.86 5.38 49.57
N ASN D 147 10.14 4.73 50.48
CA ASN D 147 9.46 3.48 50.11
C ASN D 147 8.22 3.18 50.95
N VAL D 148 7.43 2.23 50.47
CA VAL D 148 6.10 1.96 51.01
C VAL D 148 6.14 1.40 52.44
N SER D 149 7.17 0.61 52.78
CA SER D 149 7.22 0.08 54.14
C SER D 149 7.44 1.25 55.10
N GLU D 150 8.31 2.18 54.73
CA GLU D 150 8.51 3.40 55.49
C GLU D 150 7.18 4.14 55.64
N LEU D 151 6.46 4.26 54.53
CA LEU D 151 5.17 4.94 54.50
C LEU D 151 4.16 4.28 55.44
N MET D 152 4.09 2.95 55.39
CA MET D 152 3.17 2.21 56.26
C MET D 152 3.48 2.47 57.74
N GLY D 153 4.76 2.61 58.06
CA GLY D 153 5.18 2.90 59.43
C GLY D 153 4.79 4.28 59.91
N ILE D 154 5.01 5.28 59.07
CA ILE D 154 4.64 6.65 59.41
C ILE D 154 3.13 6.77 59.56
N GLU D 155 2.40 6.08 58.69
CA GLU D 155 0.94 6.05 58.75
C GLU D 155 0.46 5.50 60.08
N GLY D 156 1.09 4.42 60.54
CA GLY D 156 0.73 3.80 61.81
C GLY D 156 1.02 4.70 62.99
N ASN D 157 2.16 5.40 62.94
CA ASN D 157 2.52 6.30 64.02
C ASN D 157 1.61 7.52 64.08
N ALA D 158 1.15 7.96 62.91
CA ALA D 158 0.21 9.07 62.83
C ALA D 158 -1.14 8.69 63.45
N ARG D 159 -1.62 7.51 63.12
CA ARG D 159 -2.87 6.99 63.66
C ARG D 159 -2.85 6.93 65.19
N GLU D 160 -1.72 6.50 65.75
CA GLU D 160 -1.57 6.44 67.19
C GLU D 160 -1.61 7.84 67.80
N GLU D 161 -0.80 8.75 67.26
CA GLU D 161 -0.80 10.15 67.69
C GLU D 161 -2.20 10.74 67.60
N TYR D 162 -2.90 10.40 66.52
CA TYR D 162 -4.25 10.87 66.30
C TYR D 162 -5.25 10.26 67.29
N TYR D 163 -5.12 8.96 67.58
CA TYR D 163 -6.00 8.30 68.57
C TYR D 163 -5.85 8.94 69.94
N SER D 164 -4.68 9.50 70.23
CA SER D 164 -4.45 10.25 71.46
C SER D 164 -5.35 11.47 71.55
N MET D 165 -5.31 12.35 70.55
CA MET D 165 -6.10 13.58 70.60
C MET D 165 -7.60 13.36 70.62
N ILE D 166 -7.98 12.15 70.26
CA ILE D 166 -9.35 11.70 70.32
C ILE D 166 -9.70 11.34 71.78
N ASP D 167 -8.71 10.77 72.47
CA ASP D 167 -8.83 10.51 73.91
C ASP D 167 -9.04 11.84 74.66
N SER D 168 -8.56 12.95 74.12
CA SER D 168 -8.71 14.24 74.79
C SER D 168 -10.14 14.77 74.62
N LEU D 169 -10.95 14.07 73.84
CA LEU D 169 -12.36 14.42 73.67
C LEU D 169 -13.31 13.57 74.50
N VAL D 170 -12.78 12.60 75.24
CA VAL D 170 -13.62 11.76 76.09
C VAL D 170 -13.53 12.26 77.54
N SER D 171 -14.65 12.36 78.24
CA SER D 171 -14.60 12.75 79.66
C SER D 171 -14.24 11.56 80.57
N ASP D 172 -14.91 10.42 80.42
CA ASP D 172 -14.65 9.34 81.37
C ASP D 172 -13.37 8.62 80.98
N GLU D 173 -12.38 8.74 81.86
CA GLU D 173 -11.06 8.15 81.65
C GLU D 173 -11.17 6.65 81.39
N ARG D 174 -12.14 6.02 82.05
CA ARG D 174 -12.45 4.61 81.90
C ARG D 174 -12.81 4.30 80.43
N PHE D 175 -13.25 5.34 79.71
CA PHE D 175 -13.62 5.18 78.28
C PHE D 175 -12.55 5.65 77.26
N ARG D 176 -11.37 6.08 77.73
CA ARG D 176 -10.25 6.46 76.86
C ARG D 176 -9.65 5.26 76.13
N ILE D 177 -9.02 5.53 74.98
CA ILE D 177 -8.32 4.46 74.23
C ILE D 177 -7.02 4.06 74.94
N GLU D 178 -6.29 5.05 75.46
CA GLU D 178 -4.98 4.81 76.05
C GLU D 178 -4.09 4.15 74.99
N LYS D 179 -3.79 2.88 75.24
CA LYS D 179 -3.00 2.04 74.35
C LYS D 179 -3.86 1.19 73.42
N ARG D 180 -3.68 1.32 72.11
CA ARG D 180 -4.43 0.51 71.14
C ARG D 180 -3.99 -0.95 71.24
N THR D 181 -4.95 -1.84 71.54
CA THR D 181 -4.61 -3.25 71.72
C THR D 181 -5.59 -4.22 71.05
N ARG D 182 -5.02 -5.27 70.46
CA ARG D 182 -5.72 -6.42 69.89
C ARG D 182 -4.84 -7.62 70.33
N ARG D 183 -5.12 -8.87 69.96
CA ARG D 183 -6.36 -9.33 69.31
C ARG D 183 -7.54 -9.15 70.27
N PRO D 184 -7.47 -9.77 71.47
CA PRO D 184 -8.54 -9.31 72.36
C PRO D 184 -8.21 -7.89 72.71
N PRO D 185 -9.14 -6.94 72.57
CA PRO D 185 -8.84 -5.61 73.10
C PRO D 185 -8.90 -5.67 74.63
N LYS D 186 -7.93 -5.05 75.30
CA LYS D 186 -7.82 -5.20 76.75
C LYS D 186 -8.57 -4.08 77.53
N ASN D 187 -9.27 -3.20 76.80
CA ASN D 187 -10.17 -2.23 77.45
C ASN D 187 -11.40 -1.80 76.57
N PHE D 188 -12.12 -0.78 77.03
CA PHE D 188 -13.46 -0.43 76.48
C PHE D 188 -13.37 0.17 75.09
N ALA D 189 -12.77 1.35 74.99
CA ALA D 189 -12.63 2.06 73.71
C ALA D 189 -12.03 1.14 72.64
N ASN D 190 -11.03 0.36 73.03
CA ASN D 190 -10.36 -0.56 72.14
C ASN D 190 -11.30 -1.66 71.64
N THR D 191 -12.35 -1.93 72.41
CA THR D 191 -13.35 -2.91 72.05
C THR D 191 -14.30 -2.28 71.03
N LEU D 192 -14.60 -1.00 71.22
CA LEU D 192 -15.50 -0.29 70.31
C LEU D 192 -14.82 0.03 68.99
N ILE D 193 -13.58 0.52 69.08
CA ILE D 193 -12.82 0.86 67.89
C ILE D 193 -12.51 -0.36 67.03
N SER D 194 -12.12 -1.47 67.67
CA SER D 194 -11.84 -2.70 66.94
C SER D 194 -13.06 -3.20 66.20
N PHE D 195 -14.18 -3.23 66.90
CA PHE D 195 -15.46 -3.68 66.34
C PHE D 195 -15.88 -2.79 65.18
N GLY D 196 -15.82 -1.48 65.38
CA GLY D 196 -16.18 -0.53 64.36
C GLY D 196 -15.29 -0.63 63.13
N ASN D 197 -13.99 -0.80 63.37
CA ASN D 197 -13.02 -1.01 62.29
C ASN D 197 -13.35 -2.26 61.49
N SER D 198 -13.70 -3.33 62.20
CA SER D 198 -14.09 -4.59 61.57
C SER D 198 -15.29 -4.40 60.64
N LEU D 199 -16.35 -3.78 61.15
CA LEU D 199 -17.53 -3.49 60.36
C LEU D 199 -17.19 -2.65 59.13
N LEU D 200 -16.27 -1.71 59.29
CA LEU D 200 -15.83 -0.87 58.18
C LEU D 200 -15.09 -1.68 57.13
N TYR D 201 -14.12 -2.50 57.58
CA TYR D 201 -13.38 -3.38 56.67
C TYR D 201 -14.36 -4.20 55.85
N THR D 202 -15.42 -4.63 56.52
CA THR D 202 -16.47 -5.42 55.92
C THR D 202 -17.28 -4.62 54.88
N THR D 203 -17.63 -3.39 55.24
CA THR D 203 -18.41 -2.53 54.36
C THR D 203 -17.63 -2.19 53.09
N VAL D 204 -16.36 -1.84 53.26
CA VAL D 204 -15.48 -1.55 52.14
C VAL D 204 -15.33 -2.76 51.22
N LEU D 205 -15.22 -3.94 51.84
CA LEU D 205 -15.10 -5.18 51.09
C LEU D 205 -16.29 -5.43 50.17
N SER D 206 -17.49 -5.22 50.70
CA SER D 206 -18.70 -5.42 49.91
C SER D 206 -18.85 -4.36 48.82
N LEU D 207 -18.32 -3.18 49.10
CA LEU D 207 -18.37 -2.10 48.11
C LEU D 207 -17.39 -2.38 46.97
N ILE D 208 -16.25 -2.98 47.31
CA ILE D 208 -15.27 -3.36 46.30
C ILE D 208 -15.85 -4.46 45.40
N TYR D 209 -16.68 -5.32 45.98
CA TYR D 209 -17.33 -6.36 45.21
C TYR D 209 -18.30 -5.79 44.17
N GLN D 210 -18.70 -4.54 44.36
CA GLN D 210 -19.54 -3.84 43.39
C GLN D 210 -18.70 -3.02 42.41
N THR D 211 -17.39 -3.18 42.47
CA THR D 211 -16.49 -2.59 41.48
C THR D 211 -15.79 -3.66 40.67
N HIS D 212 -14.97 -3.24 39.71
CA HIS D 212 -14.16 -4.17 38.92
C HIS D 212 -12.83 -4.46 39.61
N LEU D 213 -12.58 -3.78 40.72
CA LEU D 213 -11.34 -3.96 41.45
C LEU D 213 -11.29 -5.32 42.14
N ASP D 214 -10.10 -5.87 42.29
CA ASP D 214 -9.93 -7.10 43.06
C ASP D 214 -9.37 -6.76 44.43
N PRO D 215 -10.05 -7.21 45.49
CA PRO D 215 -9.66 -6.83 46.86
C PRO D 215 -8.29 -7.38 47.28
N ARG D 216 -7.79 -8.38 46.56
CA ARG D 216 -6.53 -9.00 46.95
C ARG D 216 -5.32 -8.13 46.62
N ILE D 217 -5.48 -7.15 45.73
CA ILE D 217 -4.34 -6.29 45.44
C ILE D 217 -4.50 -4.94 46.11
N GLY D 218 -3.72 -4.72 47.16
CA GLY D 218 -3.66 -3.44 47.83
C GLY D 218 -2.33 -2.77 47.52
N TYR D 219 -2.17 -1.54 48.00
CA TYR D 219 -1.03 -0.72 47.63
C TYR D 219 -0.23 -0.25 48.83
N LEU D 220 -0.90 0.47 49.74
CA LEU D 220 -0.29 0.80 51.02
C LEU D 220 0.01 -0.49 51.79
N HIS D 221 -1.02 -1.29 52.04
CA HIS D 221 -0.81 -2.61 52.61
C HIS D 221 -0.27 -3.56 51.55
N GLU D 222 0.79 -4.28 51.91
CA GLU D 222 1.43 -5.21 51.00
C GLU D 222 0.46 -6.24 50.46
N THR D 223 0.68 -6.68 49.22
CA THR D 223 -0.16 -7.75 48.68
C THR D 223 0.54 -9.06 49.01
N ASN D 224 0.04 -9.72 50.03
CA ASN D 224 0.56 -10.99 50.55
C ASN D 224 0.03 -12.20 49.82
N PHE D 225 -1.25 -12.10 49.45
CA PHE D 225 -2.11 -13.24 49.14
C PHE D 225 -2.33 -14.06 50.40
N ARG D 226 -2.16 -13.41 51.56
CA ARG D 226 -2.61 -13.93 52.84
C ARG D 226 -3.89 -13.28 53.33
N ARG D 227 -4.43 -12.37 52.53
CA ARG D 227 -5.51 -11.49 53.00
C ARG D 227 -6.02 -10.56 51.92
N PHE D 228 -7.15 -9.92 52.20
CA PHE D 228 -7.60 -8.81 51.37
C PHE D 228 -6.84 -7.57 51.79
N SER D 229 -6.23 -6.91 50.82
CA SER D 229 -5.36 -5.78 51.07
C SER D 229 -6.11 -4.49 50.79
N LEU D 230 -6.59 -4.36 49.55
CA LEU D 230 -7.24 -3.15 49.07
C LEU D 230 -8.29 -2.57 50.02
N ASN D 231 -9.08 -3.43 50.66
CA ASN D 231 -10.12 -2.92 51.53
C ASN D 231 -9.52 -2.29 52.79
N LEU D 232 -8.37 -2.79 53.22
CA LEU D 232 -7.63 -2.19 54.33
C LEU D 232 -7.15 -0.79 53.96
N ASP D 233 -6.57 -0.67 52.77
CA ASP D 233 -6.14 0.63 52.24
C ASP D 233 -7.26 1.66 52.25
N ILE D 234 -8.39 1.31 51.64
CA ILE D 234 -9.50 2.25 51.52
C ILE D 234 -10.09 2.60 52.88
N ALA D 235 -10.23 1.61 53.75
CA ALA D 235 -10.79 1.82 55.08
C ALA D 235 -9.97 2.81 55.92
N GLU D 236 -8.66 2.87 55.68
CA GLU D 236 -7.81 3.83 56.38
C GLU D 236 -8.33 5.25 56.18
N LEU D 237 -8.84 5.53 54.98
CA LEU D 237 -9.39 6.85 54.67
C LEU D 237 -10.62 7.16 55.53
N PHE D 238 -11.47 6.17 55.72
CA PHE D 238 -12.79 6.44 56.30
C PHE D 238 -12.94 6.13 57.80
N LYS D 239 -11.87 5.67 58.44
CA LYS D 239 -11.95 5.32 59.87
C LYS D 239 -12.45 6.48 60.76
N PRO D 240 -11.92 7.72 60.58
CA PRO D 240 -12.43 8.81 61.40
C PRO D 240 -13.91 9.16 61.20
N ALA D 241 -14.35 9.30 59.96
CA ALA D 241 -15.69 9.82 59.68
C ALA D 241 -16.78 8.81 60.04
N VAL D 242 -16.42 7.54 59.99
CA VAL D 242 -17.34 6.45 60.30
C VAL D 242 -17.15 5.91 61.72
N VAL D 243 -15.98 5.35 61.98
CA VAL D 243 -15.70 4.68 63.26
C VAL D 243 -15.48 5.62 64.44
N ASP D 244 -14.63 6.62 64.24
CA ASP D 244 -14.23 7.49 65.35
C ASP D 244 -15.34 8.46 65.77
N ARG D 245 -16.05 9.02 64.80
CA ARG D 245 -17.20 9.86 65.08
C ARG D 245 -18.25 9.09 65.87
N LEU D 246 -18.46 7.84 65.47
CA LEU D 246 -19.40 6.96 66.13
C LEU D 246 -18.93 6.67 67.55
N PHE D 247 -17.64 6.39 67.68
CA PHE D 247 -17.05 6.11 68.98
C PHE D 247 -17.23 7.27 69.96
N LEU D 248 -16.89 8.48 69.52
CA LEU D 248 -16.99 9.66 70.37
C LEU D 248 -18.42 9.94 70.86
N ASN D 249 -19.36 10.03 69.91
CA ASN D 249 -20.74 10.40 70.22
C ASN D 249 -21.37 9.35 71.14
N LEU D 250 -21.15 8.07 70.81
CA LEU D 250 -21.75 7.00 71.58
C LEU D 250 -21.29 6.97 73.04
N VAL D 251 -20.02 7.28 73.30
CA VAL D 251 -19.53 7.28 74.68
C VAL D 251 -19.88 8.58 75.41
N ASN D 252 -19.91 9.70 74.68
CA ASN D 252 -20.16 11.01 75.29
C ASN D 252 -21.62 11.21 75.71
N THR D 253 -22.53 10.53 75.03
CA THR D 253 -23.95 10.61 75.36
C THR D 253 -24.37 9.46 76.29
N ARG D 254 -23.39 8.63 76.65
CA ARG D 254 -23.60 7.47 77.51
C ARG D 254 -24.59 6.46 76.93
N GLN D 255 -24.75 6.47 75.62
CA GLN D 255 -25.58 5.49 74.93
C GLN D 255 -24.92 4.12 75.01
N ILE D 256 -23.59 4.11 75.03
CA ILE D 256 -22.82 2.91 75.35
C ILE D 256 -22.24 3.05 76.77
N ASN D 257 -22.55 2.08 77.62
CA ASN D 257 -22.05 2.05 79.00
C ASN D 257 -21.49 0.67 79.33
N GLU D 258 -21.13 0.45 80.59
CA GLU D 258 -20.60 -0.85 81.04
C GLU D 258 -21.62 -1.95 80.81
N LYS D 259 -22.90 -1.63 80.93
CA LYS D 259 -23.97 -2.60 80.72
C LYS D 259 -23.87 -3.26 79.34
N HIS D 260 -23.13 -2.62 78.44
CA HIS D 260 -22.96 -3.09 77.07
C HIS D 260 -21.70 -3.94 76.85
N PHE D 261 -20.95 -4.22 77.92
CA PHE D 261 -19.75 -5.05 77.79
C PHE D 261 -19.78 -6.30 78.67
N ASP D 262 -19.07 -7.34 78.22
CA ASP D 262 -18.86 -8.55 79.00
C ASP D 262 -17.37 -8.87 79.10
N GLU D 263 -16.98 -9.62 80.12
CA GLU D 263 -15.58 -9.96 80.33
C GLU D 263 -15.18 -11.29 79.65
N ILE D 264 -13.99 -11.31 79.07
CA ILE D 264 -13.45 -12.46 78.34
C ILE D 264 -12.05 -12.77 78.88
N SER D 265 -11.58 -14.01 78.77
CA SER D 265 -10.15 -14.27 78.51
C SER D 265 -9.20 -13.33 79.24
N GLU D 266 -8.40 -12.64 78.44
CA GLU D 266 -7.46 -11.62 78.90
C GLU D 266 -8.01 -10.19 78.81
N GLY D 267 -9.25 -10.04 78.37
CA GLY D 267 -9.82 -8.72 78.11
C GLY D 267 -11.34 -8.70 78.01
N LEU D 268 -11.91 -7.61 77.49
CA LEU D 268 -13.36 -7.53 77.42
C LEU D 268 -13.91 -7.82 76.03
N MET D 269 -15.24 -7.87 75.92
CA MET D 269 -15.93 -8.00 74.64
C MET D 269 -17.16 -7.11 74.64
N LEU D 270 -17.91 -7.16 73.55
CA LEU D 270 -19.09 -6.34 73.42
C LEU D 270 -20.31 -7.26 73.30
N ASN D 271 -21.25 -7.15 74.22
CA ASN D 271 -22.34 -8.12 74.30
C ASN D 271 -23.35 -7.99 73.16
N ASP D 272 -24.36 -8.87 73.18
CA ASP D 272 -25.35 -8.92 72.11
C ASP D 272 -26.17 -7.62 72.05
N GLU D 273 -26.55 -7.14 73.22
CA GLU D 273 -27.28 -5.87 73.35
C GLU D 273 -26.50 -4.74 72.68
N GLY D 274 -25.31 -4.48 73.21
CA GLY D 274 -24.46 -3.42 72.69
C GLY D 274 -24.09 -3.57 71.22
N LYS D 275 -23.91 -4.82 70.77
CA LYS D 275 -23.66 -5.09 69.36
C LYS D 275 -24.81 -4.53 68.52
N SER D 276 -26.02 -4.81 68.95
CA SER D 276 -27.22 -4.34 68.26
C SER D 276 -27.24 -2.81 68.17
N LEU D 277 -26.89 -2.16 69.28
CA LEU D 277 -26.92 -0.70 69.34
C LEU D 277 -25.83 -0.08 68.48
N PHE D 278 -24.61 -0.63 68.58
CA PHE D 278 -23.50 -0.15 67.79
C PHE D 278 -23.81 -0.28 66.30
N VAL D 279 -24.31 -1.45 65.91
CA VAL D 279 -24.65 -1.72 64.52
C VAL D 279 -25.70 -0.74 64.00
N LYS D 280 -26.75 -0.51 64.77
CA LYS D 280 -27.80 0.42 64.37
C LYS D 280 -27.23 1.80 64.12
N ASN D 281 -26.37 2.24 65.04
CA ASN D 281 -25.72 3.53 64.91
C ASN D 281 -24.75 3.58 63.72
N TYR D 282 -24.08 2.46 63.48
CA TYR D 282 -23.12 2.34 62.38
C TYR D 282 -23.83 2.46 61.02
N GLU D 283 -24.96 1.79 60.91
CA GLU D 283 -25.70 1.78 59.65
C GLU D 283 -26.37 3.11 59.37
N GLN D 284 -26.80 3.81 60.42
CA GLN D 284 -27.38 5.12 60.25
C GLN D 284 -26.29 6.11 59.85
N ALA D 285 -25.09 5.88 60.37
CA ALA D 285 -23.95 6.74 60.07
C ALA D 285 -23.56 6.63 58.60
N LEU D 286 -23.62 5.41 58.08
CA LEU D 286 -23.33 5.18 56.67
C LEU D 286 -24.40 5.77 55.76
N ARG D 287 -25.66 5.64 56.18
CA ARG D 287 -26.79 6.01 55.32
C ARG D 287 -27.07 7.52 55.26
N GLU D 288 -26.61 8.25 56.27
CA GLU D 288 -26.82 9.70 56.40
C GLU D 288 -26.32 10.47 55.18
N THR D 289 -27.05 11.50 54.77
CA THR D 289 -26.74 12.27 53.55
C THR D 289 -26.53 13.78 53.75
N VAL D 290 -25.30 14.26 53.54
CA VAL D 290 -25.02 15.68 53.33
C VAL D 290 -23.85 15.83 52.34
N TYR D 298 -24.89 16.57 48.38
CA TYR D 298 -25.51 15.68 49.37
C TYR D 298 -25.27 14.21 49.03
N VAL D 299 -24.43 13.57 49.84
CA VAL D 299 -23.99 12.21 49.58
C VAL D 299 -23.80 11.43 50.88
N SER D 300 -24.15 10.14 50.85
CA SER D 300 -23.92 9.25 51.99
C SER D 300 -22.47 8.77 52.05
N MET D 301 -22.02 8.42 53.25
CA MET D 301 -20.66 7.92 53.45
C MET D 301 -20.38 6.68 52.62
N ARG D 302 -21.37 5.81 52.51
CA ARG D 302 -21.22 4.59 51.73
C ARG D 302 -20.97 4.90 50.26
N SER D 303 -21.61 5.96 49.76
CA SER D 303 -21.41 6.42 48.39
C SER D 303 -20.06 7.10 48.21
N LEU D 304 -19.59 7.77 49.26
CA LEU D 304 -18.26 8.36 49.25
C LEU D 304 -17.18 7.30 49.12
N ILE D 305 -17.37 6.19 49.81
CA ILE D 305 -16.42 5.08 49.73
C ILE D 305 -16.42 4.52 48.33
N LYS D 306 -17.61 4.40 47.74
CA LYS D 306 -17.71 3.91 46.36
C LYS D 306 -17.13 4.92 45.38
N MET D 307 -17.26 6.20 45.72
CA MET D 307 -16.68 7.28 44.91
C MET D 307 -15.16 7.17 44.89
N GLU D 308 -14.58 6.85 46.04
CA GLU D 308 -13.14 6.69 46.14
C GLU D 308 -12.66 5.46 45.37
N LEU D 309 -13.46 4.41 45.39
CA LEU D 309 -13.16 3.20 44.62
C LEU D 309 -13.14 3.51 43.13
N HIS D 310 -14.17 4.22 42.66
CA HIS D 310 -14.22 4.63 41.27
C HIS D 310 -13.05 5.53 40.88
N LYS D 311 -12.60 6.38 41.80
CA LYS D 311 -11.47 7.26 41.50
C LYS D 311 -10.15 6.48 41.45
N LEU D 312 -10.07 5.36 42.16
CA LEU D 312 -8.91 4.48 42.04
C LEU D 312 -8.91 3.83 40.65
N GLU D 313 -10.08 3.39 40.21
CA GLU D 313 -10.21 2.77 38.90
C GLU D 313 -9.85 3.76 37.79
N LYS D 314 -10.34 4.99 37.92
CA LYS D 314 -10.05 6.01 36.93
C LYS D 314 -8.55 6.27 36.89
N HIS D 315 -7.93 6.30 38.05
CA HIS D 315 -6.48 6.47 38.13
C HIS D 315 -5.74 5.32 37.44
N LEU D 316 -6.15 4.09 37.72
CA LEU D 316 -5.49 2.90 37.18
C LEU D 316 -5.48 2.84 35.64
N ILE D 317 -6.55 3.31 35.01
CA ILE D 317 -6.58 3.31 33.55
C ILE D 317 -6.13 4.66 32.94
N GLY D 318 -5.78 5.62 33.80
CA GLY D 318 -5.12 6.81 33.30
C GLY D 318 -5.94 8.10 33.18
N GLU D 319 -7.21 8.04 33.53
CA GLU D 319 -7.96 9.26 33.78
C GLU D 319 -7.60 9.76 35.17
N GLN D 320 -7.77 11.05 35.42
CA GLN D 320 -7.74 11.61 36.77
C GLN D 320 -6.65 11.01 37.64
N VAL D 321 -5.41 11.20 37.23
CA VAL D 321 -4.26 10.61 37.92
C VAL D 321 -3.96 11.40 39.19
N PHE D 322 -3.47 10.71 40.20
CA PHE D 322 -3.09 11.35 41.45
C PHE D 322 -1.82 12.19 41.28
N GLY D 323 -1.72 13.29 42.02
CA GLY D 323 -0.56 14.15 41.91
C GLY D 323 -0.47 14.77 40.54
N SER D 324 0.76 14.95 40.05
CA SER D 324 1.00 15.60 38.77
C SER D 324 1.65 14.66 37.76
N GLU D 325 1.50 14.99 36.48
CA GLU D 325 2.17 14.23 35.41
C GLU D 325 3.66 14.56 35.37
N GLU D 326 4.50 13.53 35.54
CA GLU D 326 5.94 13.72 35.61
C GLU D 326 6.61 13.66 34.23
N ARG E 1 16.49 33.46 -6.16
CA ARG E 1 16.05 32.34 -5.34
C ARG E 1 17.25 31.60 -4.73
N GLU E 2 17.11 31.17 -3.49
CA GLU E 2 18.12 30.32 -2.85
C GLU E 2 17.54 28.95 -2.54
N LEU E 3 16.58 28.89 -1.63
CA LEU E 3 15.98 27.61 -1.27
C LEU E 3 14.76 27.32 -2.13
N TYR E 4 14.22 26.12 -1.96
CA TYR E 4 12.98 25.71 -2.61
C TYR E 4 12.29 24.69 -1.73
N PHE E 5 10.97 24.78 -1.67
CA PHE E 5 10.19 23.95 -0.76
C PHE E 5 9.30 23.00 -1.56
N GLN E 6 9.40 21.72 -1.26
CA GLN E 6 8.70 20.71 -2.05
C GLN E 6 7.51 20.11 -1.33
N GLY E 7 6.33 20.44 -1.84
CA GLY E 7 5.09 19.97 -1.29
C GLY E 7 4.08 21.08 -1.46
N MET E 8 2.91 20.93 -0.86
CA MET E 8 1.95 22.01 -0.89
C MET E 8 2.16 22.91 0.33
N GLU E 9 1.31 23.92 0.46
CA GLU E 9 1.64 25.00 1.36
C GLU E 9 0.56 25.23 2.42
N SER E 10 1.01 25.54 3.62
CA SER E 10 0.10 25.91 4.70
C SER E 10 0.17 27.42 4.90
N VAL E 11 -0.94 28.11 4.63
CA VAL E 11 -0.98 29.55 4.76
C VAL E 11 -1.31 29.96 6.19
N TYR E 12 -0.39 30.70 6.82
CA TYR E 12 -0.63 31.25 8.15
C TYR E 12 -1.09 32.71 8.05
N LEU E 13 -2.33 32.97 8.45
CA LEU E 13 -2.84 34.33 8.48
C LEU E 13 -2.87 34.87 9.90
N PHE E 14 -1.98 35.80 10.21
CA PHE E 14 -1.99 36.42 11.52
C PHE E 14 -2.73 37.75 11.55
N SER E 15 -3.07 38.26 10.37
CA SER E 15 -3.69 39.58 10.27
C SER E 15 -5.20 39.50 10.40
N SER E 16 -5.77 40.49 11.07
CA SER E 16 -7.22 40.61 11.14
C SER E 16 -7.75 41.28 9.87
N GLY E 17 -8.97 40.94 9.50
CA GLY E 17 -9.60 41.52 8.33
C GLY E 17 -10.75 40.67 7.82
N THR E 18 -11.11 40.86 6.56
CA THR E 18 -12.20 40.10 5.97
C THR E 18 -11.70 39.14 4.90
N LEU E 19 -12.04 37.87 5.06
CA LEU E 19 -11.74 36.87 4.05
C LEU E 19 -12.80 36.89 2.94
N LYS E 20 -12.35 37.07 1.71
CA LYS E 20 -13.28 37.18 0.58
C LYS E 20 -12.75 36.49 -0.66
N ARG E 21 -13.67 36.06 -1.51
CA ARG E 21 -13.35 35.48 -2.81
C ARG E 21 -13.56 36.53 -3.89
N LYS E 22 -12.56 36.76 -4.73
CA LYS E 22 -12.71 37.69 -5.84
C LYS E 22 -12.49 36.97 -7.18
N ALA E 23 -11.24 36.69 -7.49
CA ALA E 23 -10.88 35.87 -8.65
C ALA E 23 -10.92 34.42 -8.21
N ASN E 24 -10.34 33.53 -9.01
CA ASN E 24 -10.12 32.15 -8.60
C ASN E 24 -9.06 32.09 -7.48
N THR E 25 -8.58 33.27 -7.07
CA THR E 25 -7.77 33.43 -5.86
C THR E 25 -8.56 34.19 -4.79
N ILE E 26 -8.17 34.04 -3.53
CA ILE E 26 -8.83 34.73 -2.42
C ILE E 26 -7.94 35.76 -1.74
N CYS E 27 -8.57 36.73 -1.09
CA CYS E 27 -7.83 37.83 -0.47
C CYS E 27 -8.31 38.10 0.95
N LEU E 28 -7.41 38.66 1.75
CA LEU E 28 -7.78 39.18 3.05
C LEU E 28 -7.86 40.69 2.96
N GLU E 29 -9.06 41.24 3.19
CA GLU E 29 -9.20 42.70 3.19
C GLU E 29 -9.10 43.25 4.60
N THR E 30 -7.99 43.91 4.89
CA THR E 30 -7.83 44.65 6.14
C THR E 30 -8.14 46.11 5.81
N GLU E 31 -7.91 47.03 6.73
CA GLU E 31 -7.96 48.42 6.32
C GLU E 31 -6.67 48.61 5.54
N SER E 32 -6.47 49.74 4.88
CA SER E 32 -5.32 49.90 3.97
C SER E 32 -5.24 48.78 2.90
N GLY E 33 -4.23 47.92 2.94
CA GLY E 33 -4.05 46.96 1.86
C GLY E 33 -5.02 45.78 1.70
N ARG E 34 -4.92 45.11 0.56
CA ARG E 34 -5.45 43.75 0.39
C ARG E 34 -4.29 42.77 0.35
N LYS E 35 -4.36 41.74 1.19
CA LYS E 35 -3.38 40.65 1.08
C LYS E 35 -3.97 39.54 0.21
N TYR E 36 -3.39 39.37 -0.97
CA TYR E 36 -3.82 38.31 -1.88
C TYR E 36 -3.11 37.01 -1.57
N ILE E 37 -3.89 35.95 -1.42
CA ILE E 37 -3.34 34.63 -1.20
C ILE E 37 -3.71 33.69 -2.35
N PRO E 38 -2.72 33.34 -3.20
CA PRO E 38 -2.95 32.37 -4.27
C PRO E 38 -3.22 31.00 -3.66
N VAL E 39 -4.23 30.30 -4.17
CA VAL E 39 -4.62 29.01 -3.60
C VAL E 39 -3.95 27.80 -4.25
N GLU E 40 -3.30 28.02 -5.39
CA GLU E 40 -2.90 26.93 -6.28
C GLU E 40 -2.00 25.87 -5.64
N ASN E 41 -1.05 26.32 -4.82
CA ASN E 41 -0.20 25.40 -4.07
C ASN E 41 -0.62 25.20 -2.61
N VAL E 42 -1.76 25.76 -2.21
CA VAL E 42 -2.17 25.73 -0.81
C VAL E 42 -3.01 24.52 -0.45
N MET E 43 -2.53 23.71 0.49
CA MET E 43 -3.36 22.62 1.02
C MET E 43 -4.28 23.04 2.16
N ASP E 44 -3.90 24.03 2.95
CA ASP E 44 -4.78 24.50 4.03
C ASP E 44 -4.45 25.90 4.52
N ILE E 45 -5.40 26.51 5.22
CA ILE E 45 -5.23 27.84 5.79
C ILE E 45 -5.41 27.85 7.31
N LYS E 46 -4.45 28.44 8.02
CA LYS E 46 -4.53 28.60 9.47
C LYS E 46 -4.72 30.08 9.87
N VAL E 47 -5.87 30.37 10.47
CA VAL E 47 -6.25 31.75 10.81
C VAL E 47 -6.05 32.07 12.29
N PHE E 48 -5.07 32.91 12.59
CA PHE E 48 -4.87 33.39 13.95
C PHE E 48 -5.47 34.76 14.26
N GLY E 49 -5.90 35.46 13.22
CA GLY E 49 -6.39 36.82 13.41
C GLY E 49 -7.88 36.81 13.65
N GLU E 50 -8.46 37.99 13.83
CA GLU E 50 -9.91 38.09 13.87
C GLU E 50 -10.40 38.34 12.45
N VAL E 51 -11.11 37.36 11.89
CA VAL E 51 -11.53 37.46 10.50
C VAL E 51 -13.05 37.42 10.33
N ASP E 52 -13.53 38.12 9.30
CA ASP E 52 -14.90 37.98 8.85
C ASP E 52 -14.92 37.17 7.57
N LEU E 53 -15.94 36.34 7.40
CA LEU E 53 -16.14 35.60 6.16
C LEU E 53 -17.61 35.26 5.99
N ASN E 54 -18.00 34.90 4.78
CA ASN E 54 -19.35 34.45 4.52
C ASN E 54 -19.37 33.04 3.93
N LYS E 55 -20.56 32.53 3.65
CA LYS E 55 -20.71 31.18 3.14
C LYS E 55 -20.14 31.05 1.73
N ARG E 56 -20.19 32.12 0.96
CA ARG E 56 -19.69 32.11 -0.41
C ARG E 56 -18.17 31.86 -0.43
N PHE E 57 -17.49 32.39 0.57
CA PHE E 57 -16.05 32.14 0.73
C PHE E 57 -15.78 30.69 1.11
N LEU E 58 -16.61 30.14 1.99
CA LEU E 58 -16.51 28.73 2.37
C LEU E 58 -16.80 27.83 1.17
N GLU E 59 -17.77 28.24 0.36
CA GLU E 59 -18.08 27.52 -0.88
C GLU E 59 -16.87 27.49 -1.81
N PHE E 60 -16.11 28.57 -1.80
CA PHE E 60 -14.92 28.66 -2.65
C PHE E 60 -13.84 27.70 -2.17
N LEU E 61 -13.50 27.79 -0.88
CA LEU E 61 -12.55 26.86 -0.27
C LEU E 61 -12.97 25.42 -0.46
N SER E 62 -14.27 25.18 -0.35
CA SER E 62 -14.83 23.85 -0.54
C SER E 62 -14.58 23.36 -1.97
N GLN E 63 -14.76 24.26 -2.94
CA GLN E 63 -14.52 23.94 -4.35
C GLN E 63 -13.04 23.68 -4.60
N LYS E 64 -12.18 24.37 -3.87
CA LYS E 64 -10.74 24.19 -4.01
C LYS E 64 -10.23 23.10 -3.07
N ARG E 65 -11.14 22.53 -2.31
CA ARG E 65 -10.84 21.42 -1.40
C ARG E 65 -9.78 21.83 -0.38
N ILE E 66 -9.89 23.07 0.08
CA ILE E 66 -8.97 23.65 1.06
C ILE E 66 -9.66 23.87 2.39
N PRO E 67 -9.26 23.10 3.42
CA PRO E 67 -9.82 23.36 4.74
C PRO E 67 -9.18 24.58 5.38
N ILE E 68 -9.89 25.18 6.32
CA ILE E 68 -9.36 26.34 7.01
C ILE E 68 -9.45 26.10 8.51
N HIS E 69 -8.31 26.19 9.17
CA HIS E 69 -8.22 25.97 10.62
C HIS E 69 -8.25 27.29 11.38
N PHE E 70 -8.96 27.30 12.50
CA PHE E 70 -9.12 28.52 13.29
C PHE E 70 -8.43 28.41 14.66
N PHE E 71 -7.72 29.46 15.03
CA PHE E 71 -7.04 29.54 16.33
C PHE E 71 -7.38 30.86 17.03
N ASN E 72 -7.41 30.84 18.36
CA ASN E 72 -7.76 32.03 19.12
C ASN E 72 -6.55 32.92 19.39
N ARG E 73 -6.76 33.91 20.27
CA ARG E 73 -5.73 34.87 20.66
C ARG E 73 -4.41 34.20 21.02
N GLU E 74 -4.43 33.36 22.06
CA GLU E 74 -3.23 32.67 22.52
C GLU E 74 -2.73 31.59 21.56
N GLY E 75 -3.49 31.33 20.50
CA GLY E 75 -3.04 30.40 19.49
C GLY E 75 -3.55 28.99 19.75
N TYR E 76 -4.58 28.89 20.59
CA TYR E 76 -5.19 27.62 20.87
C TYR E 76 -6.23 27.31 19.80
N TYR E 77 -6.30 26.04 19.43
CA TYR E 77 -7.10 25.60 18.31
C TYR E 77 -8.58 25.51 18.70
N VAL E 78 -9.41 26.31 18.03
CA VAL E 78 -10.85 26.27 18.29
C VAL E 78 -11.60 25.24 17.43
N GLY E 79 -11.15 25.05 16.20
CA GLY E 79 -11.85 24.20 15.25
C GLY E 79 -11.48 24.41 13.79
N THR E 80 -12.03 23.58 12.92
CA THR E 80 -11.68 23.60 11.50
C THR E 80 -12.93 23.56 10.63
N PHE E 81 -12.90 24.30 9.52
CA PHE E 81 -13.91 24.12 8.49
C PHE E 81 -13.41 23.09 7.50
N TYR E 82 -14.04 21.92 7.49
CA TYR E 82 -13.67 20.88 6.55
C TYR E 82 -14.63 20.87 5.37
N PRO E 83 -14.09 21.02 4.16
CA PRO E 83 -14.94 20.89 2.96
C PRO E 83 -15.44 19.45 2.87
N ARG E 84 -16.50 19.23 2.10
CA ARG E 84 -17.02 17.90 1.86
C ARG E 84 -15.87 16.96 1.50
N GLU E 85 -15.16 17.25 0.42
CA GLU E 85 -13.87 16.61 0.20
C GLU E 85 -12.77 17.66 0.21
N TYR E 86 -11.61 17.30 0.76
CA TYR E 86 -10.49 18.23 0.81
C TYR E 86 -9.20 17.52 0.40
N LEU E 87 -8.17 18.31 0.09
CA LEU E 87 -6.86 17.79 -0.25
C LEU E 87 -6.32 16.91 0.87
N ASN E 88 -5.52 15.90 0.53
CA ASN E 88 -4.95 14.98 1.51
C ASN E 88 -4.27 15.78 2.61
N SER E 89 -4.66 15.52 3.85
CA SER E 89 -4.25 16.38 4.96
C SER E 89 -2.95 15.93 5.58
N GLY E 90 -2.49 14.73 5.19
CA GLY E 90 -1.26 14.17 5.74
C GLY E 90 -1.36 13.87 7.22
N PHE E 91 -2.59 13.79 7.72
CA PHE E 91 -2.86 13.45 9.11
C PHE E 91 -2.17 12.13 9.47
N LEU E 92 -1.41 12.14 10.55
CA LEU E 92 -0.51 11.04 10.89
C LEU E 92 -1.06 9.99 11.87
N ILE E 93 -2.34 10.10 12.20
CA ILE E 93 -2.93 9.24 13.23
C ILE E 93 -2.68 7.73 12.98
N LEU E 94 -2.77 7.28 11.74
CA LEU E 94 -2.55 5.87 11.44
C LEU E 94 -1.09 5.50 11.59
N LYS E 95 -0.20 6.39 11.17
CA LYS E 95 1.23 6.13 11.29
C LYS E 95 1.59 6.05 12.76
N GLN E 96 0.97 6.92 13.55
CA GLN E 96 1.20 6.99 14.99
C GLN E 96 0.79 5.71 15.71
N ALA E 97 -0.40 5.19 15.40
CA ALA E 97 -0.87 3.95 16.01
C ALA E 97 0.08 2.84 15.62
N GLU E 98 0.43 2.84 14.34
CA GLU E 98 1.41 1.88 13.85
C GLU E 98 2.75 2.01 14.61
N HIS E 99 3.25 3.20 14.96
CA HIS E 99 4.53 3.07 15.67
C HIS E 99 4.29 2.86 17.17
N TYR E 100 3.05 2.95 17.61
CA TYR E 100 2.79 2.63 19.01
C TYR E 100 2.67 1.12 19.29
N ILE E 101 1.91 0.39 18.46
CA ILE E 101 1.62 -1.01 18.75
C ILE E 101 2.79 -1.92 18.40
N ASN E 102 3.72 -1.39 17.62
CA ASN E 102 4.98 -2.07 17.35
C ASN E 102 5.99 -1.65 18.40
N GLN E 103 6.39 -2.58 19.26
CA GLN E 103 7.19 -2.23 20.43
C GLN E 103 8.56 -1.69 20.03
N GLU E 104 9.08 -2.15 18.91
CA GLU E 104 10.38 -1.72 18.42
C GLU E 104 10.34 -0.26 17.98
N LYS E 105 9.29 0.08 17.25
CA LYS E 105 9.12 1.44 16.76
C LYS E 105 8.80 2.39 17.90
N ARG E 106 7.99 1.92 18.84
CA ARG E 106 7.65 2.72 20.02
C ARG E 106 8.89 2.96 20.86
N MET E 107 9.71 1.93 21.00
CA MET E 107 10.93 2.03 21.79
C MET E 107 11.87 3.07 21.19
N LEU E 108 11.99 3.03 19.87
CA LEU E 108 12.85 3.94 19.13
C LEU E 108 12.47 5.40 19.40
N ILE E 109 11.17 5.71 19.37
CA ILE E 109 10.69 7.06 19.59
C ILE E 109 10.84 7.47 21.05
N ALA E 110 10.47 6.56 21.95
CA ALA E 110 10.57 6.83 23.37
C ALA E 110 12.04 7.02 23.80
N ARG E 111 12.92 6.23 23.21
CA ARG E 111 14.34 6.30 23.52
C ARG E 111 14.92 7.62 23.04
N GLU E 112 14.31 8.19 22.01
CA GLU E 112 14.69 9.51 21.49
C GLU E 112 14.32 10.61 22.48
N ILE E 113 13.09 10.52 23.00
CA ILE E 113 12.61 11.45 24.02
C ILE E 113 13.55 11.47 25.21
N VAL E 114 13.81 10.29 25.76
CA VAL E 114 14.62 10.15 26.95
C VAL E 114 16.05 10.66 26.71
N SER E 115 16.63 10.28 25.58
CA SER E 115 17.98 10.67 25.23
C SER E 115 18.14 12.19 25.24
N ARG E 116 17.20 12.88 24.60
CA ARG E 116 17.27 14.33 24.50
C ARG E 116 16.96 14.99 25.84
N SER E 117 15.95 14.46 26.54
CA SER E 117 15.62 14.94 27.88
C SER E 117 16.83 14.92 28.81
N PHE E 118 17.61 13.84 28.73
CA PHE E 118 18.78 13.69 29.58
C PHE E 118 19.84 14.70 29.21
N GLN E 119 20.07 14.89 27.92
CA GLN E 119 21.14 15.79 27.51
C GLN E 119 20.78 17.23 27.81
N ASN E 120 19.50 17.57 27.72
CA ASN E 120 19.03 18.88 28.11
C ASN E 120 19.20 19.11 29.60
N MET E 121 18.91 18.08 30.39
CA MET E 121 19.14 18.13 31.83
C MET E 121 20.61 18.40 32.13
N VAL E 122 21.49 17.65 31.49
CA VAL E 122 22.92 17.79 31.73
C VAL E 122 23.44 19.16 31.31
N ASP E 123 22.99 19.64 30.15
CA ASP E 123 23.42 20.94 29.65
C ASP E 123 22.99 22.07 30.58
N PHE E 124 21.77 21.99 31.10
CA PHE E 124 21.27 23.01 32.01
C PHE E 124 22.14 23.08 33.27
N LEU E 125 22.48 21.92 33.80
CA LEU E 125 23.33 21.83 34.99
C LEU E 125 24.74 22.36 34.75
N LYS E 126 25.33 22.00 33.60
CA LYS E 126 26.71 22.41 33.30
C LYS E 126 26.81 23.91 33.01
N LYS E 127 25.77 24.48 32.42
CA LYS E 127 25.71 25.91 32.15
C LYS E 127 25.75 26.70 33.45
N ARG E 128 25.16 26.12 34.49
CA ARG E 128 25.08 26.74 35.80
C ARG E 128 26.18 26.28 36.77
N LYS E 129 27.16 25.55 36.23
CA LYS E 129 28.35 25.12 36.97
C LYS E 129 28.01 24.13 38.10
N VAL E 130 27.08 23.23 37.80
CA VAL E 130 26.69 22.16 38.70
C VAL E 130 27.14 20.82 38.12
N ARG E 131 27.56 19.89 38.98
CA ARG E 131 28.01 18.56 38.52
C ARG E 131 26.84 17.73 37.99
N ALA E 132 26.95 17.27 36.75
CA ALA E 132 25.90 16.46 36.13
C ALA E 132 26.22 14.96 36.13
N ASP E 133 27.36 14.57 36.68
CA ASP E 133 27.86 13.20 36.55
C ASP E 133 26.93 12.15 37.17
N SER E 134 26.16 12.54 38.18
CA SER E 134 25.24 11.61 38.83
C SER E 134 24.23 11.05 37.84
N LEU E 135 23.91 11.85 36.82
CA LEU E 135 22.94 11.48 35.80
C LEU E 135 23.42 10.39 34.86
N THR E 136 24.73 10.13 34.85
CA THR E 136 25.30 9.16 33.92
C THR E 136 24.71 7.77 34.08
N ARG E 137 24.48 7.36 35.33
CA ARG E 137 23.94 6.03 35.61
C ARG E 137 22.57 5.82 34.95
N TYR E 138 21.79 6.90 34.88
CA TYR E 138 20.45 6.84 34.32
C TYR E 138 20.51 6.77 32.79
N LYS E 139 21.48 7.48 32.20
CA LYS E 139 21.69 7.41 30.77
C LYS E 139 21.97 5.96 30.36
N LYS E 140 22.85 5.28 31.10
CA LYS E 140 23.20 3.90 30.79
C LYS E 140 22.00 2.97 30.99
N LYS E 141 21.28 3.15 32.09
CA LYS E 141 20.07 2.37 32.36
C LYS E 141 19.05 2.52 31.22
N ALA E 142 18.85 3.75 30.75
CA ALA E 142 17.96 4.04 29.65
C ALA E 142 18.36 3.29 28.37
N GLU E 143 19.66 3.19 28.14
CA GLU E 143 20.16 2.48 26.97
C GLU E 143 19.96 0.96 27.08
N GLU E 144 20.08 0.41 28.29
CA GLU E 144 19.94 -1.03 28.50
C GLU E 144 18.50 -1.48 28.71
N ALA E 145 17.60 -0.55 29.00
CA ALA E 145 16.18 -0.91 29.04
C ALA E 145 15.69 -1.42 27.68
N SER E 146 15.09 -2.62 27.70
CA SER E 146 14.36 -3.19 26.56
C SER E 146 12.80 -3.06 26.66
N ASN E 147 12.28 -2.38 27.69
CA ASN E 147 10.83 -2.13 27.80
C ASN E 147 10.54 -0.65 28.10
N VAL E 148 9.54 -0.11 27.41
CA VAL E 148 9.14 1.30 27.55
C VAL E 148 8.67 1.68 28.96
N SER E 149 7.99 0.75 29.64
CA SER E 149 7.52 1.03 30.99
C SER E 149 8.71 1.27 31.92
N GLU E 150 9.73 0.44 31.76
CA GLU E 150 10.98 0.60 32.47
C GLU E 150 11.57 1.97 32.16
N LEU E 151 11.43 2.37 30.91
CA LEU E 151 12.04 3.60 30.40
C LEU E 151 11.43 4.87 31.01
N MET E 152 10.11 4.89 31.16
CA MET E 152 9.44 6.01 31.83
C MET E 152 9.86 6.11 33.29
N GLY E 153 10.05 4.95 33.93
CA GLY E 153 10.49 4.93 35.31
C GLY E 153 11.87 5.51 35.48
N ILE E 154 12.78 5.12 34.60
CA ILE E 154 14.15 5.60 34.62
C ILE E 154 14.20 7.11 34.40
N GLU E 155 13.39 7.60 33.47
CA GLU E 155 13.36 9.03 33.15
C GLU E 155 12.89 9.81 34.38
N GLY E 156 11.79 9.37 34.98
CA GLY E 156 11.28 9.99 36.20
C GLY E 156 12.32 10.08 37.31
N ASN E 157 13.02 8.98 37.54
CA ASN E 157 14.04 8.94 38.58
C ASN E 157 15.20 9.88 38.26
N ALA E 158 15.58 9.94 36.99
CA ALA E 158 16.58 10.89 36.52
C ALA E 158 16.16 12.32 36.82
N ARG E 159 14.89 12.60 36.53
CA ARG E 159 14.35 13.93 36.78
C ARG E 159 14.46 14.29 38.26
N GLU E 160 14.12 13.33 39.13
CA GLU E 160 14.12 13.58 40.56
C GLU E 160 15.53 13.86 41.08
N GLU E 161 16.51 13.13 40.56
CA GLU E 161 17.91 13.37 40.89
C GLU E 161 18.36 14.73 40.35
N TYR E 162 17.90 15.04 39.15
CA TYR E 162 18.18 16.31 38.51
C TYR E 162 17.64 17.45 39.37
N TYR E 163 16.42 17.28 39.88
CA TYR E 163 15.79 18.29 40.73
C TYR E 163 16.56 18.50 42.03
N SER E 164 17.13 17.43 42.59
CA SER E 164 17.95 17.54 43.78
C SER E 164 19.20 18.37 43.50
N MET E 165 19.73 18.24 42.28
CA MET E 165 20.91 19.01 41.91
C MET E 165 20.53 20.46 41.68
N ILE E 166 19.30 20.69 41.24
CA ILE E 166 18.78 22.05 41.02
C ILE E 166 18.68 22.80 42.35
N ASP E 167 18.38 22.07 43.42
CA ASP E 167 18.23 22.69 44.73
C ASP E 167 19.52 23.31 45.28
N SER E 168 20.66 22.97 44.69
CA SER E 168 21.91 23.57 45.14
C SER E 168 22.07 24.98 44.58
N LEU E 169 21.19 25.36 43.65
CA LEU E 169 21.19 26.69 43.07
C LEU E 169 20.20 27.62 43.76
N VAL E 170 19.45 27.08 44.71
CA VAL E 170 18.42 27.84 45.40
C VAL E 170 18.91 28.36 46.75
N SER E 171 18.95 29.68 46.89
CA SER E 171 19.48 30.31 48.10
C SER E 171 18.54 30.14 49.30
N ASP E 172 17.28 30.53 49.13
CA ASP E 172 16.32 30.43 50.22
C ASP E 172 15.77 29.00 50.30
N GLU E 173 15.99 28.35 51.44
CA GLU E 173 15.63 26.94 51.54
C GLU E 173 14.12 26.73 51.66
N ARG E 174 13.39 27.78 52.02
CA ARG E 174 11.93 27.72 51.97
C ARG E 174 11.46 27.42 50.55
N PHE E 175 12.30 27.81 49.58
CA PHE E 175 12.04 27.64 48.16
C PHE E 175 12.75 26.46 47.49
N ARG E 176 13.45 25.63 48.25
CA ARG E 176 14.05 24.42 47.68
C ARG E 176 13.00 23.37 47.33
N ILE E 177 13.24 22.63 46.26
CA ILE E 177 12.33 21.59 45.82
C ILE E 177 12.28 20.44 46.81
N GLU E 178 13.39 20.23 47.50
CA GLU E 178 13.58 19.04 48.33
C GLU E 178 13.41 17.81 47.44
N LYS E 179 12.37 17.03 47.70
CA LYS E 179 12.04 15.89 46.86
C LYS E 179 10.85 16.22 45.94
N ARG E 180 10.99 15.98 44.64
CA ARG E 180 9.83 15.99 43.75
C ARG E 180 9.54 14.60 43.17
N THR E 181 8.36 14.08 43.49
CA THR E 181 7.94 12.77 43.02
C THR E 181 6.67 12.87 42.17
N ARG E 182 6.09 11.73 41.83
CA ARG E 182 4.84 11.68 41.09
C ARG E 182 3.70 12.34 41.89
N ARG E 183 3.82 12.36 43.21
CA ARG E 183 2.94 13.16 44.06
C ARG E 183 3.78 14.15 44.86
N PRO E 184 4.07 15.31 44.26
CA PRO E 184 4.96 16.31 44.83
C PRO E 184 4.49 16.80 46.20
N PRO E 185 5.43 17.01 47.13
CA PRO E 185 5.17 17.56 48.46
C PRO E 185 4.60 18.97 48.35
N LYS E 186 3.92 19.41 49.40
CA LYS E 186 3.29 20.72 49.36
C LYS E 186 4.29 21.74 49.89
N ASN E 187 4.81 22.54 48.97
CA ASN E 187 5.72 23.64 49.31
C ASN E 187 5.79 24.61 48.15
N PHE E 188 6.54 25.69 48.33
CA PHE E 188 6.57 26.76 47.34
C PHE E 188 7.08 26.26 45.99
N ALA E 189 8.25 25.63 45.99
CA ALA E 189 8.92 25.25 44.75
C ALA E 189 8.10 24.29 43.90
N ASN E 190 7.48 23.29 44.51
CA ASN E 190 6.69 22.33 43.74
C ASN E 190 5.38 22.95 43.22
N THR E 191 4.88 23.96 43.92
CA THR E 191 3.72 24.70 43.42
C THR E 191 4.08 25.42 42.12
N LEU E 192 5.29 25.95 42.07
CA LEU E 192 5.78 26.64 40.89
C LEU E 192 6.08 25.68 39.75
N ILE E 193 6.85 24.62 40.03
CA ILE E 193 7.20 23.63 39.03
C ILE E 193 5.94 23.02 38.42
N SER E 194 4.98 22.66 39.26
CA SER E 194 3.72 22.12 38.78
C SER E 194 3.01 23.10 37.88
N PHE E 195 2.97 24.36 38.30
CA PHE E 195 2.31 25.39 37.52
C PHE E 195 3.00 25.61 36.18
N GLY E 196 4.32 25.75 36.21
CA GLY E 196 5.10 25.92 35.00
C GLY E 196 4.94 24.75 34.04
N ASN E 197 5.01 23.52 34.58
CA ASN E 197 4.82 22.33 33.77
C ASN E 197 3.49 22.31 33.07
N SER E 198 2.43 22.65 33.80
CA SER E 198 1.09 22.69 33.22
C SER E 198 1.05 23.67 32.05
N LEU E 199 1.67 24.83 32.21
CA LEU E 199 1.73 25.82 31.12
C LEU E 199 2.45 25.24 29.91
N LEU E 200 3.54 24.54 30.16
CA LEU E 200 4.34 23.94 29.08
C LEU E 200 3.51 22.89 28.34
N TYR E 201 2.85 22.01 29.10
CA TYR E 201 1.97 21.00 28.55
C TYR E 201 0.93 21.60 27.61
N THR E 202 0.34 22.71 28.01
CA THR E 202 -0.68 23.36 27.22
C THR E 202 -0.05 23.96 25.96
N THR E 203 1.18 24.44 26.11
CA THR E 203 1.87 25.08 25.00
C THR E 203 2.20 24.07 23.94
N VAL E 204 2.80 22.95 24.34
CA VAL E 204 3.13 21.89 23.42
C VAL E 204 1.85 21.39 22.72
N LEU E 205 0.78 21.26 23.50
CA LEU E 205 -0.51 20.80 22.97
C LEU E 205 -1.04 21.68 21.85
N SER E 206 -1.02 22.99 22.05
CA SER E 206 -1.57 23.89 21.04
C SER E 206 -0.69 23.85 19.80
N LEU E 207 0.61 23.65 19.97
CA LEU E 207 1.51 23.57 18.83
C LEU E 207 1.32 22.28 18.04
N ILE E 208 0.98 21.19 18.74
CA ILE E 208 0.70 19.93 18.07
C ILE E 208 -0.54 20.08 17.18
N TYR E 209 -1.55 20.79 17.68
CA TYR E 209 -2.75 21.06 16.91
C TYR E 209 -2.46 21.86 15.65
N GLN E 210 -1.27 22.47 15.58
CA GLN E 210 -0.87 23.21 14.39
C GLN E 210 -0.07 22.30 13.47
N THR E 211 0.02 21.02 13.82
CA THR E 211 0.73 20.03 12.99
C THR E 211 -0.20 18.94 12.45
N HIS E 212 0.40 17.94 11.83
CA HIS E 212 -0.32 16.79 11.31
C HIS E 212 -0.35 15.66 12.33
N LEU E 213 0.20 15.91 13.51
CA LEU E 213 0.22 14.93 14.59
C LEU E 213 -1.07 14.93 15.38
N ASP E 214 -1.44 13.77 15.91
CA ASP E 214 -2.52 13.70 16.89
C ASP E 214 -1.92 13.56 18.30
N PRO E 215 -2.33 14.47 19.20
CA PRO E 215 -1.86 14.60 20.58
C PRO E 215 -2.30 13.45 21.50
N ARG E 216 -3.29 12.66 21.07
CA ARG E 216 -3.84 11.62 21.93
C ARG E 216 -3.01 10.34 21.97
N ILE E 217 -2.04 10.22 21.07
CA ILE E 217 -1.14 9.07 21.11
C ILE E 217 0.28 9.49 21.44
N GLY E 218 0.75 9.08 22.62
CA GLY E 218 2.14 9.28 23.02
C GLY E 218 2.97 8.00 22.97
N TYR E 219 4.24 8.09 23.37
CA TYR E 219 5.19 7.00 23.21
C TYR E 219 5.92 6.65 24.50
N LEU E 220 6.65 7.63 25.05
CA LEU E 220 7.25 7.46 26.37
C LEU E 220 6.16 7.24 27.42
N HIS E 221 5.13 8.08 27.39
CA HIS E 221 3.94 7.87 28.20
C HIS E 221 3.03 6.84 27.57
N GLU E 222 2.42 6.01 28.41
CA GLU E 222 1.46 5.03 27.93
C GLU E 222 0.27 5.73 27.29
N THR E 223 -0.19 5.23 26.15
CA THR E 223 -1.40 5.81 25.59
C THR E 223 -2.55 5.05 26.22
N ASN E 224 -3.26 5.75 27.09
CA ASN E 224 -4.26 5.19 27.97
C ASN E 224 -5.42 6.18 27.98
N PHE E 225 -6.30 6.10 28.97
CA PHE E 225 -7.54 6.86 28.92
C PHE E 225 -7.35 8.33 29.30
N ARG E 226 -6.10 8.69 29.54
CA ARG E 226 -5.69 10.08 29.66
C ARG E 226 -6.01 10.85 28.39
N ARG E 227 -6.36 12.12 28.52
CA ARG E 227 -6.78 12.91 27.36
C ARG E 227 -5.67 13.12 26.33
N PHE E 228 -4.49 13.53 26.78
CA PHE E 228 -3.38 13.81 25.86
C PHE E 228 -2.08 13.27 26.42
N SER E 229 -1.27 12.67 25.54
CA SER E 229 -0.05 11.95 25.89
C SER E 229 1.17 12.55 25.20
N LEU E 230 1.09 12.64 23.87
CA LEU E 230 2.17 13.17 23.05
C LEU E 230 2.73 14.51 23.55
N ASN E 231 1.87 15.40 24.05
CA ASN E 231 2.34 16.68 24.57
C ASN E 231 3.20 16.48 25.81
N LEU E 232 2.84 15.51 26.64
CA LEU E 232 3.65 15.17 27.80
C LEU E 232 5.03 14.66 27.38
N ASP E 233 5.07 13.81 26.36
CA ASP E 233 6.33 13.30 25.83
C ASP E 233 7.29 14.42 25.41
N ILE E 234 6.81 15.30 24.54
CA ILE E 234 7.64 16.36 23.99
C ILE E 234 8.06 17.38 25.05
N ALA E 235 7.14 17.69 25.97
CA ALA E 235 7.43 18.63 27.06
C ALA E 235 8.64 18.22 27.91
N GLU E 236 8.94 16.92 27.93
CA GLU E 236 10.06 16.42 28.73
C GLU E 236 11.39 17.05 28.29
N LEU E 237 11.46 17.44 27.02
CA LEU E 237 12.68 18.02 26.48
C LEU E 237 12.89 19.46 26.93
N PHE E 238 11.78 20.17 27.10
CA PHE E 238 11.84 21.61 27.32
C PHE E 238 11.64 22.07 28.76
N LYS E 239 11.44 21.12 29.67
CA LYS E 239 11.22 21.44 31.07
C LYS E 239 12.39 22.24 31.70
N PRO E 240 13.65 21.84 31.43
CA PRO E 240 14.73 22.67 31.97
C PRO E 240 14.80 24.11 31.42
N ALA E 241 14.76 24.26 30.11
CA ALA E 241 15.02 25.58 29.49
C ALA E 241 13.88 26.57 29.71
N VAL E 242 12.66 26.05 29.82
CA VAL E 242 11.51 26.91 30.05
C VAL E 242 11.13 26.98 31.52
N VAL E 243 10.64 25.88 32.06
CA VAL E 243 10.13 25.83 33.43
C VAL E 243 11.21 26.05 34.51
N ASP E 244 12.31 25.30 34.42
CA ASP E 244 13.32 25.32 35.48
C ASP E 244 14.12 26.63 35.49
N ARG E 245 14.51 27.11 34.32
CA ARG E 245 15.17 28.39 34.21
C ARG E 245 14.30 29.48 34.82
N LEU E 246 13.00 29.41 34.54
CA LEU E 246 12.05 30.39 35.06
C LEU E 246 11.91 30.27 36.57
N PHE E 247 11.90 29.04 37.07
CA PHE E 247 11.76 28.79 38.50
C PHE E 247 12.92 29.37 39.30
N LEU E 248 14.14 29.09 38.84
CA LEU E 248 15.34 29.62 39.48
C LEU E 248 15.37 31.14 39.43
N ASN E 249 15.19 31.70 38.24
CA ASN E 249 15.26 33.14 38.04
C ASN E 249 14.27 33.89 38.91
N LEU E 250 13.05 33.38 38.99
CA LEU E 250 12.00 34.09 39.73
C LEU E 250 12.17 34.02 41.25
N VAL E 251 12.58 32.87 41.79
CA VAL E 251 12.72 32.74 43.25
C VAL E 251 14.01 33.37 43.75
N ASN E 252 15.05 33.36 42.93
CA ASN E 252 16.33 33.95 43.32
C ASN E 252 16.33 35.46 43.20
N THR E 253 15.48 36.03 42.35
CA THR E 253 15.39 37.48 42.26
C THR E 253 14.25 38.01 43.14
N ARG E 254 13.58 37.09 43.81
CA ARG E 254 12.45 37.40 44.69
C ARG E 254 11.30 38.06 43.94
N GLN E 255 11.24 37.86 42.63
CA GLN E 255 10.08 38.29 41.86
C GLN E 255 8.90 37.46 42.31
N ILE E 256 9.18 36.19 42.55
CA ILE E 256 8.25 35.29 43.21
C ILE E 256 8.77 35.03 44.62
N ASN E 257 7.94 35.29 45.62
CA ASN E 257 8.27 34.93 46.99
C ASN E 257 7.03 34.55 47.79
N GLU E 258 7.21 34.42 49.10
CA GLU E 258 6.17 33.90 49.98
C GLU E 258 4.89 34.73 49.98
N LYS E 259 4.96 35.97 49.52
CA LYS E 259 3.77 36.82 49.48
C LYS E 259 2.81 36.39 48.38
N HIS E 260 3.28 35.51 47.49
CA HIS E 260 2.51 35.08 46.33
C HIS E 260 1.73 33.77 46.51
N PHE E 261 1.74 33.22 47.72
CA PHE E 261 1.07 31.93 47.95
C PHE E 261 -0.03 31.98 49.01
N ASP E 262 -1.03 31.11 48.85
CA ASP E 262 -2.12 30.96 49.83
C ASP E 262 -2.27 29.50 50.27
N GLU E 263 -2.75 29.27 51.49
CA GLU E 263 -2.84 27.91 52.01
C GLU E 263 -4.08 27.14 51.54
N ILE E 264 -5.14 27.84 51.14
CA ILE E 264 -6.38 27.18 50.74
C ILE E 264 -6.26 26.50 49.37
N LEU E 268 -2.13 24.50 49.19
CA LEU E 268 -1.14 25.54 48.86
C LEU E 268 -1.18 25.89 47.38
N MET E 269 -1.51 27.15 47.08
CA MET E 269 -1.69 27.58 45.70
C MET E 269 -1.04 28.94 45.43
N LEU E 270 -0.72 29.19 44.17
CA LEU E 270 -0.21 30.47 43.70
C LEU E 270 -1.37 31.45 43.55
N ASN E 271 -1.30 32.60 44.20
CA ASN E 271 -2.39 33.59 44.04
C ASN E 271 -2.36 34.23 42.65
N ASP E 272 -3.45 34.89 42.29
CA ASP E 272 -3.63 35.50 40.98
C ASP E 272 -2.48 36.41 40.53
N GLU E 273 -1.96 37.25 41.44
CA GLU E 273 -0.80 38.07 41.11
C GLU E 273 0.41 37.19 40.83
N GLY E 274 0.63 36.19 41.68
CA GLY E 274 1.72 35.25 41.48
C GLY E 274 1.58 34.48 40.18
N LYS E 275 0.33 34.19 39.79
CA LYS E 275 0.09 33.50 38.54
C LYS E 275 0.39 34.42 37.36
N SER E 276 -0.10 35.66 37.43
CA SER E 276 0.09 36.60 36.32
C SER E 276 1.57 36.86 36.07
N LEU E 277 2.31 37.14 37.14
CA LEU E 277 3.75 37.36 37.02
C LEU E 277 4.44 36.15 36.39
N PHE E 278 4.03 34.96 36.79
CA PHE E 278 4.64 33.76 36.26
C PHE E 278 4.29 33.58 34.77
N VAL E 279 3.03 33.82 34.44
CA VAL E 279 2.54 33.61 33.08
C VAL E 279 3.21 34.58 32.09
N LYS E 280 3.28 35.85 32.48
CA LYS E 280 3.95 36.85 31.66
C LYS E 280 5.42 36.50 31.40
N ASN E 281 6.13 36.15 32.47
CA ASN E 281 7.53 35.73 32.35
C ASN E 281 7.67 34.49 31.51
N TYR E 282 6.73 33.56 31.69
CA TYR E 282 6.68 32.34 30.89
C TYR E 282 6.54 32.67 29.43
N GLU E 283 5.59 33.54 29.11
CA GLU E 283 5.32 33.87 27.72
C GLU E 283 6.51 34.62 27.14
N GLN E 284 7.25 35.28 28.01
CA GLN E 284 8.48 35.92 27.62
C GLN E 284 9.56 34.87 27.35
N ALA E 285 9.53 33.78 28.10
CA ALA E 285 10.54 32.74 27.95
C ALA E 285 10.43 32.05 26.60
N LEU E 286 9.20 31.81 26.15
CA LEU E 286 8.97 31.14 24.88
C LEU E 286 9.45 31.98 23.70
N ARG E 287 9.52 33.30 23.87
CA ARG E 287 10.03 34.17 22.81
C ARG E 287 11.54 34.34 22.90
N GLU E 288 12.13 33.94 24.02
CA GLU E 288 13.57 34.08 24.21
C GLU E 288 14.32 33.15 23.27
N THR E 289 15.39 33.67 22.69
CA THR E 289 16.15 32.93 21.69
C THR E 289 17.42 32.30 22.27
N VAL E 290 17.71 31.07 21.83
CA VAL E 290 18.94 30.39 22.20
C VAL E 290 19.68 29.93 20.94
N PHE E 291 20.99 29.73 21.07
CA PHE E 291 21.81 29.28 19.95
C PHE E 291 21.64 27.80 19.68
N HIS E 292 21.28 27.48 18.44
CA HIS E 292 21.21 26.10 17.99
C HIS E 292 22.32 25.86 16.98
N LYS E 293 23.30 25.06 17.39
CA LYS E 293 24.51 24.84 16.61
C LYS E 293 24.24 24.07 15.32
N LYS E 294 23.23 23.21 15.34
CA LYS E 294 22.91 22.40 14.16
C LYS E 294 22.46 23.28 13.00
N LEU E 295 21.70 24.32 13.30
CA LEU E 295 21.34 25.29 12.27
C LEU E 295 22.30 26.49 12.25
N ASN E 296 23.17 26.57 13.27
CA ASN E 296 24.11 27.67 13.40
C ASN E 296 23.37 29.02 13.46
N ARG E 297 22.23 29.04 14.15
CA ARG E 297 21.45 30.27 14.31
C ARG E 297 20.78 30.37 15.68
N TYR E 298 20.03 31.45 15.87
CA TYR E 298 19.24 31.63 17.07
C TYR E 298 17.76 31.44 16.75
N VAL E 299 17.11 30.62 17.56
CA VAL E 299 15.69 30.36 17.40
C VAL E 299 14.99 30.56 18.74
N SER E 300 13.71 30.90 18.69
CA SER E 300 12.92 31.02 19.90
C SER E 300 12.62 29.62 20.44
N MET E 301 12.28 29.53 21.71
CA MET E 301 11.95 28.26 22.32
C MET E 301 10.70 27.66 21.67
N ARG E 302 9.78 28.52 21.25
CA ARG E 302 8.58 28.05 20.58
C ARG E 302 8.92 27.40 19.26
N SER E 303 9.97 27.89 18.61
CA SER E 303 10.41 27.30 17.36
C SER E 303 11.09 25.96 17.63
N LEU E 304 11.83 25.88 18.72
CA LEU E 304 12.48 24.63 19.10
C LEU E 304 11.48 23.52 19.32
N ILE E 305 10.36 23.85 19.96
CA ILE E 305 9.29 22.89 20.20
C ILE E 305 8.67 22.51 18.84
N LYS E 306 8.42 23.53 18.03
CA LYS E 306 7.91 23.33 16.68
C LYS E 306 8.80 22.37 15.90
N MET E 307 10.11 22.58 16.00
CA MET E 307 11.09 21.80 15.25
C MET E 307 11.10 20.34 15.68
N GLU E 308 10.97 20.13 16.99
CA GLU E 308 10.96 18.78 17.54
C GLU E 308 9.74 18.01 17.07
N LEU E 309 8.62 18.71 16.98
CA LEU E 309 7.39 18.13 16.45
C LEU E 309 7.54 17.75 14.99
N HIS E 310 8.21 18.60 14.23
CA HIS E 310 8.43 18.32 12.82
C HIS E 310 9.39 17.14 12.65
N LYS E 311 10.30 16.99 13.61
CA LYS E 311 11.25 15.87 13.61
C LYS E 311 10.51 14.56 13.80
N LEU E 312 9.49 14.58 14.64
CA LEU E 312 8.69 13.39 14.88
C LEU E 312 7.86 13.07 13.65
N GLU E 313 7.35 14.12 13.02
CA GLU E 313 6.56 13.98 11.79
C GLU E 313 7.38 13.29 10.70
N LYS E 314 8.60 13.75 10.52
CA LYS E 314 9.45 13.19 9.50
C LYS E 314 9.80 11.75 9.83
N HIS E 315 10.06 11.48 11.11
CA HIS E 315 10.34 10.12 11.57
C HIS E 315 9.18 9.17 11.24
N LEU E 316 7.96 9.61 11.55
CA LEU E 316 6.79 8.76 11.37
C LEU E 316 6.56 8.36 9.92
N ILE E 317 6.90 9.23 8.98
CA ILE E 317 6.67 8.92 7.56
C ILE E 317 7.88 8.32 6.86
N GLY E 318 8.96 8.07 7.60
CA GLY E 318 10.11 7.38 7.02
C GLY E 318 11.17 8.28 6.42
N GLU E 319 10.81 9.55 6.20
CA GLU E 319 11.75 10.57 5.76
C GLU E 319 12.60 11.02 6.95
N GLN E 320 13.93 10.90 6.84
CA GLN E 320 14.82 11.24 7.95
C GLN E 320 14.40 10.58 9.26
N VAL E 321 14.44 9.25 9.28
CA VAL E 321 14.19 8.50 10.50
C VAL E 321 15.30 8.83 11.50
N PHE E 322 14.96 8.81 12.79
CA PHE E 322 15.85 9.21 13.88
C PHE E 322 17.30 8.74 13.72
N LEU F 3 2.97 32.20 5.48
CA LEU F 3 3.04 31.11 4.53
C LEU F 3 4.03 30.03 4.93
N TYR F 4 3.55 28.83 5.15
CA TYR F 4 4.39 27.76 5.63
C TYR F 4 4.50 26.61 4.68
N PHE F 5 5.71 26.27 4.35
CA PHE F 5 5.96 25.18 3.43
C PHE F 5 6.20 23.85 4.15
N GLN F 6 5.46 22.82 3.73
CA GLN F 6 5.50 21.53 4.40
C GLN F 6 6.25 20.50 3.59
N GLY F 7 7.38 20.07 4.12
CA GLY F 7 8.14 19.03 3.49
C GLY F 7 9.59 19.33 3.75
N MET F 8 10.47 18.59 3.10
CA MET F 8 11.87 18.92 3.19
C MET F 8 12.18 19.88 2.05
N GLU F 9 13.41 20.35 1.95
CA GLU F 9 13.75 21.39 0.98
C GLU F 9 14.83 21.02 0.00
N SER F 10 14.82 21.71 -1.13
CA SER F 10 15.92 21.63 -2.09
C SER F 10 16.66 22.96 -2.06
N VAL F 11 17.98 22.88 -1.88
CA VAL F 11 18.80 24.07 -1.92
C VAL F 11 19.33 24.29 -3.33
N TYR F 12 19.02 25.45 -3.87
CA TYR F 12 19.54 25.86 -5.17
C TYR F 12 20.77 26.76 -4.98
N LEU F 13 21.91 26.32 -5.45
CA LEU F 13 23.10 27.15 -5.38
C LEU F 13 23.41 27.72 -6.75
N PHE F 14 23.18 29.02 -6.89
CA PHE F 14 23.53 29.70 -8.13
C PHE F 14 24.90 30.33 -8.04
N SER F 15 25.46 30.33 -6.83
CA SER F 15 26.71 31.04 -6.59
C SER F 15 27.93 30.14 -6.71
N SER F 16 28.97 30.67 -7.33
CA SER F 16 30.25 29.96 -7.43
C SER F 16 31.04 30.06 -6.12
N GLY F 17 31.93 29.10 -5.91
CA GLY F 17 32.76 29.11 -4.71
C GLY F 17 33.28 27.72 -4.35
N THR F 18 33.62 27.54 -3.08
CA THR F 18 34.06 26.25 -2.59
C THR F 18 33.07 25.69 -1.58
N LEU F 19 32.73 24.40 -1.71
CA LEU F 19 31.84 23.75 -0.76
C LEU F 19 32.68 23.07 0.32
N LYS F 20 32.33 23.34 1.58
CA LYS F 20 33.23 22.98 2.67
C LYS F 20 32.55 22.44 3.93
N ARG F 21 33.36 21.80 4.77
CA ARG F 21 32.96 21.30 6.09
C ARG F 21 31.84 20.26 6.00
N THR F 25 28.39 22.77 10.06
CA THR F 25 27.57 22.40 8.90
C THR F 25 28.33 22.69 7.61
N ILE F 26 27.63 22.82 6.47
CA ILE F 26 28.32 23.10 5.21
C ILE F 26 28.22 24.55 4.73
N CYS F 27 29.31 25.00 4.11
CA CYS F 27 29.47 26.39 3.72
C CYS F 27 29.71 26.47 2.22
N LEU F 28 29.27 27.56 1.60
CA LEU F 28 29.76 27.90 0.28
C LEU F 28 30.63 29.13 0.42
N GLU F 29 31.94 28.97 0.21
CA GLU F 29 32.84 30.09 0.36
C GLU F 29 33.01 30.77 -0.98
N THR F 30 32.47 31.97 -1.09
CA THR F 30 32.53 32.75 -2.31
C THR F 30 33.60 33.82 -2.16
N GLU F 31 33.79 34.61 -3.20
CA GLU F 31 34.70 35.74 -3.14
C GLU F 31 34.10 36.83 -2.27
N SER F 32 32.80 36.70 -2.04
CA SER F 32 32.04 37.63 -1.20
C SER F 32 31.98 37.17 0.25
N GLY F 33 32.61 36.03 0.54
CA GLY F 33 32.55 35.43 1.87
C GLY F 33 31.66 34.20 1.95
N ARG F 34 31.43 33.70 3.16
CA ARG F 34 30.76 32.41 3.36
C ARG F 34 29.23 32.47 3.35
N LYS F 35 28.63 31.54 2.61
CA LYS F 35 27.19 31.30 2.66
C LYS F 35 26.92 30.01 3.44
N TYR F 36 26.15 30.13 4.51
CA TYR F 36 25.86 28.99 5.38
C TYR F 36 24.50 28.36 5.07
N ILE F 37 24.54 27.09 4.66
CA ILE F 37 23.31 26.36 4.36
C ILE F 37 23.11 25.17 5.31
N PRO F 38 22.11 25.27 6.19
CA PRO F 38 21.77 24.16 7.10
C PRO F 38 21.25 22.93 6.35
N VAL F 39 21.65 21.75 6.81
CA VAL F 39 21.24 20.52 6.16
C VAL F 39 19.97 19.93 6.78
N GLU F 40 19.51 20.54 7.87
CA GLU F 40 18.44 20.00 8.70
C GLU F 40 17.21 19.54 7.92
N ASN F 41 16.55 20.47 7.24
CA ASN F 41 15.36 20.15 6.47
C ASN F 41 15.64 19.86 4.99
N VAL F 42 16.91 19.80 4.62
CA VAL F 42 17.28 19.65 3.22
C VAL F 42 17.31 18.20 2.74
N MET F 43 16.44 17.87 1.77
CA MET F 43 16.49 16.57 1.10
C MET F 43 17.51 16.51 -0.06
N ASP F 44 17.77 17.63 -0.72
CA ASP F 44 18.79 17.65 -1.78
C ASP F 44 19.38 19.03 -2.05
N ILE F 45 20.51 19.04 -2.73
CA ILE F 45 21.17 20.28 -3.13
C ILE F 45 21.36 20.31 -4.64
N LYS F 46 20.98 21.43 -5.27
CA LYS F 46 21.15 21.61 -6.70
C LYS F 46 22.16 22.72 -7.02
N VAL F 47 23.27 22.36 -7.66
CA VAL F 47 24.32 23.32 -7.96
C VAL F 47 24.34 23.81 -9.40
N PHE F 48 23.97 25.07 -9.62
CA PHE F 48 24.08 25.70 -10.93
C PHE F 48 25.36 26.50 -11.14
N GLY F 49 26.12 26.71 -10.08
CA GLY F 49 27.29 27.57 -10.14
C GLY F 49 28.54 26.78 -10.41
N GLU F 50 29.67 27.48 -10.55
CA GLU F 50 30.94 26.78 -10.70
C GLU F 50 31.55 26.61 -9.32
N VAL F 51 31.59 25.38 -8.86
CA VAL F 51 31.97 25.11 -7.48
C VAL F 51 33.13 24.13 -7.40
N ASP F 52 33.99 24.34 -6.42
CA ASP F 52 35.02 23.38 -6.10
C ASP F 52 34.63 22.66 -4.81
N LEU F 53 34.84 21.36 -4.83
CA LEU F 53 34.51 20.51 -3.70
C LEU F 53 35.51 19.39 -3.68
N ASN F 54 35.20 18.39 -2.87
CA ASN F 54 36.13 17.34 -2.51
C ASN F 54 35.51 16.27 -1.61
N LYS F 55 36.26 15.21 -1.36
CA LYS F 55 35.68 14.02 -0.79
C LYS F 55 35.32 14.23 0.69
N ARG F 56 35.92 15.22 1.34
CA ARG F 56 35.50 15.67 2.67
C ARG F 56 34.01 15.92 2.66
N PHE F 57 33.61 16.79 1.74
CA PHE F 57 32.25 17.27 1.62
C PHE F 57 31.28 16.18 1.13
N LEU F 58 31.72 15.34 0.21
CA LEU F 58 30.86 14.28 -0.32
C LEU F 58 30.54 13.26 0.78
N GLU F 59 31.56 12.90 1.55
CA GLU F 59 31.35 12.04 2.71
C GLU F 59 30.36 12.66 3.68
N PHE F 60 30.43 13.97 3.87
CA PHE F 60 29.50 14.65 4.79
C PHE F 60 28.07 14.54 4.28
N LEU F 61 27.86 14.95 3.04
CA LEU F 61 26.55 14.81 2.40
C LEU F 61 26.08 13.36 2.46
N SER F 62 27.03 12.44 2.38
CA SER F 62 26.71 11.02 2.38
C SER F 62 26.11 10.59 3.72
N GLN F 63 26.75 10.95 4.84
CA GLN F 63 26.21 10.59 6.15
C GLN F 63 24.95 11.36 6.49
N LYS F 64 24.73 12.49 5.83
CA LYS F 64 23.49 13.23 6.01
C LYS F 64 22.43 12.74 5.03
N ARG F 65 22.82 11.80 4.19
CA ARG F 65 21.93 11.18 3.21
C ARG F 65 21.37 12.18 2.20
N ILE F 66 22.19 13.16 1.86
CA ILE F 66 21.77 14.23 0.95
C ILE F 66 22.45 14.19 -0.40
N PRO F 67 21.66 13.94 -1.47
CA PRO F 67 22.19 13.93 -2.83
C PRO F 67 22.47 15.35 -3.32
N ILE F 68 23.39 15.48 -4.27
CA ILE F 68 23.65 16.79 -4.85
C ILE F 68 23.62 16.66 -6.38
N HIS F 69 22.74 17.45 -6.99
CA HIS F 69 22.55 17.42 -8.43
C HIS F 69 23.33 18.55 -9.09
N PHE F 70 24.01 18.22 -10.18
CA PHE F 70 24.85 19.19 -10.86
C PHE F 70 24.27 19.58 -12.23
N PHE F 71 24.27 20.88 -12.50
CA PHE F 71 23.77 21.45 -13.75
C PHE F 71 24.83 22.37 -14.32
N ASN F 72 24.94 22.46 -15.65
CA ASN F 72 25.95 23.32 -16.24
C ASN F 72 25.48 24.78 -16.29
N ARG F 73 26.26 25.64 -16.96
CA ARG F 73 25.96 27.06 -17.09
C ARG F 73 24.53 27.31 -17.57
N GLU F 74 24.21 26.81 -18.77
CA GLU F 74 22.88 26.98 -19.35
C GLU F 74 21.82 26.16 -18.63
N GLY F 75 22.23 25.34 -17.68
CA GLY F 75 21.28 24.72 -16.75
C GLY F 75 20.87 23.31 -17.10
N TYR F 76 21.57 22.70 -18.05
CA TYR F 76 21.27 21.32 -18.41
C TYR F 76 21.92 20.40 -17.39
N TYR F 77 21.25 19.29 -17.10
CA TYR F 77 21.65 18.44 -16.00
C TYR F 77 22.81 17.54 -16.40
N VAL F 78 23.97 17.71 -15.75
CA VAL F 78 25.12 16.86 -16.01
C VAL F 78 25.15 15.55 -15.22
N GLY F 79 24.54 15.53 -14.04
CA GLY F 79 24.60 14.35 -13.19
C GLY F 79 24.38 14.61 -11.70
N THR F 80 24.38 13.53 -10.92
CA THR F 80 24.08 13.61 -9.49
C THR F 80 25.03 12.74 -8.67
N PHE F 81 25.44 13.25 -7.51
CA PHE F 81 26.15 12.43 -6.54
C PHE F 81 25.12 11.80 -5.61
N TYR F 82 25.00 10.47 -5.70
CA TYR F 82 24.09 9.71 -4.85
C TYR F 82 24.87 9.04 -3.74
N PRO F 83 24.52 9.33 -2.48
CA PRO F 83 25.14 8.61 -1.37
C PRO F 83 24.72 7.14 -1.38
N ARG F 84 25.45 6.29 -0.66
CA ARG F 84 25.10 4.88 -0.53
C ARG F 84 23.62 4.71 -0.17
N GLU F 85 23.14 5.56 0.73
CA GLU F 85 21.73 5.67 1.05
C GLU F 85 21.38 7.15 1.19
N TYR F 86 20.27 7.56 0.60
CA TYR F 86 19.88 8.97 0.65
C TYR F 86 18.42 9.11 1.03
N LEU F 87 18.06 10.31 1.49
CA LEU F 87 16.69 10.63 1.88
C LEU F 87 15.76 10.40 0.71
N ASN F 88 14.51 10.04 0.99
CA ASN F 88 13.56 9.68 -0.06
C ASN F 88 13.48 10.80 -1.08
N SER F 89 13.72 10.43 -2.34
CA SER F 89 13.83 11.41 -3.41
C SER F 89 12.47 11.83 -3.95
N GLY F 90 11.44 11.05 -3.63
CA GLY F 90 10.11 11.30 -4.14
C GLY F 90 10.03 11.13 -5.65
N PHE F 91 11.00 10.40 -6.21
CA PHE F 91 11.04 10.11 -7.65
C PHE F 91 9.74 9.43 -8.11
N LEU F 92 9.12 9.99 -9.14
CA LEU F 92 7.74 9.66 -9.49
C LEU F 92 7.56 8.56 -10.54
N ILE F 93 8.66 7.94 -10.96
CA ILE F 93 8.64 7.04 -12.11
C ILE F 93 7.61 5.90 -12.01
N LEU F 94 7.42 5.33 -10.82
CA LEU F 94 6.48 4.23 -10.65
C LEU F 94 5.06 4.75 -10.77
N LYS F 95 4.81 5.90 -10.17
CA LYS F 95 3.50 6.53 -10.27
C LYS F 95 3.24 6.95 -11.71
N GLN F 96 4.30 7.35 -12.41
CA GLN F 96 4.19 7.69 -13.83
C GLN F 96 3.81 6.48 -14.69
N ALA F 97 4.43 5.33 -14.43
CA ALA F 97 4.07 4.11 -15.14
C ALA F 97 2.63 3.72 -14.85
N GLU F 98 2.26 3.77 -13.57
CA GLU F 98 0.91 3.44 -13.13
C GLU F 98 -0.12 4.31 -13.86
N HIS F 99 0.22 5.58 -14.05
CA HIS F 99 -0.71 6.49 -14.70
C HIS F 99 -0.72 6.32 -16.22
N TYR F 100 0.36 5.75 -16.76
CA TYR F 100 0.40 5.45 -18.19
C TYR F 100 -0.41 4.21 -18.59
N ILE F 101 -0.21 3.10 -17.87
CA ILE F 101 -0.76 1.81 -18.31
C ILE F 101 -2.24 1.68 -17.98
N ASN F 102 -2.72 2.52 -17.06
CA ASN F 102 -4.15 2.61 -16.79
C ASN F 102 -4.68 3.68 -17.75
N GLN F 103 -5.58 3.29 -18.66
CA GLN F 103 -5.97 4.19 -19.73
C GLN F 103 -6.85 5.34 -19.24
N GLU F 104 -7.62 5.12 -18.19
CA GLU F 104 -8.44 6.19 -17.63
C GLU F 104 -7.54 7.25 -17.02
N LYS F 105 -6.56 6.81 -16.23
CA LYS F 105 -5.59 7.73 -15.64
C LYS F 105 -4.75 8.43 -16.70
N ARG F 106 -4.49 7.72 -17.79
CA ARG F 106 -3.68 8.28 -18.88
C ARG F 106 -4.49 9.30 -19.67
N MET F 107 -5.72 8.94 -20.00
CA MET F 107 -6.60 9.83 -20.73
C MET F 107 -6.79 11.12 -19.97
N LEU F 108 -6.93 10.98 -18.66
CA LEU F 108 -7.14 12.12 -17.77
C LEU F 108 -6.00 13.13 -17.95
N ILE F 109 -4.78 12.64 -17.96
CA ILE F 109 -3.60 13.50 -18.13
C ILE F 109 -3.50 14.03 -19.56
N ALA F 110 -3.69 13.15 -20.54
CA ALA F 110 -3.59 13.55 -21.95
C ALA F 110 -4.62 14.61 -22.32
N ARG F 111 -5.87 14.37 -21.93
CA ARG F 111 -6.94 15.30 -22.19
C ARG F 111 -6.68 16.63 -21.47
N GLU F 112 -5.94 16.58 -20.35
CA GLU F 112 -5.53 17.80 -19.65
C GLU F 112 -4.54 18.59 -20.50
N ILE F 113 -3.55 17.90 -21.06
CA ILE F 113 -2.57 18.52 -21.95
C ILE F 113 -3.26 19.17 -23.14
N VAL F 114 -4.19 18.43 -23.74
CA VAL F 114 -4.86 18.88 -24.96
C VAL F 114 -5.74 20.09 -24.68
N SER F 115 -6.45 20.05 -23.56
CA SER F 115 -7.37 21.10 -23.18
C SER F 115 -6.64 22.43 -23.05
N ARG F 116 -5.50 22.40 -22.38
CA ARG F 116 -4.74 23.63 -22.14
C ARG F 116 -4.00 24.07 -23.40
N SER F 117 -3.59 23.12 -24.23
CA SER F 117 -2.99 23.45 -25.52
C SER F 117 -3.97 24.24 -26.39
N PHE F 118 -5.19 23.72 -26.50
CA PHE F 118 -6.24 24.38 -27.28
C PHE F 118 -6.54 25.75 -26.70
N GLN F 119 -6.63 25.80 -25.38
CA GLN F 119 -6.94 27.03 -24.66
C GLN F 119 -5.89 28.09 -24.96
N ASN F 120 -4.64 27.67 -25.02
CA ASN F 120 -3.54 28.58 -25.33
C ASN F 120 -3.52 29.00 -26.78
N MET F 121 -3.80 28.06 -27.69
CA MET F 121 -3.92 28.38 -29.12
C MET F 121 -5.00 29.45 -29.29
N VAL F 122 -6.17 29.19 -28.71
CA VAL F 122 -7.31 30.09 -28.82
C VAL F 122 -7.01 31.48 -28.24
N ASP F 123 -6.29 31.53 -27.13
CA ASP F 123 -5.92 32.79 -26.51
C ASP F 123 -4.94 33.56 -27.39
N PHE F 124 -4.02 32.84 -28.02
CA PHE F 124 -3.02 33.45 -28.88
C PHE F 124 -3.70 34.14 -30.06
N LEU F 125 -4.69 33.47 -30.65
CA LEU F 125 -5.38 34.02 -31.80
C LEU F 125 -6.27 35.21 -31.43
N LYS F 126 -7.02 35.07 -30.34
CA LYS F 126 -7.96 36.11 -29.92
C LYS F 126 -7.28 37.41 -29.52
N LYS F 127 -6.13 37.31 -28.88
CA LYS F 127 -5.36 38.49 -28.48
C LYS F 127 -4.97 39.30 -29.72
N ARG F 128 -4.70 38.59 -30.81
CA ARG F 128 -4.29 39.21 -32.06
C ARG F 128 -5.46 39.45 -33.02
N LYS F 129 -6.68 39.20 -32.55
CA LYS F 129 -7.92 39.47 -33.30
C LYS F 129 -8.09 38.60 -34.55
N VAL F 130 -7.72 37.32 -34.42
CA VAL F 130 -8.01 36.32 -35.44
C VAL F 130 -9.13 35.42 -34.91
N ARG F 131 -10.00 34.92 -35.80
CA ARG F 131 -11.00 33.93 -35.40
C ARG F 131 -10.36 32.70 -34.76
N ALA F 132 -10.87 32.32 -33.59
CA ALA F 132 -10.52 31.03 -32.99
C ALA F 132 -11.57 29.95 -33.25
N ASP F 133 -12.63 30.29 -33.98
CA ASP F 133 -13.83 29.45 -34.04
C ASP F 133 -13.65 28.15 -34.82
N SER F 134 -12.78 28.16 -35.83
CA SER F 134 -12.51 26.95 -36.60
C SER F 134 -11.91 25.86 -35.71
N LEU F 135 -11.21 26.26 -34.65
CA LEU F 135 -10.62 25.34 -33.69
C LEU F 135 -11.66 24.65 -32.81
N THR F 136 -12.86 25.23 -32.73
CA THR F 136 -13.89 24.76 -31.81
C THR F 136 -14.27 23.30 -32.09
N ARG F 137 -14.36 22.96 -33.37
CA ARG F 137 -14.69 21.59 -33.77
C ARG F 137 -13.68 20.57 -33.22
N TYR F 138 -12.41 20.93 -33.25
CA TYR F 138 -11.36 20.05 -32.73
C TYR F 138 -11.51 19.87 -31.23
N LYS F 139 -11.88 20.94 -30.54
CA LYS F 139 -12.11 20.86 -29.10
C LYS F 139 -13.22 19.86 -28.81
N LYS F 140 -14.30 19.94 -29.58
CA LYS F 140 -15.42 19.04 -29.41
C LYS F 140 -14.94 17.60 -29.56
N LYS F 141 -14.26 17.32 -30.67
CA LYS F 141 -13.80 15.95 -30.94
C LYS F 141 -12.81 15.43 -29.90
N ALA F 142 -11.95 16.31 -29.38
CA ALA F 142 -11.06 15.94 -28.29
C ALA F 142 -11.82 15.50 -27.06
N GLU F 143 -12.98 16.13 -26.82
CA GLU F 143 -13.80 15.79 -25.68
C GLU F 143 -14.45 14.42 -25.84
N GLU F 144 -14.86 14.09 -27.07
CA GLU F 144 -15.62 12.85 -27.28
C GLU F 144 -14.72 11.66 -27.63
N ALA F 145 -13.41 11.90 -27.72
CA ALA F 145 -12.45 10.84 -28.01
C ALA F 145 -12.41 9.81 -26.88
N SER F 146 -12.46 8.53 -27.24
CA SER F 146 -12.38 7.47 -26.23
C SER F 146 -10.98 6.84 -26.05
N ASN F 147 -10.01 7.23 -26.87
CA ASN F 147 -8.64 6.74 -26.68
C ASN F 147 -7.56 7.76 -27.11
N VAL F 148 -6.40 7.64 -26.49
CA VAL F 148 -5.36 8.66 -26.58
C VAL F 148 -4.74 8.80 -27.98
N SER F 149 -4.71 7.71 -28.75
CA SER F 149 -4.14 7.78 -30.09
C SER F 149 -4.95 8.74 -30.96
N GLU F 150 -6.27 8.71 -30.80
CA GLU F 150 -7.15 9.66 -31.49
C GLU F 150 -6.81 11.06 -31.05
N LEU F 151 -6.53 11.18 -29.75
CA LEU F 151 -6.31 12.47 -29.11
C LEU F 151 -5.07 13.18 -29.65
N MET F 152 -3.99 12.43 -29.86
CA MET F 152 -2.78 13.00 -30.45
C MET F 152 -3.05 13.44 -31.89
N GLY F 153 -3.93 12.72 -32.56
CA GLY F 153 -4.27 13.06 -33.94
C GLY F 153 -5.08 14.34 -33.96
N ILE F 154 -6.04 14.43 -33.06
CA ILE F 154 -6.91 15.60 -32.99
C ILE F 154 -6.08 16.83 -32.63
N GLU F 155 -5.18 16.68 -31.66
CA GLU F 155 -4.31 17.78 -31.25
C GLU F 155 -3.40 18.23 -32.39
N GLY F 156 -2.85 17.26 -33.12
CA GLY F 156 -2.02 17.56 -34.28
C GLY F 156 -2.75 18.34 -35.36
N ASN F 157 -3.96 17.90 -35.71
CA ASN F 157 -4.74 18.58 -36.75
C ASN F 157 -5.21 19.96 -36.33
N ALA F 158 -5.48 20.13 -35.05
CA ALA F 158 -5.89 21.43 -34.52
C ALA F 158 -4.72 22.40 -34.65
N ARG F 159 -3.53 21.91 -34.31
CA ARG F 159 -2.32 22.72 -34.42
C ARG F 159 -2.09 23.14 -35.87
N GLU F 160 -2.33 22.22 -36.79
CA GLU F 160 -2.12 22.48 -38.21
C GLU F 160 -3.08 23.58 -38.67
N GLU F 161 -4.32 23.50 -38.20
CA GLU F 161 -5.33 24.51 -38.44
C GLU F 161 -4.96 25.84 -37.81
N TYR F 162 -4.40 25.77 -36.60
CA TYR F 162 -3.95 26.96 -35.90
C TYR F 162 -2.83 27.64 -36.69
N TYR F 163 -1.83 26.86 -37.13
CA TYR F 163 -0.74 27.39 -37.95
C TYR F 163 -1.25 28.08 -39.21
N SER F 164 -2.32 27.52 -39.77
CA SER F 164 -2.94 28.08 -40.95
C SER F 164 -3.54 29.45 -40.63
N MET F 165 -3.99 29.62 -39.39
CA MET F 165 -4.55 30.91 -38.96
C MET F 165 -3.46 31.93 -38.64
N ILE F 166 -2.31 31.45 -38.21
CA ILE F 166 -1.18 32.31 -37.90
C ILE F 166 -0.70 33.05 -39.15
N ASP F 167 -0.91 32.43 -40.31
CA ASP F 167 -0.41 32.99 -41.56
C ASP F 167 -1.16 34.23 -42.03
N SER F 168 -2.29 34.54 -41.40
CA SER F 168 -3.00 35.76 -41.73
C SER F 168 -2.32 36.95 -41.07
N LEU F 169 -1.47 36.65 -40.09
CA LEU F 169 -0.72 37.68 -39.36
C LEU F 169 0.68 37.90 -39.96
N VAL F 170 1.03 37.10 -40.96
CA VAL F 170 2.35 37.17 -41.56
C VAL F 170 2.31 38.06 -42.79
N SER F 171 3.01 39.19 -42.72
CA SER F 171 2.95 40.20 -43.79
C SER F 171 3.64 39.73 -45.06
N ASP F 172 4.89 39.30 -44.94
CA ASP F 172 5.65 38.82 -46.08
C ASP F 172 5.20 37.40 -46.46
N GLU F 173 4.77 37.23 -47.71
CA GLU F 173 4.23 35.97 -48.17
C GLU F 173 5.30 34.88 -48.22
N ARG F 174 6.54 35.29 -48.48
CA ARG F 174 7.66 34.38 -48.52
C ARG F 174 7.87 33.68 -47.17
N PHE F 175 7.43 34.35 -46.11
CA PHE F 175 7.56 33.86 -44.75
C PHE F 175 6.30 33.19 -44.17
N ARG F 176 5.28 33.03 -44.99
CA ARG F 176 4.10 32.26 -44.58
C ARG F 176 4.45 30.79 -44.31
N ILE F 177 3.71 30.17 -43.40
CA ILE F 177 3.97 28.78 -43.04
C ILE F 177 3.55 27.85 -44.16
N GLU F 178 2.36 28.09 -44.70
CA GLU F 178 1.85 27.31 -45.83
C GLU F 178 1.78 25.82 -45.48
N LYS F 179 0.84 25.43 -44.62
CA LYS F 179 0.62 24.02 -44.30
C LYS F 179 1.80 23.28 -43.64
N ARG F 180 2.06 23.56 -42.36
CA ARG F 180 2.93 22.70 -41.56
C ARG F 180 2.32 21.34 -41.23
N THR F 181 3.03 20.27 -41.57
CA THR F 181 2.64 18.91 -41.19
C THR F 181 3.73 18.25 -40.36
N ARG F 182 3.55 16.98 -40.04
CA ARG F 182 4.58 16.23 -39.30
C ARG F 182 5.87 16.13 -40.11
N ARG F 183 5.75 16.28 -41.43
CA ARG F 183 6.92 16.48 -42.28
C ARG F 183 6.78 17.83 -42.98
N PRO F 184 7.16 18.91 -42.28
CA PRO F 184 6.99 20.29 -42.76
C PRO F 184 7.65 20.54 -44.10
N PRO F 185 6.99 21.32 -44.96
CA PRO F 185 7.56 21.78 -46.23
C PRO F 185 8.83 22.60 -46.00
N LYS F 186 9.71 22.66 -46.99
CA LYS F 186 10.93 23.43 -46.79
C LYS F 186 10.68 24.85 -47.24
N ASN F 187 10.63 25.73 -46.24
CA ASN F 187 10.49 27.16 -46.46
C ASN F 187 10.99 27.85 -45.20
N PHE F 188 10.96 29.19 -45.19
CA PHE F 188 11.55 29.93 -44.09
C PHE F 188 10.80 29.69 -42.78
N ALA F 189 9.48 29.84 -42.81
CA ALA F 189 8.67 29.75 -41.61
C ALA F 189 8.83 28.42 -40.88
N ASN F 190 8.85 27.32 -41.63
CA ASN F 190 8.97 26.02 -41.00
C ASN F 190 10.36 25.76 -40.44
N THR F 191 11.38 26.35 -41.06
CA THR F 191 12.74 26.23 -40.53
C THR F 191 12.83 26.89 -39.17
N LEU F 192 12.17 28.04 -39.04
CA LEU F 192 12.10 28.77 -37.78
C LEU F 192 11.25 28.05 -36.74
N ILE F 193 10.06 27.60 -37.14
CA ILE F 193 9.18 26.89 -36.22
C ILE F 193 9.83 25.60 -35.72
N SER F 194 10.50 24.87 -36.61
CA SER F 194 11.15 23.63 -36.21
C SER F 194 12.29 23.92 -35.25
N PHE F 195 13.08 24.93 -35.59
CA PHE F 195 14.21 25.32 -34.75
C PHE F 195 13.73 25.75 -33.36
N GLY F 196 12.73 26.62 -33.33
CA GLY F 196 12.14 27.06 -32.09
C GLY F 196 11.56 25.92 -31.28
N ASN F 197 10.92 24.97 -31.95
CA ASN F 197 10.37 23.80 -31.29
C ASN F 197 11.45 22.98 -30.60
N SER F 198 12.57 22.78 -31.30
CA SER F 198 13.75 22.14 -30.75
C SER F 198 14.21 22.79 -29.45
N LEU F 199 14.40 24.11 -29.47
CA LEU F 199 14.82 24.84 -28.29
C LEU F 199 13.84 24.65 -27.15
N LEU F 200 12.55 24.67 -27.47
CA LEU F 200 11.51 24.53 -26.46
C LEU F 200 11.58 23.14 -25.84
N TYR F 201 11.67 22.13 -26.68
CA TYR F 201 11.78 20.74 -26.24
C TYR F 201 12.96 20.55 -25.28
N THR F 202 14.12 21.13 -25.62
CA THR F 202 15.31 20.99 -24.79
C THR F 202 15.12 21.75 -23.47
N THR F 203 14.44 22.89 -23.53
CA THR F 203 14.19 23.72 -22.37
C THR F 203 13.28 23.01 -21.37
N VAL F 204 12.19 22.44 -21.86
CA VAL F 204 11.27 21.70 -21.01
C VAL F 204 11.97 20.46 -20.43
N LEU F 205 12.81 19.83 -21.24
CA LEU F 205 13.56 18.65 -20.81
C LEU F 205 14.46 18.95 -19.61
N SER F 206 15.29 19.97 -19.75
CA SER F 206 16.21 20.36 -18.69
C SER F 206 15.45 20.77 -17.43
N LEU F 207 14.26 21.35 -17.60
CA LEU F 207 13.43 21.69 -16.47
C LEU F 207 12.83 20.45 -15.79
N ILE F 208 12.51 19.43 -16.59
CA ILE F 208 12.02 18.17 -16.03
C ILE F 208 13.07 17.51 -15.14
N TYR F 209 14.32 17.55 -15.57
CA TYR F 209 15.45 17.03 -14.80
C TYR F 209 15.63 17.73 -13.45
N GLN F 210 14.99 18.86 -13.27
CA GLN F 210 15.05 19.58 -12.00
C GLN F 210 13.88 19.20 -11.11
N THR F 211 13.08 18.24 -11.57
CA THR F 211 11.92 17.79 -10.82
C THR F 211 12.05 16.33 -10.41
N HIS F 212 10.96 15.79 -9.84
CA HIS F 212 10.88 14.39 -9.49
C HIS F 212 10.28 13.58 -10.64
N LEU F 213 10.05 14.23 -11.78
CA LEU F 213 9.49 13.55 -12.95
C LEU F 213 10.58 12.87 -13.78
N ASP F 214 10.24 11.74 -14.38
CA ASP F 214 11.09 11.14 -15.39
C ASP F 214 10.56 11.53 -16.78
N PRO F 215 11.43 12.13 -17.59
CA PRO F 215 11.06 12.64 -18.92
C PRO F 215 10.76 11.55 -19.95
N ARG F 216 11.19 10.31 -19.69
CA ARG F 216 11.05 9.23 -20.67
C ARG F 216 9.63 8.68 -20.79
N ILE F 217 8.75 9.03 -19.86
CA ILE F 217 7.37 8.59 -19.94
C ILE F 217 6.43 9.76 -20.20
N GLY F 218 5.81 9.75 -21.37
CA GLY F 218 4.80 10.75 -21.73
C GLY F 218 3.38 10.21 -21.70
N TYR F 219 2.40 11.05 -21.98
CA TYR F 219 0.99 10.68 -21.86
C TYR F 219 0.23 10.95 -23.15
N LEU F 220 0.19 12.21 -23.57
CA LEU F 220 -0.38 12.53 -24.88
C LEU F 220 0.40 11.80 -25.99
N HIS F 221 1.71 11.95 -26.01
CA HIS F 221 2.54 11.16 -26.90
C HIS F 221 2.68 9.74 -26.37
N GLU F 222 2.64 8.77 -27.29
CA GLU F 222 2.90 7.38 -26.95
C GLU F 222 4.27 7.24 -26.29
N THR F 223 4.37 6.40 -25.25
CA THR F 223 5.68 6.17 -24.67
C THR F 223 6.27 4.94 -25.34
N ASN F 224 7.28 5.20 -26.15
CA ASN F 224 7.83 4.24 -27.09
C ASN F 224 9.33 4.41 -27.07
N PHE F 225 10.03 3.83 -28.02
CA PHE F 225 11.50 3.82 -28.03
C PHE F 225 12.15 5.18 -28.24
N ARG F 226 11.33 6.20 -28.48
CA ARG F 226 11.78 7.58 -28.45
C ARG F 226 12.48 7.91 -27.12
N ARG F 227 13.55 8.71 -27.19
CA ARG F 227 14.33 9.07 -26.00
C ARG F 227 13.47 9.74 -24.94
N PHE F 228 12.80 10.83 -25.32
CA PHE F 228 12.03 11.62 -24.36
C PHE F 228 10.64 11.95 -24.87
N SER F 229 9.68 11.90 -23.96
CA SER F 229 8.24 11.98 -24.27
C SER F 229 7.54 13.08 -23.49
N LEU F 230 7.61 13.01 -22.16
CA LEU F 230 7.00 14.01 -21.28
C LEU F 230 7.32 15.47 -21.65
N ASN F 231 8.51 15.72 -22.17
CA ASN F 231 8.89 17.08 -22.53
C ASN F 231 8.11 17.54 -23.75
N LEU F 232 7.84 16.61 -24.65
CA LEU F 232 7.03 16.90 -25.83
C LEU F 232 5.61 17.27 -25.42
N ASP F 233 5.07 16.51 -24.47
CA ASP F 233 3.73 16.77 -23.96
C ASP F 233 3.57 18.20 -23.41
N ILE F 234 4.46 18.57 -22.49
CA ILE F 234 4.40 19.86 -21.81
C ILE F 234 4.69 21.02 -22.76
N ALA F 235 5.57 20.79 -23.73
CA ALA F 235 5.92 21.81 -24.72
C ALA F 235 4.73 22.23 -25.59
N GLU F 236 3.74 21.35 -25.72
CA GLU F 236 2.56 21.63 -26.54
C GLU F 236 1.82 22.86 -26.02
N LEU F 237 1.90 23.07 -24.71
CA LEU F 237 1.22 24.17 -24.06
C LEU F 237 1.91 25.51 -24.32
N PHE F 238 3.23 25.48 -24.42
CA PHE F 238 3.99 26.72 -24.53
C PHE F 238 4.41 27.11 -25.95
N LYS F 239 4.06 26.30 -26.94
CA LYS F 239 4.49 26.59 -28.32
C LYS F 239 4.00 27.96 -28.83
N PRO F 240 2.73 28.32 -28.60
CA PRO F 240 2.34 29.66 -29.05
C PRO F 240 3.07 30.85 -28.40
N ALA F 241 3.20 30.86 -27.08
CA ALA F 241 3.73 32.05 -26.38
C ALA F 241 5.25 32.13 -26.44
N VAL F 242 5.90 31.00 -26.74
CA VAL F 242 7.34 30.97 -26.82
C VAL F 242 7.81 30.97 -28.26
N VAL F 243 7.49 29.91 -28.98
CA VAL F 243 7.91 29.77 -30.38
C VAL F 243 7.17 30.68 -31.34
N ASP F 244 5.84 30.65 -31.29
CA ASP F 244 5.03 31.31 -32.32
C ASP F 244 5.06 32.84 -32.21
N ARG F 245 4.99 33.35 -30.98
CA ARG F 245 5.12 34.79 -30.76
C ARG F 245 6.46 35.28 -31.29
N LEU F 246 7.50 34.52 -31.00
CA LEU F 246 8.85 34.81 -31.48
C LEU F 246 8.89 34.80 -33.01
N PHE F 247 8.25 33.79 -33.60
CA PHE F 247 8.21 33.63 -35.06
C PHE F 247 7.61 34.83 -35.76
N LEU F 248 6.38 35.19 -35.35
CA LEU F 248 5.72 36.38 -35.86
C LEU F 248 6.60 37.61 -35.69
N ASN F 249 7.08 37.80 -34.47
CA ASN F 249 7.85 38.98 -34.12
C ASN F 249 9.12 39.13 -34.96
N LEU F 250 9.81 38.03 -35.21
CA LEU F 250 11.06 38.06 -35.95
C LEU F 250 10.85 38.31 -37.45
N VAL F 251 9.83 37.70 -38.04
CA VAL F 251 9.60 37.89 -39.47
C VAL F 251 8.92 39.22 -39.82
N ASN F 252 8.08 39.70 -38.92
CA ASN F 252 7.35 40.95 -39.17
C ASN F 252 8.22 42.19 -39.01
N THR F 253 9.25 42.10 -38.16
CA THR F 253 10.18 43.21 -37.98
C THR F 253 11.40 43.05 -38.86
N ARG F 254 11.43 41.95 -39.62
CA ARG F 254 12.52 41.62 -40.53
C ARG F 254 13.86 41.46 -39.80
N GLN F 255 13.81 41.18 -38.50
CA GLN F 255 15.02 40.82 -37.78
C GLN F 255 15.58 39.53 -38.39
N ILE F 256 14.69 38.65 -38.81
CA ILE F 256 15.08 37.47 -39.57
C ILE F 256 14.69 37.67 -41.05
N ASN F 257 15.60 37.33 -41.95
CA ASN F 257 15.33 37.47 -43.38
C ASN F 257 16.13 36.48 -44.21
N GLU F 258 16.10 36.63 -45.53
CA GLU F 258 16.71 35.68 -46.46
C GLU F 258 18.20 35.45 -46.17
N LYS F 259 18.88 36.49 -45.72
CA LYS F 259 20.32 36.39 -45.44
C LYS F 259 20.62 35.43 -44.29
N HIS F 260 19.59 35.02 -43.56
CA HIS F 260 19.75 34.14 -42.40
C HIS F 260 19.56 32.66 -42.72
N PHE F 261 19.26 32.33 -43.98
CA PHE F 261 19.03 30.94 -44.37
C PHE F 261 19.99 30.49 -45.47
N ASP F 262 20.48 29.26 -45.35
CA ASP F 262 21.34 28.61 -46.35
C ASP F 262 20.71 27.31 -46.88
N GLU F 263 20.94 26.97 -48.14
CA GLU F 263 20.17 25.94 -48.80
C GLU F 263 20.99 24.65 -49.04
N ILE F 264 20.61 23.60 -48.28
CA ILE F 264 21.19 22.25 -48.33
C ILE F 264 20.14 21.16 -48.57
N LEU F 268 16.78 23.01 -46.57
CA LEU F 268 16.83 24.42 -46.18
C LEU F 268 17.13 24.53 -44.69
N MET F 269 17.99 25.48 -44.32
CA MET F 269 18.45 25.58 -42.94
C MET F 269 18.72 27.01 -42.47
N LEU F 270 19.12 27.13 -41.21
CA LEU F 270 19.40 28.41 -40.57
C LEU F 270 20.90 28.54 -40.28
N ASN F 271 21.53 29.57 -40.83
CA ASN F 271 22.96 29.80 -40.61
C ASN F 271 23.27 30.28 -39.19
N ASP F 272 24.52 30.15 -38.80
CA ASP F 272 24.99 30.48 -37.44
C ASP F 272 24.55 31.86 -36.95
N GLU F 273 24.57 32.86 -37.83
CA GLU F 273 24.15 34.20 -37.42
C GLU F 273 22.65 34.22 -37.11
N GLY F 274 21.85 33.62 -37.99
CA GLY F 274 20.41 33.51 -37.77
C GLY F 274 20.06 32.67 -36.56
N LYS F 275 20.84 31.64 -36.30
CA LYS F 275 20.67 30.83 -35.11
C LYS F 275 20.96 31.66 -33.86
N SER F 276 22.04 32.42 -33.89
CA SER F 276 22.42 33.25 -32.75
C SER F 276 21.33 34.25 -32.41
N LEU F 277 20.78 34.89 -33.43
CA LEU F 277 19.72 35.87 -33.22
C LEU F 277 18.47 35.20 -32.65
N PHE F 278 18.13 34.04 -33.21
CA PHE F 278 16.96 33.31 -32.76
C PHE F 278 17.12 32.87 -31.31
N VAL F 279 18.28 32.28 -31.02
CA VAL F 279 18.58 31.81 -29.68
C VAL F 279 18.57 32.97 -28.68
N LYS F 280 19.10 34.12 -29.11
CA LYS F 280 19.17 35.29 -28.26
C LYS F 280 17.78 35.81 -27.88
N ASN F 281 16.94 35.98 -28.90
CA ASN F 281 15.57 36.41 -28.68
C ASN F 281 14.76 35.40 -27.87
N TYR F 282 15.02 34.12 -28.13
CA TYR F 282 14.36 33.02 -27.44
C TYR F 282 14.66 33.01 -25.95
N GLU F 283 15.96 33.09 -25.62
CA GLU F 283 16.39 33.07 -24.23
C GLU F 283 15.88 34.33 -23.51
N GLN F 284 15.73 35.43 -24.23
CA GLN F 284 15.12 36.61 -23.65
C GLN F 284 13.60 36.42 -23.51
N ALA F 285 13.03 35.57 -24.35
CA ALA F 285 11.59 35.32 -24.27
C ALA F 285 11.24 34.50 -23.02
N LEU F 286 12.10 33.54 -22.68
CA LEU F 286 11.89 32.69 -21.52
C LEU F 286 12.06 33.44 -20.20
N ARG F 287 13.11 34.26 -20.14
CA ARG F 287 13.49 34.96 -18.92
C ARG F 287 12.61 36.18 -18.65
N GLU F 288 11.85 36.63 -19.64
CA GLU F 288 11.14 37.89 -19.46
C GLU F 288 10.05 37.71 -18.43
N THR F 289 9.87 38.73 -17.59
CA THR F 289 8.95 38.61 -16.48
C THR F 289 7.77 39.56 -16.57
N VAL F 290 6.58 38.97 -16.63
CA VAL F 290 5.36 39.73 -16.52
C VAL F 290 4.55 39.18 -15.32
N PHE F 291 3.85 40.12 -14.68
CA PHE F 291 3.23 40.06 -13.35
C PHE F 291 1.76 39.74 -13.58
N HIS F 292 1.27 38.62 -13.08
CA HIS F 292 -0.16 38.52 -13.25
C HIS F 292 -0.87 38.19 -11.97
N LYS F 293 -2.16 38.53 -11.95
CA LYS F 293 -3.04 38.16 -10.87
C LYS F 293 -3.22 36.65 -11.00
N LYS F 294 -4.06 36.06 -10.13
CA LYS F 294 -4.25 34.61 -9.98
C LYS F 294 -3.11 34.02 -9.15
N LEU F 295 -2.06 34.81 -9.06
CA LEU F 295 -1.00 34.74 -8.07
C LEU F 295 -0.93 36.23 -7.84
N ASN F 296 -0.41 36.76 -6.76
CA ASN F 296 0.04 38.12 -7.02
C ASN F 296 1.53 38.19 -6.87
N ARG F 297 2.21 38.16 -8.03
CA ARG F 297 3.68 37.97 -8.17
C ARG F 297 4.20 37.80 -9.59
N TYR F 298 5.52 37.67 -9.66
CA TYR F 298 6.29 37.51 -10.90
C TYR F 298 6.02 36.18 -11.55
N VAL F 299 5.91 36.13 -12.87
CA VAL F 299 6.23 34.90 -13.60
C VAL F 299 6.99 35.09 -14.93
N SER F 300 8.15 34.47 -15.04
CA SER F 300 8.80 34.22 -16.33
C SER F 300 8.18 32.98 -16.97
N MET F 301 8.26 32.88 -18.29
CA MET F 301 7.83 31.67 -18.98
C MET F 301 8.48 30.42 -18.39
N ARG F 302 9.76 30.54 -18.04
CA ARG F 302 10.50 29.42 -17.43
C ARG F 302 9.81 28.98 -16.16
N SER F 303 9.27 29.95 -15.42
CA SER F 303 8.56 29.66 -14.19
C SER F 303 7.21 29.01 -14.48
N LEU F 304 6.51 29.51 -15.50
CA LEU F 304 5.21 28.94 -15.87
C LEU F 304 5.37 27.46 -16.22
N ILE F 305 6.43 27.14 -16.94
CA ILE F 305 6.69 25.76 -17.34
C ILE F 305 6.91 24.88 -16.12
N LYS F 306 7.69 25.37 -15.16
CA LYS F 306 7.95 24.58 -13.98
C LYS F 306 6.68 24.40 -13.14
N MET F 307 5.83 25.43 -13.11
CA MET F 307 4.53 25.32 -12.44
C MET F 307 3.66 24.24 -13.05
N GLU F 308 3.74 24.09 -14.37
CA GLU F 308 2.94 23.09 -15.08
C GLU F 308 3.44 21.69 -14.73
N LEU F 309 4.76 21.54 -14.66
CA LEU F 309 5.38 20.29 -14.25
C LEU F 309 5.01 19.94 -12.81
N HIS F 310 4.89 20.95 -11.96
CA HIS F 310 4.53 20.73 -10.57
CA HIS F 310 4.51 20.76 -10.55
C HIS F 310 3.05 20.34 -10.44
N LYS F 311 2.22 20.86 -11.34
CA LYS F 311 0.81 20.50 -11.38
C LYS F 311 0.68 19.03 -11.72
N LEU F 312 1.55 18.56 -12.61
CA LEU F 312 1.56 17.15 -12.96
C LEU F 312 2.05 16.32 -11.78
N GLU F 313 3.06 16.82 -11.08
CA GLU F 313 3.60 16.11 -9.91
C GLU F 313 2.52 15.91 -8.85
N LYS F 314 1.80 16.97 -8.55
CA LYS F 314 0.74 16.92 -7.55
C LYS F 314 -0.44 16.05 -7.99
N HIS F 315 -0.61 15.91 -9.31
CA HIS F 315 -1.66 15.06 -9.83
C HIS F 315 -1.30 13.59 -9.66
N LEU F 316 -0.05 13.26 -9.98
CA LEU F 316 0.41 11.89 -9.95
C LEU F 316 0.35 11.25 -8.57
N ILE F 317 0.59 12.03 -7.52
CA ILE F 317 0.56 11.48 -6.17
C ILE F 317 -0.77 11.72 -5.44
N GLY F 318 -1.72 12.34 -6.11
CA GLY F 318 -3.07 12.46 -5.58
C GLY F 318 -3.45 13.76 -4.89
N GLU F 319 -2.60 14.78 -4.95
CA GLU F 319 -2.96 16.07 -4.38
C GLU F 319 -3.63 16.99 -5.40
N GLN F 320 -3.86 16.50 -6.61
CA GLN F 320 -4.41 17.34 -7.67
C GLN F 320 -5.46 16.60 -8.49
N VAL F 321 -6.36 17.37 -9.11
CA VAL F 321 -7.38 16.78 -9.98
C VAL F 321 -7.31 17.40 -11.37
N PHE F 322 -7.48 16.56 -12.39
CA PHE F 322 -7.60 17.03 -13.76
C PHE F 322 -9.01 16.80 -14.28
N SER G 10 -11.57 -21.23 -51.70
CA SER G 10 -10.55 -21.78 -50.81
C SER G 10 -10.48 -23.31 -50.90
N VAL G 11 -9.50 -23.82 -51.65
CA VAL G 11 -9.39 -25.25 -51.93
C VAL G 11 -8.32 -25.94 -51.08
N TYR G 12 -8.69 -27.07 -50.48
CA TYR G 12 -7.75 -27.89 -49.72
C TYR G 12 -7.33 -29.12 -50.50
N LEU G 13 -6.03 -29.33 -50.67
CA LEU G 13 -5.52 -30.56 -51.28
C LEU G 13 -4.74 -31.41 -50.28
N PHE G 14 -5.32 -32.52 -49.85
CA PHE G 14 -4.62 -33.43 -48.94
C PHE G 14 -3.91 -34.59 -49.64
N SER G 15 -4.18 -34.77 -50.93
CA SER G 15 -3.66 -35.95 -51.63
C SER G 15 -2.38 -35.62 -52.37
N SER G 16 -1.45 -36.57 -52.37
CA SER G 16 -0.19 -36.42 -53.08
C SER G 16 -0.39 -36.66 -54.58
N GLY G 17 0.45 -36.02 -55.39
CA GLY G 17 0.33 -36.13 -56.83
C GLY G 17 0.91 -34.94 -57.55
N THR G 18 0.52 -34.74 -58.81
CA THR G 18 1.06 -33.68 -59.64
C THR G 18 0.02 -32.59 -59.94
N LEU G 19 0.45 -31.33 -59.86
CA LEU G 19 -0.40 -30.20 -60.23
C LEU G 19 -0.07 -29.73 -61.65
N LYS G 20 -1.10 -29.50 -62.45
CA LYS G 20 -0.91 -28.90 -63.77
C LYS G 20 -2.20 -28.25 -64.29
N ARG G 21 -2.08 -27.39 -65.30
CA ARG G 21 -3.24 -26.79 -65.94
C ARG G 21 -4.02 -27.84 -66.72
N THR G 25 -8.55 -24.53 -66.29
CA THR G 25 -8.77 -25.53 -65.25
C THR G 25 -7.45 -26.07 -64.70
N ILE G 26 -7.40 -26.34 -63.39
CA ILE G 26 -6.23 -27.00 -62.81
C ILE G 26 -6.61 -28.44 -62.53
N CYS G 27 -5.63 -29.33 -62.66
CA CYS G 27 -5.88 -30.74 -62.40
C CYS G 27 -4.89 -31.28 -61.38
N LEU G 28 -5.38 -32.16 -60.51
CA LEU G 28 -4.53 -32.89 -59.58
C LEU G 28 -4.50 -34.36 -59.98
N GLU G 29 -3.33 -34.83 -60.40
CA GLU G 29 -3.18 -36.24 -60.75
C GLU G 29 -2.69 -37.03 -59.56
N THR G 30 -3.56 -37.91 -59.03
CA THR G 30 -3.19 -38.75 -57.90
C THR G 30 -3.12 -40.18 -58.39
N GLU G 31 -2.81 -41.12 -57.52
CA GLU G 31 -2.83 -42.52 -57.92
C GLU G 31 -4.26 -43.05 -57.81
N SER G 32 -5.15 -42.19 -57.33
CA SER G 32 -6.57 -42.48 -57.23
C SER G 32 -7.31 -41.97 -58.47
N GLY G 33 -6.55 -41.42 -59.41
CA GLY G 33 -7.12 -40.80 -60.60
C GLY G 33 -7.05 -39.29 -60.60
N ARG G 34 -7.61 -38.67 -61.64
CA ARG G 34 -7.46 -37.24 -61.83
C ARG G 34 -8.66 -36.39 -61.43
N LYS G 35 -8.33 -35.39 -60.61
CA LYS G 35 -9.22 -34.40 -60.02
C LYS G 35 -9.17 -33.09 -60.79
N TYR G 36 -10.24 -32.72 -61.48
CA TYR G 36 -10.17 -31.41 -62.12
C TYR G 36 -10.88 -30.41 -61.21
N ILE G 37 -10.07 -29.47 -60.71
CA ILE G 37 -10.57 -28.35 -59.90
C ILE G 37 -10.63 -27.11 -60.78
N PRO G 38 -11.84 -26.63 -61.08
CA PRO G 38 -11.80 -25.42 -61.92
C PRO G 38 -11.37 -24.19 -61.12
N VAL G 39 -11.27 -23.07 -61.82
CA VAL G 39 -10.75 -21.80 -61.33
C VAL G 39 -11.87 -20.90 -60.79
N GLU G 40 -12.89 -20.70 -61.62
CA GLU G 40 -13.89 -19.64 -61.47
C GLU G 40 -14.36 -19.44 -60.03
N ASN G 41 -14.56 -20.50 -59.26
CA ASN G 41 -14.46 -20.26 -57.83
C ASN G 41 -13.30 -21.01 -57.18
N VAL G 42 -12.23 -20.26 -56.91
CA VAL G 42 -11.27 -20.54 -55.85
C VAL G 42 -10.73 -19.17 -55.49
N MET G 43 -10.51 -18.94 -54.20
CA MET G 43 -9.71 -17.81 -53.75
C MET G 43 -8.23 -18.15 -53.76
N ASP G 44 -7.92 -19.36 -53.31
CA ASP G 44 -6.54 -19.80 -53.17
C ASP G 44 -6.50 -21.32 -53.02
N ILE G 45 -5.30 -21.86 -52.90
CA ILE G 45 -5.12 -23.31 -52.77
C ILE G 45 -4.17 -23.64 -51.63
N LYS G 46 -4.62 -24.48 -50.71
CA LYS G 46 -3.77 -24.91 -49.61
C LYS G 46 -3.38 -26.36 -49.82
N VAL G 47 -2.08 -26.59 -49.98
CA VAL G 47 -1.57 -27.92 -50.22
C VAL G 47 -0.94 -28.52 -48.98
N PHE G 48 -1.61 -29.53 -48.41
CA PHE G 48 -1.07 -30.28 -47.29
C PHE G 48 -0.36 -31.55 -47.71
N GLY G 49 -0.47 -31.91 -48.99
CA GLY G 49 0.06 -33.17 -49.48
C GLY G 49 1.40 -33.00 -50.19
N GLU G 50 1.99 -34.10 -50.63
CA GLU G 50 3.25 -34.02 -51.34
C GLU G 50 2.99 -33.87 -52.83
N VAL G 51 3.37 -32.72 -53.37
CA VAL G 51 3.02 -32.39 -54.75
C VAL G 51 4.23 -32.10 -55.63
N ASP G 52 4.10 -32.48 -56.90
CA ASP G 52 5.05 -32.07 -57.93
C ASP G 52 4.38 -30.99 -58.76
N LEU G 53 5.16 -29.99 -59.18
CA LEU G 53 4.64 -28.95 -60.07
C LEU G 53 5.76 -28.29 -60.85
N ASN G 54 5.41 -27.61 -61.94
CA ASN G 54 6.39 -26.83 -62.68
C ASN G 54 6.04 -25.35 -62.75
N LYS G 55 6.94 -24.59 -63.34
CA LYS G 55 6.83 -23.14 -63.34
C LYS G 55 5.66 -22.67 -64.21
N ARG G 56 5.33 -23.48 -65.21
CA ARG G 56 4.23 -23.15 -66.10
C ARG G 56 2.90 -23.25 -65.34
N PHE G 57 2.85 -24.14 -64.36
CA PHE G 57 1.66 -24.24 -63.51
C PHE G 57 1.55 -23.03 -62.58
N LEU G 58 2.69 -22.55 -62.11
CA LEU G 58 2.73 -21.34 -61.29
C LEU G 58 2.32 -20.14 -62.11
N GLU G 59 2.69 -20.15 -63.39
CA GLU G 59 2.33 -19.07 -64.30
C GLU G 59 0.84 -19.07 -64.55
N PHE G 60 0.24 -20.25 -64.51
CA PHE G 60 -1.21 -20.35 -64.67
C PHE G 60 -1.89 -19.75 -63.45
N LEU G 61 -1.41 -20.12 -62.28
CA LEU G 61 -1.92 -19.58 -61.02
C LEU G 61 -1.80 -18.06 -61.00
N SER G 62 -0.70 -17.57 -61.57
CA SER G 62 -0.40 -16.14 -61.61
C SER G 62 -1.37 -15.36 -62.51
N GLN G 63 -1.70 -15.93 -63.67
CA GLN G 63 -2.64 -15.27 -64.58
C GLN G 63 -4.06 -15.28 -64.00
N LYS G 64 -4.35 -16.27 -63.18
CA LYS G 64 -5.66 -16.36 -62.53
C LYS G 64 -5.63 -15.70 -61.16
N ARG G 65 -4.48 -15.15 -60.80
CA ARG G 65 -4.28 -14.38 -59.57
C ARG G 65 -4.58 -15.20 -58.32
N ILE G 66 -4.13 -16.45 -58.36
CA ILE G 66 -4.45 -17.41 -57.33
C ILE G 66 -3.21 -17.85 -56.56
N PRO G 67 -3.13 -17.48 -55.28
CA PRO G 67 -1.99 -17.93 -54.47
C PRO G 67 -2.13 -19.38 -54.04
N ILE G 68 -1.01 -20.02 -53.74
CA ILE G 68 -1.05 -21.38 -53.25
C ILE G 68 -0.20 -21.49 -51.99
N HIS G 69 -0.81 -22.01 -50.93
CA HIS G 69 -0.16 -22.11 -49.63
C HIS G 69 0.33 -23.52 -49.39
N PHE G 70 1.54 -23.63 -48.87
CA PHE G 70 2.14 -24.92 -48.64
C PHE G 70 2.30 -25.26 -47.16
N PHE G 71 1.88 -26.46 -46.80
CA PHE G 71 2.05 -26.99 -45.45
C PHE G 71 2.63 -28.39 -45.57
N ASN G 72 3.55 -28.75 -44.68
CA ASN G 72 4.12 -30.08 -44.73
C ASN G 72 3.29 -31.05 -43.89
N ARG G 73 3.64 -32.34 -43.93
CA ARG G 73 3.79 -33.12 -42.69
C ARG G 73 2.68 -32.86 -41.70
N GLU G 74 3.10 -32.31 -40.56
CA GLU G 74 2.27 -31.86 -39.47
C GLU G 74 1.14 -30.91 -39.88
N GLY G 75 1.31 -30.22 -41.00
CA GLY G 75 0.38 -29.15 -41.36
C GLY G 75 0.98 -27.84 -40.91
N TYR G 76 2.28 -27.86 -40.62
CA TYR G 76 2.98 -26.64 -40.31
C TYR G 76 3.36 -25.93 -41.61
N TYR G 77 3.30 -24.60 -41.57
CA TYR G 77 3.35 -23.79 -42.78
C TYR G 77 4.78 -23.49 -43.22
N VAL G 78 5.15 -23.99 -44.40
CA VAL G 78 6.46 -23.72 -44.97
C VAL G 78 6.54 -22.40 -45.74
N GLY G 79 5.46 -22.02 -46.41
CA GLY G 79 5.46 -20.82 -47.23
C GLY G 79 4.38 -20.79 -48.29
N THR G 80 4.29 -19.67 -49.00
CA THR G 80 3.23 -19.44 -49.98
C THR G 80 3.82 -18.94 -51.30
N PHE G 81 3.34 -19.47 -52.42
CA PHE G 81 3.62 -18.83 -53.70
C PHE G 81 2.60 -17.71 -53.93
N TYR G 82 3.08 -16.47 -54.02
CA TYR G 82 2.22 -15.32 -54.29
C TYR G 82 2.38 -14.86 -55.73
N PRO G 83 1.28 -14.83 -56.50
CA PRO G 83 1.36 -14.20 -57.82
C PRO G 83 1.62 -12.70 -57.68
N ARG G 84 2.14 -12.05 -58.72
CA ARG G 84 2.46 -10.63 -58.68
C ARG G 84 1.24 -9.85 -58.18
N GLU G 85 0.06 -10.26 -58.63
CA GLU G 85 -1.19 -9.66 -58.20
C GLU G 85 -2.18 -10.79 -57.96
N TYR G 86 -2.79 -10.81 -56.79
CA TYR G 86 -3.68 -11.90 -56.44
C TYR G 86 -5.02 -11.39 -55.94
N LEU G 87 -6.01 -12.27 -55.99
CA LEU G 87 -7.33 -11.99 -55.43
C LEU G 87 -7.15 -11.68 -53.96
N ASN G 88 -8.00 -10.80 -53.43
CA ASN G 88 -7.84 -10.34 -52.05
C ASN G 88 -7.77 -11.48 -51.07
N SER G 89 -6.71 -11.48 -50.27
CA SER G 89 -6.38 -12.58 -49.40
C SER G 89 -7.28 -12.63 -48.17
N GLY G 90 -7.94 -11.51 -47.87
CA GLY G 90 -8.81 -11.42 -46.71
C GLY G 90 -7.99 -11.36 -45.44
N PHE G 91 -6.70 -11.07 -45.60
CA PHE G 91 -5.76 -10.99 -44.49
C PHE G 91 -6.23 -9.92 -43.48
N LEU G 92 -6.32 -10.31 -42.21
CA LEU G 92 -6.99 -9.50 -41.19
C LEU G 92 -6.08 -8.57 -40.36
N ILE G 93 -4.80 -8.50 -40.72
CA ILE G 93 -3.80 -7.75 -39.95
C ILE G 93 -4.20 -6.32 -39.58
N LEU G 94 -4.82 -5.59 -40.50
CA LEU G 94 -5.21 -4.20 -40.25
C LEU G 94 -6.38 -4.14 -39.28
N LYS G 95 -7.34 -5.04 -39.44
CA LYS G 95 -8.48 -5.08 -38.53
C LYS G 95 -8.01 -5.55 -37.15
N GLN G 96 -7.02 -6.44 -37.13
CA GLN G 96 -6.43 -6.89 -35.88
C GLN G 96 -5.78 -5.74 -35.12
N ALA G 97 -4.91 -4.99 -35.79
CA ALA G 97 -4.29 -3.81 -35.20
C ALA G 97 -5.39 -2.88 -34.75
N GLU G 98 -6.39 -2.75 -35.61
CA GLU G 98 -7.52 -1.92 -35.25
C GLU G 98 -8.25 -2.47 -34.00
N HIS G 99 -8.33 -3.78 -33.69
CA HIS G 99 -9.04 -3.98 -32.43
C HIS G 99 -8.01 -4.07 -31.29
N TYR G 100 -6.73 -4.02 -31.61
CA TYR G 100 -5.77 -3.96 -30.52
C TYR G 100 -5.69 -2.57 -29.92
N ILE G 101 -5.54 -1.54 -30.77
CA ILE G 101 -5.24 -0.21 -30.27
C ILE G 101 -6.48 0.46 -29.66
N ASN G 102 -7.66 0.01 -30.06
CA ASN G 102 -8.89 0.49 -29.45
C ASN G 102 -9.18 -0.34 -28.21
N GLN G 103 -9.20 0.29 -27.03
CA GLN G 103 -9.22 -0.51 -25.80
C GLN G 103 -10.54 -1.24 -25.62
N GLU G 104 -11.65 -0.57 -25.90
CA GLU G 104 -12.96 -1.20 -25.81
C GLU G 104 -12.98 -2.46 -26.66
N LYS G 105 -12.55 -2.32 -27.91
CA LYS G 105 -12.46 -3.44 -28.83
C LYS G 105 -11.55 -4.56 -28.30
N ARG G 106 -10.42 -4.18 -27.72
CA ARG G 106 -9.45 -5.16 -27.22
C ARG G 106 -9.99 -5.88 -25.99
N MET G 107 -10.68 -5.13 -25.14
CA MET G 107 -11.23 -5.66 -23.90
C MET G 107 -12.29 -6.71 -24.16
N LEU G 108 -13.05 -6.52 -25.24
CA LEU G 108 -14.10 -7.46 -25.60
C LEU G 108 -13.57 -8.83 -25.98
N ILE G 109 -12.50 -8.84 -26.79
CA ILE G 109 -11.85 -10.08 -27.18
C ILE G 109 -11.19 -10.75 -25.99
N ALA G 110 -10.46 -9.98 -25.19
CA ALA G 110 -9.76 -10.50 -24.04
C ALA G 110 -10.72 -11.12 -23.02
N ARG G 111 -11.83 -10.42 -22.75
CA ARG G 111 -12.85 -10.96 -21.84
C ARG G 111 -13.41 -12.26 -22.37
N GLU G 112 -13.61 -12.33 -23.68
CA GLU G 112 -14.12 -13.53 -24.31
C GLU G 112 -13.15 -14.70 -24.09
N ILE G 113 -11.86 -14.46 -24.31
CA ILE G 113 -10.84 -15.45 -24.06
C ILE G 113 -10.87 -15.92 -22.62
N VAL G 114 -10.88 -14.97 -21.70
CA VAL G 114 -10.86 -15.26 -20.27
C VAL G 114 -12.14 -15.98 -19.83
N SER G 115 -13.28 -15.52 -20.31
CA SER G 115 -14.56 -16.10 -19.95
C SER G 115 -14.63 -17.58 -20.35
N ARG G 116 -14.24 -17.85 -21.59
CA ARG G 116 -14.24 -19.23 -22.10
C ARG G 116 -13.16 -20.07 -21.44
N SER G 117 -12.05 -19.45 -21.06
CA SER G 117 -11.01 -20.17 -20.33
C SER G 117 -11.54 -20.67 -18.99
N PHE G 118 -12.23 -19.79 -18.27
CA PHE G 118 -12.80 -20.13 -16.96
C PHE G 118 -13.84 -21.22 -17.10
N GLN G 119 -14.65 -21.10 -18.15
CA GLN G 119 -15.69 -22.07 -18.42
C GLN G 119 -15.10 -23.46 -18.70
N ASN G 120 -14.00 -23.52 -19.45
CA ASN G 120 -13.37 -24.79 -19.76
C ASN G 120 -12.67 -25.41 -18.54
N MET G 121 -12.11 -24.54 -17.69
CA MET G 121 -11.55 -24.95 -16.42
C MET G 121 -12.64 -25.55 -15.53
N VAL G 122 -13.74 -24.83 -15.38
CA VAL G 122 -14.86 -25.28 -14.57
C VAL G 122 -15.48 -26.58 -15.11
N ASP G 123 -15.61 -26.67 -16.44
CA ASP G 123 -16.18 -27.87 -17.06
C ASP G 123 -15.29 -29.09 -16.83
N PHE G 124 -13.98 -28.88 -16.93
CA PHE G 124 -13.01 -29.93 -16.70
C PHE G 124 -13.18 -30.51 -15.31
N LEU G 125 -13.41 -29.62 -14.33
CA LEU G 125 -13.56 -30.03 -12.94
C LEU G 125 -14.90 -30.75 -12.74
N LYS G 126 -15.97 -30.21 -13.32
CA LYS G 126 -17.30 -30.77 -13.15
C LYS G 126 -17.45 -32.17 -13.75
N LYS G 127 -16.74 -32.41 -14.85
CA LYS G 127 -16.74 -33.73 -15.48
C LYS G 127 -16.15 -34.78 -14.53
N ARG G 128 -15.22 -34.35 -13.70
CA ARG G 128 -14.57 -35.23 -12.73
C ARG G 128 -15.14 -35.18 -11.31
N LYS G 129 -16.22 -34.41 -11.13
CA LYS G 129 -16.87 -34.22 -9.82
C LYS G 129 -15.97 -33.54 -8.80
N VAL G 130 -15.06 -32.72 -9.30
CA VAL G 130 -14.29 -31.82 -8.47
C VAL G 130 -15.02 -30.49 -8.45
N ARG G 131 -15.01 -29.82 -7.30
CA ARG G 131 -15.75 -28.57 -7.14
C ARG G 131 -14.98 -27.35 -7.63
N ALA G 132 -15.61 -26.61 -8.55
CA ALA G 132 -14.99 -25.45 -9.17
C ALA G 132 -15.36 -24.17 -8.42
N ASP G 133 -16.07 -24.33 -7.30
CA ASP G 133 -16.63 -23.19 -6.57
C ASP G 133 -15.59 -22.21 -6.05
N SER G 134 -14.33 -22.62 -6.03
CA SER G 134 -13.26 -21.73 -5.58
C SER G 134 -12.76 -20.84 -6.71
N LEU G 135 -13.24 -21.12 -7.93
CA LEU G 135 -12.84 -20.32 -9.09
C LEU G 135 -13.74 -19.10 -9.30
N THR G 136 -14.85 -19.07 -8.58
CA THR G 136 -15.88 -18.05 -8.76
C THR G 136 -15.36 -16.63 -8.49
N ARG G 137 -14.47 -16.52 -7.52
CA ARG G 137 -13.81 -15.26 -7.20
C ARG G 137 -13.23 -14.62 -8.44
N TYR G 138 -12.48 -15.42 -9.18
CA TYR G 138 -11.75 -14.97 -10.34
C TYR G 138 -12.69 -14.64 -11.48
N LYS G 139 -13.83 -15.34 -11.53
CA LYS G 139 -14.85 -14.96 -12.49
C LYS G 139 -15.27 -13.53 -12.21
N LYS G 140 -15.73 -13.28 -10.99
CA LYS G 140 -16.21 -11.95 -10.60
C LYS G 140 -15.18 -10.87 -10.89
N LYS G 141 -13.93 -11.15 -10.52
CA LYS G 141 -12.83 -10.22 -10.78
C LYS G 141 -12.66 -9.95 -12.28
N ALA G 142 -12.85 -10.98 -13.10
CA ALA G 142 -12.69 -10.87 -14.54
C ALA G 142 -13.83 -10.08 -15.18
N GLU G 143 -15.03 -10.21 -14.64
CA GLU G 143 -16.16 -9.44 -15.10
C GLU G 143 -16.02 -7.94 -14.81
N GLU G 144 -15.48 -7.64 -13.63
CA GLU G 144 -15.42 -6.27 -13.11
C GLU G 144 -14.17 -5.48 -13.51
N ALA G 145 -13.19 -6.18 -14.11
CA ALA G 145 -11.91 -5.56 -14.42
C ALA G 145 -12.03 -4.48 -15.48
N SER G 146 -11.34 -3.36 -15.25
CA SER G 146 -11.36 -2.23 -16.17
C SER G 146 -10.18 -2.18 -17.16
N ASN G 147 -9.25 -3.11 -17.04
CA ASN G 147 -8.05 -3.07 -17.89
C ASN G 147 -7.52 -4.46 -18.26
N VAL G 148 -6.98 -4.58 -19.47
CA VAL G 148 -6.55 -5.87 -20.01
C VAL G 148 -5.39 -6.49 -19.24
N SER G 149 -4.44 -5.65 -18.80
CA SER G 149 -3.31 -6.12 -18.02
C SER G 149 -3.81 -6.78 -16.73
N GLU G 150 -4.77 -6.12 -16.11
CA GLU G 150 -5.45 -6.62 -14.91
C GLU G 150 -6.08 -7.96 -15.23
N LEU G 151 -6.64 -8.07 -16.43
CA LEU G 151 -7.36 -9.26 -16.87
C LEU G 151 -6.42 -10.46 -16.98
N MET G 152 -5.21 -10.23 -17.48
CA MET G 152 -4.23 -11.32 -17.63
C MET G 152 -3.78 -11.84 -16.27
N GLY G 153 -3.57 -10.92 -15.33
CA GLY G 153 -3.18 -11.29 -13.98
C GLY G 153 -4.23 -12.14 -13.31
N ILE G 154 -5.48 -11.76 -13.48
CA ILE G 154 -6.61 -12.48 -12.90
C ILE G 154 -6.71 -13.89 -13.50
N GLU G 155 -6.58 -13.97 -14.81
CA GLU G 155 -6.61 -15.23 -15.54
C GLU G 155 -5.51 -16.16 -15.04
N GLY G 156 -4.33 -15.58 -14.78
CA GLY G 156 -3.20 -16.35 -14.31
C GLY G 156 -3.43 -16.93 -12.93
N ASN G 157 -3.98 -16.13 -12.03
CA ASN G 157 -4.25 -16.59 -10.67
C ASN G 157 -5.36 -17.64 -10.63
N ALA G 158 -6.32 -17.53 -11.53
CA ALA G 158 -7.41 -18.50 -11.61
C ALA G 158 -6.87 -19.84 -12.07
N ARG G 159 -5.97 -19.80 -13.05
CA ARG G 159 -5.30 -20.99 -13.54
C ARG G 159 -4.52 -21.67 -12.42
N GLU G 160 -3.85 -20.87 -11.59
CA GLU G 160 -3.06 -21.42 -10.49
C GLU G 160 -3.95 -22.15 -9.48
N GLU G 161 -5.08 -21.51 -9.14
CA GLU G 161 -6.04 -22.11 -8.21
C GLU G 161 -6.61 -23.37 -8.81
N TYR G 162 -6.81 -23.34 -10.12
CA TYR G 162 -7.35 -24.47 -10.86
C TYR G 162 -6.38 -25.65 -10.81
N TYR G 163 -5.10 -25.36 -11.01
CA TYR G 163 -4.06 -26.37 -10.91
C TYR G 163 -3.99 -26.94 -9.50
N SER G 164 -4.30 -26.08 -8.53
CA SER G 164 -4.38 -26.49 -7.14
C SER G 164 -5.52 -27.50 -6.95
N MET G 165 -6.59 -27.34 -7.73
CA MET G 165 -7.72 -28.27 -7.65
C MET G 165 -7.46 -29.56 -8.42
N ILE G 166 -6.69 -29.46 -9.51
CA ILE G 166 -6.32 -30.61 -10.31
C ILE G 166 -5.46 -31.58 -9.48
N ASP G 167 -4.73 -31.03 -8.50
CA ASP G 167 -3.87 -31.85 -7.65
C ASP G 167 -4.62 -32.87 -6.80
N SER G 168 -5.91 -32.67 -6.59
CA SER G 168 -6.69 -33.61 -5.79
C SER G 168 -7.04 -34.85 -6.62
N LEU G 169 -6.74 -34.78 -7.91
CA LEU G 169 -6.95 -35.91 -8.83
C LEU G 169 -5.69 -36.74 -9.06
N VAL G 170 -4.57 -36.35 -8.46
CA VAL G 170 -3.31 -36.98 -8.77
C VAL G 170 -2.94 -38.04 -7.75
N SER G 171 -2.94 -39.29 -8.20
CA SER G 171 -2.71 -40.45 -7.34
C SER G 171 -1.27 -40.54 -6.84
N ASP G 172 -0.34 -40.47 -7.78
CA ASP G 172 1.09 -40.56 -7.47
C ASP G 172 1.60 -39.25 -6.88
N GLU G 173 2.19 -39.32 -5.70
CA GLU G 173 2.58 -38.13 -4.95
C GLU G 173 3.76 -37.41 -5.59
N ARG G 174 4.65 -38.16 -6.24
CA ARG G 174 5.80 -37.59 -6.93
C ARG G 174 5.37 -36.63 -8.04
N PHE G 175 4.15 -36.86 -8.54
CA PHE G 175 3.63 -36.15 -9.71
C PHE G 175 2.69 -34.97 -9.43
N ARG G 176 2.50 -34.59 -8.17
CA ARG G 176 1.64 -33.45 -7.83
C ARG G 176 2.11 -32.11 -8.41
N ILE G 177 1.13 -31.21 -8.65
CA ILE G 177 1.32 -29.90 -9.33
C ILE G 177 1.64 -28.75 -8.36
N GLU G 178 1.93 -29.07 -7.10
CA GLU G 178 2.69 -28.16 -6.21
C GLU G 178 1.93 -26.85 -6.11
N LYS G 179 2.61 -25.82 -6.60
CA LYS G 179 2.01 -24.62 -7.10
C LYS G 179 2.59 -24.38 -8.48
N ARG G 180 1.76 -23.99 -9.46
CA ARG G 180 2.33 -23.55 -10.74
C ARG G 180 2.24 -22.03 -10.82
N THR G 181 3.40 -21.38 -10.65
CA THR G 181 3.48 -19.94 -10.42
C THR G 181 3.82 -19.03 -11.62
N ARG G 182 3.96 -19.62 -12.82
CA ARG G 182 4.46 -18.95 -14.05
C ARG G 182 5.98 -18.93 -14.09
N ARG G 183 6.61 -19.29 -12.99
CA ARG G 183 7.99 -19.79 -13.02
C ARG G 183 7.99 -21.09 -12.24
N PRO G 184 7.40 -22.13 -12.84
CA PRO G 184 7.11 -23.41 -12.19
C PRO G 184 8.31 -24.05 -11.52
N PRO G 185 8.13 -24.49 -10.27
CA PRO G 185 9.14 -25.26 -9.54
C PRO G 185 9.49 -26.56 -10.28
N LYS G 186 10.71 -27.07 -10.09
CA LYS G 186 11.25 -28.11 -10.96
C LYS G 186 10.99 -29.51 -10.45
N ASN G 187 10.12 -30.20 -11.17
CA ASN G 187 9.88 -31.63 -11.03
C ASN G 187 9.01 -32.15 -12.18
N PHE G 188 8.61 -33.41 -12.06
CA PHE G 188 7.83 -34.13 -13.05
C PHE G 188 6.56 -33.41 -13.54
N ALA G 189 5.68 -33.01 -12.63
CA ALA G 189 4.37 -32.46 -13.01
C ALA G 189 4.50 -31.21 -13.90
N ASN G 190 5.31 -30.25 -13.46
CA ASN G 190 5.44 -29.00 -14.19
C ASN G 190 6.29 -29.14 -15.44
N THR G 191 7.16 -30.14 -15.48
CA THR G 191 7.91 -30.42 -16.69
C THR G 191 6.92 -30.92 -17.73
N LEU G 192 5.95 -31.72 -17.27
CA LEU G 192 4.92 -32.26 -18.14
C LEU G 192 3.97 -31.17 -18.62
N ILE G 193 3.44 -30.39 -17.68
CA ILE G 193 2.53 -29.30 -18.01
C ILE G 193 3.17 -28.32 -19.00
N SER G 194 4.42 -27.95 -18.72
CA SER G 194 5.11 -26.99 -19.57
C SER G 194 5.35 -27.53 -20.97
N PHE G 195 5.79 -28.78 -21.07
CA PHE G 195 6.05 -29.37 -22.37
C PHE G 195 4.76 -29.45 -23.18
N GLY G 196 3.67 -29.84 -22.52
CA GLY G 196 2.37 -29.90 -23.15
C GLY G 196 1.91 -28.54 -23.65
N ASN G 197 2.06 -27.53 -22.80
CA ASN G 197 1.69 -26.18 -23.18
C ASN G 197 2.45 -25.71 -24.41
N SER G 198 3.72 -26.07 -24.48
CA SER G 198 4.56 -25.74 -25.63
C SER G 198 4.03 -26.35 -26.92
N LEU G 199 3.74 -27.65 -26.90
CA LEU G 199 3.18 -28.35 -28.05
C LEU G 199 1.87 -27.71 -28.51
N LEU G 200 1.07 -27.27 -27.53
CA LEU G 200 -0.22 -26.66 -27.82
C LEU G 200 -0.06 -25.27 -28.44
N TYR G 201 0.89 -24.49 -27.94
CA TYR G 201 1.18 -23.17 -28.51
C TYR G 201 1.58 -23.29 -29.97
N THR G 202 2.34 -24.34 -30.28
CA THR G 202 2.81 -24.58 -31.64
C THR G 202 1.67 -25.02 -32.53
N THR G 203 0.81 -25.87 -31.99
CA THR G 203 -0.34 -26.35 -32.74
C THR G 203 -1.24 -25.18 -33.14
N VAL G 204 -1.61 -24.35 -32.15
CA VAL G 204 -2.47 -23.21 -32.41
C VAL G 204 -1.81 -22.27 -33.42
N LEU G 205 -0.49 -22.14 -33.33
CA LEU G 205 0.28 -21.31 -34.26
C LEU G 205 0.09 -21.74 -35.71
N SER G 206 0.23 -23.04 -35.96
CA SER G 206 0.16 -23.55 -37.32
C SER G 206 -1.27 -23.45 -37.84
N LEU G 207 -2.22 -23.63 -36.94
CA LEU G 207 -3.63 -23.53 -37.30
C LEU G 207 -4.00 -22.09 -37.64
N ILE G 208 -3.39 -21.14 -36.93
CA ILE G 208 -3.56 -19.73 -37.24
C ILE G 208 -3.02 -19.42 -38.64
N TYR G 209 -1.87 -20.00 -38.96
CA TYR G 209 -1.28 -19.87 -40.29
C TYR G 209 -2.21 -20.38 -41.39
N GLN G 210 -3.21 -21.17 -41.01
CA GLN G 210 -4.17 -21.68 -41.98
C GLN G 210 -5.39 -20.78 -42.07
N THR G 211 -5.38 -19.69 -41.32
CA THR G 211 -6.51 -18.76 -41.31
C THR G 211 -6.07 -17.42 -41.87
N HIS G 212 -6.98 -16.44 -41.84
CA HIS G 212 -6.67 -15.10 -42.32
C HIS G 212 -6.03 -14.26 -41.22
N LEU G 213 -5.88 -14.85 -40.04
CA LEU G 213 -5.29 -14.15 -38.89
C LEU G 213 -3.77 -14.09 -38.92
N ASP G 214 -3.22 -13.03 -38.39
CA ASP G 214 -1.78 -12.95 -38.14
C ASP G 214 -1.55 -13.33 -36.70
N PRO G 215 -0.67 -14.30 -36.46
CA PRO G 215 -0.39 -14.83 -35.13
C PRO G 215 0.35 -13.84 -34.21
N ARG G 216 0.96 -12.81 -34.79
CA ARG G 216 1.85 -11.96 -34.03
C ARG G 216 1.09 -10.92 -33.18
N ILE G 217 -0.19 -10.71 -33.48
CA ILE G 217 -0.99 -9.79 -32.68
C ILE G 217 -2.02 -10.52 -31.81
N GLY G 218 -1.80 -10.45 -30.49
CA GLY G 218 -2.74 -10.99 -29.53
C GLY G 218 -3.52 -9.91 -28.79
N TYR G 219 -4.39 -10.35 -27.87
CA TYR G 219 -5.33 -9.45 -27.21
C TYR G 219 -5.27 -9.57 -25.69
N LEU G 220 -5.57 -10.76 -25.18
CA LEU G 220 -5.34 -11.04 -23.76
C LEU G 220 -3.86 -10.87 -23.41
N HIS G 221 -2.99 -11.47 -24.21
CA HIS G 221 -1.54 -11.26 -24.05
C HIS G 221 -1.12 -9.95 -24.69
N GLU G 222 -0.27 -9.21 -24.00
CA GLU G 222 0.25 -7.97 -24.55
C GLU G 222 0.98 -8.23 -25.86
N THR G 223 0.82 -7.35 -26.83
CA THR G 223 1.58 -7.49 -28.04
C THR G 223 2.86 -6.66 -27.90
N ASN G 224 3.95 -7.40 -27.77
CA ASN G 224 5.25 -6.93 -27.34
C ASN G 224 6.25 -7.66 -28.22
N PHE G 225 7.53 -7.65 -27.87
CA PHE G 225 8.54 -8.20 -28.75
C PHE G 225 8.62 -9.74 -28.70
N ARG G 226 7.74 -10.34 -27.90
CA ARG G 226 7.44 -11.76 -28.04
C ARG G 226 7.03 -12.07 -29.48
N ARG G 227 7.45 -13.22 -29.99
CA ARG G 227 7.28 -13.54 -31.41
C ARG G 227 5.83 -13.82 -31.82
N PHE G 228 5.12 -14.56 -30.99
CA PHE G 228 3.72 -14.89 -31.28
C PHE G 228 2.86 -14.68 -30.04
N SER G 229 1.69 -14.07 -30.25
CA SER G 229 0.80 -13.67 -29.15
C SER G 229 -0.55 -14.39 -29.26
N LEU G 230 -1.23 -14.18 -30.38
CA LEU G 230 -2.57 -14.73 -30.60
C LEU G 230 -2.71 -16.24 -30.30
N ASN G 231 -1.65 -17.01 -30.54
CA ASN G 231 -1.70 -18.45 -30.28
C ASN G 231 -1.73 -18.74 -28.77
N LEU G 232 -1.00 -17.93 -28.01
CA LEU G 232 -1.06 -17.97 -26.55
C LEU G 232 -2.48 -17.68 -26.06
N ASP G 233 -3.14 -16.72 -26.69
CA ASP G 233 -4.50 -16.35 -26.33
C ASP G 233 -5.45 -17.54 -26.48
N ILE G 234 -5.47 -18.13 -27.67
CA ILE G 234 -6.43 -19.18 -27.99
C ILE G 234 -6.16 -20.47 -27.22
N ALA G 235 -4.89 -20.77 -27.00
CA ALA G 235 -4.50 -21.97 -26.26
C ALA G 235 -5.04 -21.98 -24.84
N GLU G 236 -5.27 -20.81 -24.27
CA GLU G 236 -5.80 -20.68 -22.91
C GLU G 236 -7.10 -21.46 -22.78
N LEU G 237 -7.86 -21.49 -23.86
CA LEU G 237 -9.11 -22.23 -23.90
C LEU G 237 -8.95 -23.75 -23.86
N PHE G 238 -7.91 -24.26 -24.53
CA PHE G 238 -7.76 -25.71 -24.73
C PHE G 238 -6.81 -26.42 -23.75
N LYS G 239 -6.23 -25.68 -22.83
CA LYS G 239 -5.28 -26.25 -21.88
C LYS G 239 -5.86 -27.38 -21.00
N PRO G 240 -7.07 -27.20 -20.44
CA PRO G 240 -7.61 -28.34 -19.68
C PRO G 240 -7.85 -29.59 -20.53
N ALA G 241 -8.49 -29.44 -21.68
CA ALA G 241 -8.91 -30.60 -22.48
C ALA G 241 -7.74 -31.27 -23.16
N VAL G 242 -6.76 -30.48 -23.59
CA VAL G 242 -5.61 -31.03 -24.28
C VAL G 242 -4.51 -31.43 -23.30
N VAL G 243 -3.96 -30.46 -22.59
CA VAL G 243 -2.80 -30.73 -21.74
C VAL G 243 -3.13 -31.46 -20.44
N ASP G 244 -4.13 -30.98 -19.70
CA ASP G 244 -4.39 -31.50 -18.37
C ASP G 244 -4.97 -32.92 -18.41
N ARG G 245 -5.89 -33.16 -19.33
CA ARG G 245 -6.46 -34.49 -19.54
C ARG G 245 -5.34 -35.50 -19.79
N LEU G 246 -4.35 -35.07 -20.56
CA LEU G 246 -3.19 -35.91 -20.84
C LEU G 246 -2.28 -36.09 -19.62
N PHE G 247 -2.04 -35.00 -18.89
CA PHE G 247 -1.20 -35.04 -17.70
C PHE G 247 -1.77 -36.03 -16.69
N LEU G 248 -3.08 -35.98 -16.49
CA LEU G 248 -3.75 -36.88 -15.56
C LEU G 248 -3.74 -38.31 -16.07
N ASN G 249 -4.05 -38.48 -17.35
CA ASN G 249 -4.09 -39.81 -17.93
C ASN G 249 -2.75 -40.53 -17.80
N LEU G 250 -1.67 -39.80 -18.09
CA LEU G 250 -0.33 -40.37 -18.02
C LEU G 250 0.09 -40.78 -16.62
N VAL G 251 -0.23 -39.96 -15.63
CA VAL G 251 0.21 -40.27 -14.27
C VAL G 251 -0.68 -41.34 -13.62
N ASN G 252 -1.98 -41.30 -13.91
CA ASN G 252 -2.91 -42.21 -13.27
C ASN G 252 -2.83 -43.62 -13.88
N THR G 253 -2.37 -43.69 -15.13
CA THR G 253 -2.23 -44.96 -15.83
C THR G 253 -0.82 -45.49 -15.62
N ARG G 254 0.02 -44.69 -14.98
CA ARG G 254 1.43 -45.02 -14.76
C ARG G 254 2.16 -45.24 -16.09
N GLN G 255 1.68 -44.59 -17.15
CA GLN G 255 2.35 -44.65 -18.44
C GLN G 255 3.64 -43.86 -18.40
N ILE G 256 3.62 -42.75 -17.67
CA ILE G 256 4.82 -41.95 -17.44
C ILE G 256 5.42 -42.34 -16.09
N ASN G 257 6.75 -42.34 -16.02
CA ASN G 257 7.44 -42.62 -14.76
C ASN G 257 8.78 -41.88 -14.71
N GLU G 258 9.60 -42.19 -13.70
CA GLU G 258 10.84 -41.44 -13.48
C GLU G 258 11.91 -41.70 -14.53
N LYS G 259 11.80 -42.82 -15.24
CA LYS G 259 12.77 -43.14 -16.29
C LYS G 259 12.62 -42.14 -17.45
N HIS G 260 11.53 -41.39 -17.42
CA HIS G 260 11.21 -40.44 -18.49
C HIS G 260 11.78 -39.04 -18.24
N PHE G 261 12.56 -38.88 -17.16
CA PHE G 261 13.16 -37.57 -16.84
C PHE G 261 14.68 -37.57 -16.66
N ASP G 262 15.29 -36.41 -16.94
CA ASP G 262 16.73 -36.16 -16.74
C ASP G 262 16.95 -34.88 -15.93
N GLU G 263 17.99 -34.86 -15.11
CA GLU G 263 18.21 -33.71 -14.22
C GLU G 263 19.17 -32.65 -14.75
N ILE G 264 18.76 -31.39 -14.61
CA ILE G 264 19.56 -30.25 -15.05
C ILE G 264 20.32 -29.61 -13.90
N LEU G 268 15.11 -29.81 -14.56
CA LEU G 268 14.55 -31.12 -14.86
C LEU G 268 13.82 -31.07 -16.20
N MET G 269 14.00 -32.12 -17.00
CA MET G 269 13.38 -32.17 -18.33
C MET G 269 13.03 -33.60 -18.73
N LEU G 270 12.42 -33.74 -19.90
CA LEU G 270 12.05 -35.04 -20.46
C LEU G 270 13.13 -35.54 -21.42
N ASN G 271 13.59 -36.77 -21.22
CA ASN G 271 14.46 -37.37 -22.23
C ASN G 271 13.64 -37.70 -23.47
N ASP G 272 14.33 -37.91 -24.58
CA ASP G 272 13.69 -38.16 -25.87
C ASP G 272 12.70 -39.32 -25.87
N GLU G 273 12.96 -40.35 -25.06
CA GLU G 273 11.98 -41.39 -24.82
C GLU G 273 10.69 -40.79 -24.27
N GLY G 274 10.78 -40.18 -23.09
CA GLY G 274 9.66 -39.49 -22.48
C GLY G 274 8.99 -38.44 -23.37
N LYS G 275 9.76 -37.80 -24.23
CA LYS G 275 9.21 -36.83 -25.17
C LYS G 275 8.49 -37.50 -26.33
N SER G 276 9.06 -38.59 -26.83
CA SER G 276 8.39 -39.40 -27.85
C SER G 276 7.05 -39.88 -27.33
N LEU G 277 7.06 -40.43 -26.12
CA LEU G 277 5.86 -40.92 -25.45
C LEU G 277 4.81 -39.84 -25.32
N PHE G 278 5.21 -38.68 -24.80
CA PHE G 278 4.28 -37.58 -24.56
C PHE G 278 3.72 -37.05 -25.88
N VAL G 279 4.61 -36.77 -26.82
CA VAL G 279 4.21 -36.26 -28.12
C VAL G 279 3.23 -37.24 -28.76
N LYS G 280 3.39 -38.53 -28.46
CA LYS G 280 2.55 -39.56 -29.06
C LYS G 280 1.13 -39.69 -28.50
N ASN G 281 0.88 -39.35 -27.25
CA ASN G 281 -0.51 -39.22 -26.83
C ASN G 281 -1.08 -37.94 -27.36
N TYR G 282 -0.23 -36.92 -27.41
CA TYR G 282 -0.66 -35.58 -27.74
C TYR G 282 -1.21 -35.45 -29.14
N GLU G 283 -0.41 -35.85 -30.14
CA GLU G 283 -0.77 -35.62 -31.54
C GLU G 283 -2.05 -36.39 -31.86
N GLN G 284 -2.23 -37.52 -31.20
CA GLN G 284 -3.43 -38.31 -31.35
C GLN G 284 -4.56 -37.81 -30.46
N ALA G 285 -4.24 -37.07 -29.39
CA ALA G 285 -5.29 -36.47 -28.58
C ALA G 285 -5.98 -35.39 -29.40
N LEU G 286 -5.24 -34.79 -30.32
CA LEU G 286 -5.77 -33.72 -31.16
C LEU G 286 -6.78 -34.22 -32.20
N ARG G 287 -6.39 -35.20 -32.99
CA ARG G 287 -7.24 -35.61 -34.12
C ARG G 287 -8.16 -36.77 -33.70
N GLU G 288 -8.09 -37.12 -32.42
CA GLU G 288 -9.08 -38.01 -31.83
C GLU G 288 -10.43 -37.30 -31.88
N THR G 289 -11.47 -38.06 -32.20
CA THR G 289 -12.77 -37.48 -32.46
C THR G 289 -13.80 -37.87 -31.40
N LYS G 293 -20.42 -33.90 -30.45
CA LYS G 293 -21.38 -34.00 -29.37
C LYS G 293 -22.36 -32.82 -29.37
N LYS G 294 -21.97 -31.74 -28.69
CA LYS G 294 -22.82 -30.55 -28.59
C LYS G 294 -22.99 -29.86 -29.95
N LEU G 295 -22.13 -30.21 -30.90
CA LEU G 295 -22.17 -29.64 -32.24
C LEU G 295 -22.94 -30.51 -33.24
N ASN G 296 -23.54 -31.59 -32.75
CA ASN G 296 -24.27 -32.56 -33.56
C ASN G 296 -23.38 -33.16 -34.66
N ARG G 297 -22.09 -33.18 -34.39
CA ARG G 297 -21.18 -33.93 -35.23
C ARG G 297 -20.05 -34.44 -34.39
N TYR G 298 -19.19 -35.23 -35.00
CA TYR G 298 -18.04 -35.76 -34.31
C TYR G 298 -16.88 -34.91 -34.79
N VAL G 299 -16.17 -34.29 -33.84
CA VAL G 299 -15.20 -33.28 -34.19
C VAL G 299 -13.91 -33.40 -33.38
N SER G 300 -12.77 -33.34 -34.07
CA SER G 300 -11.46 -33.39 -33.42
C SER G 300 -11.12 -32.04 -32.78
N MET G 301 -10.28 -32.08 -31.75
CA MET G 301 -9.87 -30.88 -31.01
C MET G 301 -9.18 -29.88 -31.92
N ARG G 302 -8.45 -30.41 -32.89
CA ARG G 302 -7.76 -29.61 -33.89
C ARG G 302 -8.77 -28.80 -34.69
N SER G 303 -9.93 -29.41 -34.95
CA SER G 303 -11.00 -28.74 -35.67
C SER G 303 -11.70 -27.72 -34.77
N LEU G 304 -11.84 -28.06 -33.49
CA LEU G 304 -12.37 -27.13 -32.49
C LEU G 304 -11.56 -25.83 -32.47
N ILE G 305 -10.24 -25.96 -32.53
CA ILE G 305 -9.35 -24.80 -32.50
C ILE G 305 -9.54 -23.97 -33.76
N LYS G 306 -9.67 -24.66 -34.90
CA LYS G 306 -9.95 -24.00 -36.17
C LYS G 306 -11.26 -23.22 -36.09
N MET G 307 -12.24 -23.78 -35.39
CA MET G 307 -13.52 -23.13 -35.19
C MET G 307 -13.41 -21.87 -34.33
N GLU G 308 -12.60 -21.94 -33.29
CA GLU G 308 -12.41 -20.80 -32.39
C GLU G 308 -11.74 -19.64 -33.13
N LEU G 309 -10.79 -19.97 -33.99
CA LEU G 309 -10.10 -18.99 -34.80
C LEU G 309 -11.07 -18.32 -35.78
N HIS G 310 -11.93 -19.12 -36.39
CA HIS G 310 -12.89 -18.60 -37.36
CA HIS G 310 -12.92 -18.62 -37.35
C HIS G 310 -13.92 -17.70 -36.68
N LYS G 311 -14.24 -18.00 -35.42
CA LYS G 311 -15.14 -17.17 -34.64
C LYS G 311 -14.51 -15.79 -34.40
N LEU G 312 -13.21 -15.79 -34.17
CA LEU G 312 -12.47 -14.55 -34.02
C LEU G 312 -12.46 -13.77 -35.33
N GLU G 313 -12.29 -14.48 -36.44
CA GLU G 313 -12.27 -13.87 -37.77
C GLU G 313 -13.58 -13.14 -38.04
N LYS G 314 -14.69 -13.81 -37.75
CA LYS G 314 -16.02 -13.24 -37.98
C LYS G 314 -16.28 -12.05 -37.06
N HIS G 315 -15.67 -12.08 -35.88
CA HIS G 315 -15.79 -10.98 -34.94
C HIS G 315 -15.09 -9.74 -35.48
N LEU G 316 -13.91 -9.96 -36.06
CA LEU G 316 -13.07 -8.86 -36.53
C LEU G 316 -13.70 -8.16 -37.74
N ILE G 317 -14.47 -8.90 -38.53
CA ILE G 317 -15.12 -8.32 -39.70
C ILE G 317 -16.53 -7.87 -39.34
N GLY G 318 -16.87 -7.98 -38.05
CA GLY G 318 -18.11 -7.41 -37.55
C GLY G 318 -19.33 -8.27 -37.81
N GLU G 319 -19.11 -9.49 -38.28
CA GLU G 319 -20.23 -10.39 -38.59
C GLU G 319 -20.83 -10.95 -37.31
N GLN G 320 -20.09 -11.84 -36.65
CA GLN G 320 -20.55 -12.38 -35.39
C GLN G 320 -19.69 -11.83 -34.26
N VAL G 321 -20.28 -10.94 -33.47
CA VAL G 321 -19.58 -10.38 -32.32
C VAL G 321 -20.07 -11.14 -31.08
N PHE G 322 -19.12 -11.46 -30.21
CA PHE G 322 -19.28 -12.49 -29.19
C PHE G 322 -20.53 -12.38 -28.32
N SER H 10 -5.59 -27.58 48.55
CA SER H 10 -5.08 -28.80 47.93
C SER H 10 -6.15 -29.87 47.88
N VAL H 11 -7.10 -29.80 48.81
CA VAL H 11 -8.07 -30.87 49.00
C VAL H 11 -9.35 -30.70 48.18
N TYR H 12 -9.74 -31.76 47.50
CA TYR H 12 -10.99 -31.79 46.74
C TYR H 12 -12.03 -32.66 47.43
N LEU H 13 -13.21 -32.10 47.69
CA LEU H 13 -14.32 -32.91 48.22
C LEU H 13 -15.47 -33.00 47.22
N PHE H 14 -15.64 -34.18 46.61
CA PHE H 14 -16.72 -34.38 45.65
C PHE H 14 -17.98 -34.99 46.25
N SER H 15 -17.91 -35.43 47.49
CA SER H 15 -19.03 -36.13 48.11
C SER H 15 -19.93 -35.19 48.92
N SER H 16 -21.23 -35.42 48.86
CA SER H 16 -22.19 -34.61 49.61
C SER H 16 -22.23 -35.00 51.07
N GLY H 17 -22.54 -34.04 51.95
CA GLY H 17 -22.60 -34.31 53.37
C GLY H 17 -22.47 -33.09 54.26
N THR H 18 -22.04 -33.30 55.49
CA THR H 18 -21.92 -32.21 56.46
C THR H 18 -20.48 -31.97 56.90
N LEU H 19 -20.03 -30.72 56.83
CA LEU H 19 -18.70 -30.35 57.31
C LEU H 19 -18.74 -29.90 58.78
N LYS H 20 -17.83 -30.45 59.59
CA LYS H 20 -17.82 -30.14 61.02
C LYS H 20 -16.42 -30.28 61.61
N ARG H 21 -16.15 -29.56 62.70
CA ARG H 21 -14.86 -29.62 63.37
C ARG H 21 -14.71 -30.95 64.12
N ILE H 26 -11.16 -31.91 61.04
CA ILE H 26 -12.45 -31.61 60.43
C ILE H 26 -12.89 -32.66 59.40
N CYS H 27 -14.19 -32.74 59.16
CA CYS H 27 -14.73 -33.84 58.39
C CYS H 27 -15.94 -33.57 57.52
N LEU H 28 -16.10 -34.46 56.55
CA LEU H 28 -17.30 -34.54 55.76
C LEU H 28 -18.03 -35.83 56.10
N GLU H 29 -19.20 -35.72 56.73
CA GLU H 29 -20.00 -36.89 57.02
C GLU H 29 -20.98 -37.08 55.87
N THR H 30 -20.76 -38.14 55.10
CA THR H 30 -21.64 -38.49 53.98
C THR H 30 -22.51 -39.68 54.35
N GLU H 31 -23.38 -40.10 53.44
CA GLU H 31 -24.29 -41.20 53.72
C GLU H 31 -23.54 -42.52 53.91
N SER H 32 -22.34 -42.61 53.35
CA SER H 32 -21.47 -43.76 53.60
C SER H 32 -20.20 -43.36 54.35
N GLY H 33 -20.13 -43.73 55.62
CA GLY H 33 -18.97 -43.40 56.45
C GLY H 33 -18.71 -41.90 56.58
N ARG H 34 -17.53 -41.55 57.06
CA ARG H 34 -17.14 -40.14 57.20
C ARG H 34 -15.73 -39.91 56.66
N LYS H 35 -15.59 -38.92 55.78
CA LYS H 35 -14.30 -38.66 55.17
C LYS H 35 -13.54 -37.61 55.98
N TYR H 36 -12.46 -38.06 56.61
CA TYR H 36 -11.66 -37.21 57.50
C TYR H 36 -10.50 -36.55 56.74
N ILE H 37 -10.37 -35.23 56.90
CA ILE H 37 -9.22 -34.53 56.32
C ILE H 37 -8.33 -33.90 57.40
N PRO H 38 -7.09 -34.40 57.50
CA PRO H 38 -6.11 -33.75 58.38
C PRO H 38 -5.81 -32.34 57.86
N VAL H 39 -5.70 -31.35 58.75
CA VAL H 39 -5.50 -29.98 58.32
C VAL H 39 -4.04 -29.64 58.04
N GLU H 40 -3.14 -30.50 58.49
CA GLU H 40 -1.71 -30.26 58.35
C GLU H 40 -1.27 -30.15 56.89
N ASN H 41 -1.89 -30.95 56.04
CA ASN H 41 -1.56 -30.98 54.62
C ASN H 41 -2.24 -29.84 53.85
N VAL H 42 -3.33 -29.32 54.40
CA VAL H 42 -4.24 -28.45 53.66
C VAL H 42 -3.81 -26.99 53.50
N MET H 43 -3.63 -26.56 52.26
CA MET H 43 -3.58 -25.15 51.91
C MET H 43 -5.00 -24.59 51.84
N ASP H 44 -5.87 -25.33 51.17
CA ASP H 44 -7.25 -24.93 50.98
C ASP H 44 -8.15 -26.14 50.67
N ILE H 45 -9.45 -25.94 50.82
CA ILE H 45 -10.43 -26.97 50.48
C ILE H 45 -11.28 -26.52 49.30
N LYS H 46 -11.46 -27.42 48.33
CA LYS H 46 -12.39 -27.19 47.23
C LYS H 46 -13.59 -28.10 47.38
N VAL H 47 -14.78 -27.53 47.46
CA VAL H 47 -15.98 -28.34 47.64
C VAL H 47 -16.86 -28.38 46.39
N PHE H 48 -16.87 -29.54 45.72
CA PHE H 48 -17.73 -29.74 44.56
C PHE H 48 -19.07 -30.39 44.90
N GLY H 49 -19.20 -30.86 46.13
CA GLY H 49 -20.39 -31.62 46.53
C GLY H 49 -21.42 -30.72 47.19
N GLU H 50 -22.54 -31.32 47.59
CA GLU H 50 -23.56 -30.57 48.29
C GLU H 50 -23.29 -30.69 49.79
N VAL H 51 -22.94 -29.58 50.41
CA VAL H 51 -22.49 -29.64 51.80
C VAL H 51 -23.27 -28.74 52.74
N ASP H 52 -23.44 -29.22 53.97
CA ASP H 52 -23.99 -28.40 55.04
C ASP H 52 -22.86 -28.06 56.02
N LEU H 53 -22.90 -26.86 56.55
CA LEU H 53 -21.91 -26.43 57.53
C LEU H 53 -22.49 -25.34 58.42
N ASN H 54 -21.84 -25.08 59.54
CA ASN H 54 -22.23 -24.00 60.43
C ASN H 54 -21.14 -22.93 60.49
N LYS H 55 -21.39 -21.88 61.27
CA LYS H 55 -20.40 -20.82 61.45
C LYS H 55 -19.22 -21.33 62.28
N ARG H 56 -19.50 -22.29 63.15
CA ARG H 56 -18.47 -22.90 64.00
C ARG H 56 -17.37 -23.55 63.15
N PHE H 57 -17.78 -24.24 62.09
CA PHE H 57 -16.85 -24.86 61.18
C PHE H 57 -16.00 -23.82 60.45
N LEU H 58 -16.65 -22.73 60.05
CA LEU H 58 -15.95 -21.63 59.39
C LEU H 58 -14.92 -21.02 60.34
N GLU H 59 -15.30 -20.86 61.60
CA GLU H 59 -14.40 -20.32 62.61
C GLU H 59 -13.18 -21.20 62.78
N PHE H 60 -13.35 -22.51 62.62
CA PHE H 60 -12.20 -23.41 62.69
C PHE H 60 -11.28 -23.16 61.50
N LEU H 61 -11.84 -23.19 60.30
CA LEU H 61 -11.07 -22.92 59.09
C LEU H 61 -10.35 -21.58 59.23
N SER H 62 -11.07 -20.59 59.76
CA SER H 62 -10.54 -19.26 60.00
C SER H 62 -9.32 -19.26 60.94
N GLN H 63 -9.38 -20.06 61.99
CA GLN H 63 -8.30 -20.10 62.97
C GLN H 63 -7.05 -20.78 62.40
N LYS H 64 -7.26 -21.76 61.53
CA LYS H 64 -6.14 -22.47 60.89
C LYS H 64 -5.78 -21.88 59.53
N ARG H 65 -6.42 -20.77 59.19
CA ARG H 65 -6.07 -19.95 58.03
C ARG H 65 -6.27 -20.69 56.71
N ILE H 66 -7.32 -21.48 56.63
CA ILE H 66 -7.62 -22.23 55.42
C ILE H 66 -8.87 -21.70 54.72
N PRO H 67 -8.73 -21.26 53.46
CA PRO H 67 -9.90 -20.88 52.68
C PRO H 67 -10.63 -22.10 52.13
N ILE H 68 -11.91 -21.94 51.82
CA ILE H 68 -12.67 -23.04 51.23
C ILE H 68 -13.42 -22.54 50.00
N HIS H 69 -13.15 -23.16 48.86
CA HIS H 69 -13.71 -22.76 47.58
C HIS H 69 -14.92 -23.62 47.20
N PHE H 70 -15.99 -22.97 46.77
CA PHE H 70 -17.22 -23.68 46.48
C PHE H 70 -17.52 -23.71 44.97
N PHE H 71 -17.88 -24.90 44.49
CA PHE H 71 -18.27 -25.12 43.10
C PHE H 71 -19.61 -25.82 43.08
N ASN H 72 -20.41 -25.56 42.04
CA ASN H 72 -21.71 -26.21 41.94
C ASN H 72 -21.60 -27.57 41.25
N ARG H 73 -22.75 -28.17 40.98
CA ARG H 73 -22.85 -29.49 40.34
C ARG H 73 -21.97 -29.59 39.10
N GLU H 74 -22.26 -28.77 38.10
CA GLU H 74 -21.53 -28.81 36.83
C GLU H 74 -20.09 -28.31 36.96
N GLY H 75 -19.72 -27.82 38.14
CA GLY H 75 -18.33 -27.51 38.43
C GLY H 75 -17.95 -26.05 38.27
N TYR H 76 -18.96 -25.19 38.16
CA TYR H 76 -18.69 -23.77 38.02
C TYR H 76 -18.57 -23.12 39.40
N TYR H 77 -17.66 -22.16 39.51
CA TYR H 77 -17.26 -21.60 40.80
C TYR H 77 -18.25 -20.56 41.29
N VAL H 78 -18.90 -20.84 42.42
CA VAL H 78 -19.86 -19.90 43.01
C VAL H 78 -19.22 -18.83 43.88
N GLY H 79 -18.12 -19.18 44.56
CA GLY H 79 -17.48 -18.27 45.49
C GLY H 79 -16.58 -18.94 46.52
N THR H 80 -15.87 -18.13 47.28
CA THR H 80 -14.91 -18.63 48.26
C THR H 80 -15.12 -18.02 49.64
N PHE H 81 -15.03 -18.84 50.68
CA PHE H 81 -14.93 -18.30 52.01
C PHE H 81 -13.48 -18.01 52.31
N TYR H 82 -13.19 -16.74 52.53
CA TYR H 82 -11.85 -16.29 52.88
C TYR H 82 -11.79 -15.96 54.36
N PRO H 83 -10.92 -16.64 55.11
CA PRO H 83 -10.64 -16.23 56.49
C PRO H 83 -9.97 -14.86 56.49
N ARG H 84 -9.99 -14.16 57.62
CA ARG H 84 -9.38 -12.84 57.71
C ARG H 84 -7.90 -12.87 57.30
N GLU H 85 -7.18 -13.85 57.83
CA GLU H 85 -5.82 -14.13 57.41
C GLU H 85 -5.76 -15.57 56.94
N TYR H 86 -5.40 -15.77 55.68
CA TYR H 86 -5.27 -17.15 55.23
C TYR H 86 -3.85 -17.47 54.82
N LEU H 87 -3.66 -18.73 54.45
CA LEU H 87 -2.37 -19.18 54.01
C LEU H 87 -2.05 -18.61 52.65
N ASN H 88 -0.74 -18.57 52.41
CA ASN H 88 -0.17 -18.17 51.14
C ASN H 88 -0.88 -18.94 50.06
N SER H 89 -1.44 -18.22 49.12
CA SER H 89 -2.39 -18.81 48.18
C SER H 89 -1.76 -19.11 46.82
N GLY H 90 -0.53 -18.62 46.61
CA GLY H 90 0.13 -18.75 45.33
C GLY H 90 -0.65 -18.17 44.17
N PHE H 91 -1.44 -17.14 44.43
CA PHE H 91 -2.21 -16.48 43.38
C PHE H 91 -1.24 -15.80 42.43
N LEU H 92 -1.40 -16.06 41.13
CA LEU H 92 -0.39 -15.69 40.14
C LEU H 92 -0.60 -14.34 39.45
N ILE H 93 -1.62 -13.59 39.87
CA ILE H 93 -2.03 -12.36 39.18
C ILE H 93 -0.86 -11.41 38.87
N LEU H 94 0.04 -11.23 39.83
CA LEU H 94 1.17 -10.32 39.67
C LEU H 94 2.19 -10.86 38.67
N LYS H 95 2.41 -12.17 38.69
CA LYS H 95 3.30 -12.81 37.72
C LYS H 95 2.68 -12.81 36.33
N GLN H 96 1.36 -12.87 36.27
CA GLN H 96 0.67 -12.80 34.99
C GLN H 96 0.79 -11.43 34.36
N ALA H 97 0.63 -10.39 35.17
CA ALA H 97 0.77 -9.02 34.69
C ALA H 97 2.20 -8.78 34.24
N GLU H 98 3.15 -9.26 35.04
CA GLU H 98 4.56 -9.11 34.72
C GLU H 98 4.88 -9.78 33.40
N HIS H 99 4.24 -10.92 33.15
CA HIS H 99 4.43 -11.65 31.91
C HIS H 99 3.68 -11.02 30.74
N TYR H 100 2.66 -10.23 31.03
CA TYR H 100 1.96 -9.51 29.97
C TYR H 100 2.71 -8.27 29.49
N ILE H 101 3.15 -7.43 30.43
CA ILE H 101 3.69 -6.11 30.09
C ILE H 101 5.09 -6.22 29.51
N ASN H 102 5.73 -7.35 29.78
CA ASN H 102 7.02 -7.65 29.18
C ASN H 102 6.79 -8.40 27.87
N GLN H 103 7.22 -7.83 26.75
CA GLN H 103 6.81 -8.39 25.46
C GLN H 103 7.50 -9.70 25.14
N GLU H 104 8.79 -9.80 25.46
CA GLU H 104 9.49 -11.05 25.19
C GLU H 104 8.85 -12.16 26.05
N LYS H 105 8.46 -11.82 27.27
CA LYS H 105 7.76 -12.78 28.12
C LYS H 105 6.37 -13.11 27.56
N ARG H 106 5.72 -12.11 26.98
CA ARG H 106 4.38 -12.30 26.45
C ARG H 106 4.43 -13.08 25.15
N MET H 107 5.43 -12.76 24.33
CA MET H 107 5.64 -13.44 23.06
C MET H 107 5.84 -14.93 23.23
N LEU H 108 6.61 -15.30 24.25
CA LEU H 108 6.93 -16.68 24.55
C LEU H 108 5.66 -17.50 24.78
N ILE H 109 4.77 -16.97 25.62
CA ILE H 109 3.51 -17.65 25.94
C ILE H 109 2.59 -17.70 24.72
N ALA H 110 2.47 -16.57 24.03
CA ALA H 110 1.62 -16.49 22.84
C ALA H 110 2.09 -17.48 21.76
N ARG H 111 3.39 -17.49 21.49
CA ARG H 111 3.95 -18.39 20.47
C ARG H 111 3.64 -19.84 20.80
N GLU H 112 3.73 -20.18 22.09
CA GLU H 112 3.47 -21.53 22.51
C GLU H 112 2.02 -21.93 22.25
N ILE H 113 1.11 -21.02 22.59
CA ILE H 113 -0.32 -21.23 22.31
C ILE H 113 -0.55 -21.52 20.84
N VAL H 114 0.03 -20.68 19.99
CA VAL H 114 -0.13 -20.79 18.54
C VAL H 114 0.52 -22.05 17.98
N SER H 115 1.72 -22.34 18.47
CA SER H 115 2.47 -23.51 18.01
C SER H 115 1.66 -24.80 18.17
N ARG H 116 1.05 -24.98 19.34
CA ARG H 116 0.24 -26.16 19.60
C ARG H 116 -1.15 -26.12 19.01
N SER H 117 -1.71 -24.93 18.89
CA SER H 117 -2.96 -24.78 18.18
C SER H 117 -2.79 -25.33 16.77
N PHE H 118 -1.65 -25.01 16.16
CA PHE H 118 -1.35 -25.46 14.82
C PHE H 118 -1.12 -26.96 14.80
N GLN H 119 -0.41 -27.48 15.79
CA GLN H 119 -0.13 -28.90 15.82
C GLN H 119 -1.41 -29.69 16.08
N ASN H 120 -2.33 -29.14 16.87
CA ASN H 120 -3.60 -29.81 17.12
C ASN H 120 -4.50 -29.81 15.88
N MET H 121 -4.39 -28.75 15.09
CA MET H 121 -5.09 -28.67 13.81
C MET H 121 -4.52 -29.70 12.84
N VAL H 122 -3.20 -29.74 12.75
CA VAL H 122 -2.52 -30.66 11.86
C VAL H 122 -2.77 -32.11 12.30
N ASP H 123 -2.72 -32.37 13.60
CA ASP H 123 -2.95 -33.73 14.11
C ASP H 123 -4.36 -34.21 13.79
N PHE H 124 -5.34 -33.32 13.94
CA PHE H 124 -6.74 -33.62 13.64
C PHE H 124 -6.91 -34.06 12.18
N LEU H 125 -6.28 -33.32 11.28
CA LEU H 125 -6.36 -33.60 9.86
C LEU H 125 -5.63 -34.89 9.49
N LYS H 126 -4.47 -35.12 10.09
CA LYS H 126 -3.67 -36.31 9.79
C LYS H 126 -4.34 -37.60 10.27
N LYS H 127 -4.98 -37.54 11.43
CA LYS H 127 -5.67 -38.71 11.98
C LYS H 127 -6.80 -39.13 11.05
N ARG H 128 -7.40 -38.13 10.41
CA ARG H 128 -8.55 -38.31 9.52
C ARG H 128 -8.17 -38.45 8.04
N LYS H 129 -6.86 -38.54 7.78
CA LYS H 129 -6.31 -38.75 6.43
C LYS H 129 -6.52 -37.56 5.49
N VAL H 130 -6.63 -36.36 6.05
CA VAL H 130 -6.75 -35.15 5.24
C VAL H 130 -5.41 -34.42 5.21
N ARG H 131 -5.08 -33.78 4.09
CA ARG H 131 -3.81 -33.07 3.90
C ARG H 131 -3.67 -31.80 4.74
N ALA H 132 -2.59 -31.73 5.52
CA ALA H 132 -2.30 -30.54 6.33
C ALA H 132 -1.31 -29.60 5.67
N ASP H 133 -0.89 -29.91 4.44
CA ASP H 133 0.14 -29.15 3.73
C ASP H 133 -0.14 -27.64 3.65
N SER H 134 -1.40 -27.29 3.37
CA SER H 134 -1.77 -25.89 3.16
C SER H 134 -1.53 -25.04 4.41
N LEU H 135 -1.60 -25.67 5.57
CA LEU H 135 -1.43 -24.97 6.84
C LEU H 135 0.02 -24.61 7.14
N THR H 136 0.95 -25.24 6.43
CA THR H 136 2.38 -25.07 6.69
C THR H 136 2.85 -23.62 6.57
N ARG H 137 2.33 -22.90 5.59
CA ARG H 137 2.75 -21.52 5.34
C ARG H 137 2.39 -20.59 6.50
N TYR H 138 1.34 -20.95 7.24
CA TYR H 138 0.94 -20.17 8.41
C TYR H 138 1.89 -20.39 9.59
N LYS H 139 2.32 -21.65 9.75
CA LYS H 139 3.28 -22.00 10.79
C LYS H 139 4.57 -21.19 10.66
N LYS H 140 5.06 -21.08 9.43
CA LYS H 140 6.30 -20.36 9.18
C LYS H 140 6.15 -18.88 9.52
N LYS H 141 5.01 -18.29 9.17
CA LYS H 141 4.73 -16.90 9.51
C LYS H 141 4.71 -16.70 11.02
N ALA H 142 4.09 -17.64 11.72
CA ALA H 142 4.00 -17.58 13.17
C ALA H 142 5.38 -17.58 13.82
N GLU H 143 6.34 -18.20 13.14
CA GLU H 143 7.69 -18.26 13.67
C GLU H 143 8.44 -16.93 13.53
N GLU H 144 8.25 -16.28 12.38
CA GLU H 144 9.03 -15.08 12.03
C GLU H 144 8.46 -13.77 12.56
N ALA H 145 7.22 -13.80 13.02
CA ALA H 145 6.52 -12.59 13.39
C ALA H 145 6.88 -12.09 14.78
N SER H 146 7.13 -10.79 14.94
CA SER H 146 7.31 -10.24 16.29
C SER H 146 6.47 -9.01 16.62
N ASN H 147 5.48 -9.24 17.47
CA ASN H 147 4.70 -8.29 18.28
C ASN H 147 3.66 -9.28 18.79
N VAL H 148 2.69 -8.94 19.64
CA VAL H 148 1.69 -9.96 19.96
C VAL H 148 0.38 -9.84 19.14
N SER H 149 0.29 -8.89 18.18
CA SER H 149 -0.92 -8.87 17.36
C SER H 149 -0.93 -9.88 16.18
N GLU H 150 -0.25 -9.62 15.03
CA GLU H 150 0.53 -10.63 14.25
C GLU H 150 -0.23 -11.97 14.27
N LEU H 151 0.33 -12.87 15.07
CA LEU H 151 -0.04 -14.23 15.36
C LEU H 151 -1.53 -14.39 15.59
N MET H 152 -2.16 -13.44 16.28
CA MET H 152 -3.61 -13.55 16.45
C MET H 152 -4.28 -13.48 15.09
N GLY H 153 -3.76 -12.59 14.23
CA GLY H 153 -4.18 -12.56 12.85
C GLY H 153 -3.81 -13.85 12.16
N ILE H 154 -2.57 -14.29 12.36
CA ILE H 154 -2.05 -15.49 11.71
C ILE H 154 -2.75 -16.76 12.21
N GLU H 155 -2.93 -16.86 13.52
CA GLU H 155 -3.67 -17.96 14.13
C GLU H 155 -5.09 -17.99 13.56
N GLY H 156 -5.67 -16.80 13.41
CA GLY H 156 -7.00 -16.66 12.87
C GLY H 156 -7.12 -17.14 11.43
N ASN H 157 -6.18 -16.72 10.59
CA ASN H 157 -6.21 -17.11 9.17
C ASN H 157 -5.94 -18.59 8.98
N ALA H 158 -5.08 -19.16 9.83
CA ALA H 158 -4.76 -20.58 9.77
C ALA H 158 -5.97 -21.43 10.17
N ARG H 159 -6.67 -21.00 11.22
CA ARG H 159 -7.89 -21.65 11.66
C ARG H 159 -8.94 -21.64 10.55
N GLU H 160 -9.00 -20.53 9.82
CA GLU H 160 -9.92 -20.38 8.69
C GLU H 160 -9.61 -21.40 7.60
N GLU H 161 -8.34 -21.52 7.25
CA GLU H 161 -7.90 -22.52 6.26
C GLU H 161 -8.22 -23.93 6.76
N TYR H 162 -7.96 -24.15 8.03
CA TYR H 162 -8.22 -25.44 8.67
C TYR H 162 -9.71 -25.79 8.59
N TYR H 163 -10.55 -24.82 8.89
CA TYR H 163 -12.01 -25.03 8.89
C TYR H 163 -12.52 -25.43 7.52
N SER H 164 -11.89 -24.92 6.47
CA SER H 164 -12.32 -25.26 5.12
C SER H 164 -11.70 -26.58 4.65
N MET H 165 -10.66 -27.05 5.35
CA MET H 165 -10.14 -28.38 5.13
C MET H 165 -11.00 -29.43 5.81
N ILE H 166 -11.70 -29.00 6.85
CA ILE H 166 -12.57 -29.88 7.62
C ILE H 166 -13.79 -30.31 6.79
N ASP H 167 -14.17 -29.48 5.83
CA ASP H 167 -15.34 -29.76 4.98
C ASP H 167 -15.20 -31.03 4.17
N SER H 168 -13.97 -31.46 3.94
CA SER H 168 -13.70 -32.71 3.26
C SER H 168 -14.39 -33.86 3.98
N LEU H 169 -14.59 -33.67 5.28
CA LEU H 169 -15.14 -34.70 6.15
C LEU H 169 -16.64 -34.59 6.36
N VAL H 170 -17.26 -33.55 5.79
CA VAL H 170 -18.68 -33.33 6.00
C VAL H 170 -19.47 -33.93 4.84
N SER H 171 -20.35 -34.88 5.17
CA SER H 171 -21.09 -35.63 4.16
C SER H 171 -22.22 -34.79 3.55
N ASP H 172 -23.19 -34.43 4.38
CA ASP H 172 -24.30 -33.59 3.94
C ASP H 172 -23.79 -32.21 3.59
N GLU H 173 -24.31 -31.59 2.54
CA GLU H 173 -23.93 -30.22 2.27
C GLU H 173 -24.88 -29.30 3.04
N ARG H 174 -24.60 -28.01 3.00
CA ARG H 174 -25.30 -27.00 3.82
C ARG H 174 -25.01 -27.21 5.32
N PHE H 175 -24.42 -28.34 5.67
CA PHE H 175 -23.87 -28.60 7.00
C PHE H 175 -22.38 -28.32 6.99
N ARG H 176 -21.90 -27.87 5.84
CA ARG H 176 -20.50 -27.50 5.67
C ARG H 176 -20.25 -26.10 6.21
N ILE H 177 -19.05 -25.85 6.71
CA ILE H 177 -18.65 -24.49 6.99
C ILE H 177 -17.95 -24.03 5.75
N GLU H 178 -18.56 -23.17 4.95
CA GLU H 178 -17.90 -22.87 3.69
C GLU H 178 -16.82 -21.83 3.93
N LYS H 179 -17.16 -20.84 4.75
CA LYS H 179 -16.18 -19.88 5.23
C LYS H 179 -16.48 -19.54 6.68
N ARG H 180 -15.49 -19.65 7.57
CA ARG H 180 -15.67 -19.08 8.91
C ARG H 180 -14.71 -17.91 9.09
N THR H 181 -15.26 -16.71 9.05
CA THR H 181 -14.47 -15.50 8.79
C THR H 181 -14.02 -14.58 9.93
N ARG H 182 -14.31 -14.95 11.19
CA ARG H 182 -14.28 -14.07 12.39
C ARG H 182 -15.63 -13.37 12.60
N ARG H 183 -16.50 -13.46 11.59
CA ARG H 183 -17.90 -13.10 11.72
C ARG H 183 -18.73 -14.05 10.87
N PRO H 184 -18.90 -15.29 11.34
CA PRO H 184 -19.44 -16.40 10.55
C PRO H 184 -20.77 -16.12 9.85
N PRO H 185 -20.90 -16.60 8.60
CA PRO H 185 -22.10 -16.52 7.77
C PRO H 185 -23.22 -17.40 8.32
N LYS H 186 -24.44 -17.16 7.85
CA LYS H 186 -25.60 -17.90 8.35
C LYS H 186 -25.65 -19.28 7.70
N ASN H 187 -25.59 -20.31 8.54
CA ASN H 187 -25.71 -21.71 8.13
C ASN H 187 -25.66 -22.61 9.36
N PHE H 188 -25.98 -23.89 9.17
CA PHE H 188 -26.02 -24.85 10.26
C PHE H 188 -24.66 -25.03 10.94
N ALA H 189 -23.62 -25.16 10.13
CA ALA H 189 -22.28 -25.46 10.61
C ALA H 189 -21.70 -24.38 11.53
N ASN H 190 -21.74 -23.12 11.10
CA ASN H 190 -21.15 -22.04 11.88
C ASN H 190 -21.84 -21.84 13.23
N THR H 191 -23.10 -22.24 13.29
CA THR H 191 -23.86 -22.15 14.53
C THR H 191 -23.44 -23.24 15.50
N LEU H 192 -23.28 -24.45 14.97
CA LEU H 192 -22.78 -25.57 15.76
C LEU H 192 -21.39 -25.22 16.27
N ILE H 193 -20.54 -24.70 15.40
CA ILE H 193 -19.18 -24.35 15.78
C ILE H 193 -19.17 -23.22 16.81
N SER H 194 -19.97 -22.19 16.59
CA SER H 194 -20.03 -21.07 17.54
C SER H 194 -20.55 -21.52 18.90
N PHE H 195 -21.62 -22.31 18.87
CA PHE H 195 -22.21 -22.80 20.10
C PHE H 195 -21.23 -23.70 20.85
N GLY H 196 -20.59 -24.62 20.13
CA GLY H 196 -19.60 -25.50 20.72
C GLY H 196 -18.41 -24.72 21.28
N ASN H 197 -17.94 -23.75 20.52
CA ASN H 197 -16.83 -22.90 20.96
C ASN H 197 -17.15 -22.15 22.25
N SER H 198 -18.40 -21.67 22.36
CA SER H 198 -18.83 -20.97 23.56
C SER H 198 -18.83 -21.90 24.77
N LEU H 199 -19.30 -23.13 24.57
CA LEU H 199 -19.29 -24.14 25.61
C LEU H 199 -17.86 -24.42 26.06
N LEU H 200 -16.94 -24.49 25.11
CA LEU H 200 -15.54 -24.76 25.41
C LEU H 200 -14.91 -23.61 26.19
N TYR H 201 -15.21 -22.38 25.77
CA TYR H 201 -14.73 -21.19 26.49
C TYR H 201 -15.16 -21.22 27.94
N THR H 202 -16.39 -21.67 28.17
CA THR H 202 -16.93 -21.73 29.51
C THR H 202 -16.24 -22.81 30.33
N THR H 203 -16.02 -23.96 29.70
CA THR H 203 -15.35 -25.08 30.37
C THR H 203 -13.95 -24.68 30.85
N VAL H 204 -13.14 -24.17 29.93
CA VAL H 204 -11.79 -23.70 30.25
C VAL H 204 -11.83 -22.64 31.36
N LEU H 205 -12.78 -21.72 31.27
CA LEU H 205 -12.95 -20.69 32.30
C LEU H 205 -13.10 -21.31 33.69
N SER H 206 -14.02 -22.26 33.82
CA SER H 206 -14.30 -22.86 35.10
C SER H 206 -13.10 -23.66 35.61
N LEU H 207 -12.35 -24.24 34.67
CA LEU H 207 -11.15 -24.99 35.04
C LEU H 207 -10.06 -24.03 35.51
N ILE H 208 -10.03 -22.83 34.94
CA ILE H 208 -9.08 -21.79 35.37
C ILE H 208 -9.37 -21.35 36.81
N TYR H 209 -10.66 -21.21 37.12
CA TYR H 209 -11.09 -20.85 38.47
C TYR H 209 -10.65 -21.89 39.49
N GLN H 210 -10.27 -23.07 39.02
CA GLN H 210 -9.81 -24.13 39.91
C GLN H 210 -8.30 -24.09 40.06
N THR H 211 -7.67 -23.09 39.43
CA THR H 211 -6.23 -22.95 39.46
C THR H 211 -5.84 -21.69 40.19
N HIS H 212 -4.54 -21.40 40.20
CA HIS H 212 -4.03 -20.16 40.79
C HIS H 212 -4.00 -19.03 39.77
N LEU H 213 -4.40 -19.35 38.54
CA LEU H 213 -4.42 -18.36 37.45
C LEU H 213 -5.63 -17.45 37.53
N ASP H 214 -5.46 -16.21 37.08
CA ASP H 214 -6.59 -15.30 36.90
C ASP H 214 -6.98 -15.27 35.43
N PRO H 215 -8.24 -15.59 35.13
CA PRO H 215 -8.75 -15.75 33.77
C PRO H 215 -8.83 -14.44 33.00
N ARG H 216 -8.77 -13.32 33.71
CA ARG H 216 -8.98 -12.03 33.08
C ARG H 216 -7.76 -11.52 32.31
N ILE H 217 -6.60 -12.14 32.55
CA ILE H 217 -5.38 -11.77 31.83
C ILE H 217 -4.95 -12.84 30.83
N GLY H 218 -5.05 -12.51 29.55
CA GLY H 218 -4.60 -13.39 28.48
C GLY H 218 -3.30 -12.94 27.85
N TYR H 219 -2.84 -13.68 26.86
CA TYR H 219 -1.53 -13.44 26.23
C TYR H 219 -1.62 -13.35 24.72
N LEU H 220 -2.06 -14.43 24.09
CA LEU H 220 -2.33 -14.39 22.67
C LEU H 220 -3.46 -13.41 22.35
N HIS H 221 -4.55 -13.49 23.10
CA HIS H 221 -5.58 -12.47 23.01
C HIS H 221 -5.15 -11.25 23.82
N GLU H 222 -5.35 -10.07 23.23
CA GLU H 222 -5.02 -8.83 23.94
C GLU H 222 -5.83 -8.76 25.22
N THR H 223 -5.23 -8.23 26.27
CA THR H 223 -5.98 -8.01 27.50
C THR H 223 -6.54 -6.59 27.45
N ASN H 224 -7.86 -6.56 27.33
CA ASN H 224 -8.66 -5.37 27.01
C ASN H 224 -9.92 -5.52 27.83
N PHE H 225 -10.96 -4.77 27.49
CA PHE H 225 -12.09 -4.67 28.40
C PHE H 225 -13.05 -5.86 28.27
N ARG H 226 -12.67 -6.81 27.45
CA ARG H 226 -13.25 -8.15 27.45
C ARG H 226 -13.19 -8.77 28.85
N ARG H 227 -14.24 -9.48 29.25
CA ARG H 227 -14.31 -10.02 30.61
C ARG H 227 -13.26 -11.09 30.89
N PHE H 228 -13.07 -12.02 29.95
CA PHE H 228 -12.09 -13.08 30.14
C PHE H 228 -11.30 -13.32 28.87
N SER H 229 -9.99 -13.47 29.05
CA SER H 229 -9.03 -13.63 27.96
C SER H 229 -8.35 -14.99 28.00
N LEU H 230 -7.68 -15.28 29.11
CA LEU H 230 -6.88 -16.49 29.26
C LEU H 230 -7.60 -17.77 28.85
N ASN H 231 -8.91 -17.82 29.07
CA ASN H 231 -9.67 -18.99 28.70
C ASN H 231 -9.80 -19.11 27.19
N LEU H 232 -9.82 -17.98 26.49
CA LEU H 232 -9.81 -17.98 25.03
C LEU H 232 -8.49 -18.51 24.50
N ASP H 233 -7.39 -18.04 25.11
CA ASP H 233 -6.05 -18.52 24.78
C ASP H 233 -5.95 -20.04 24.85
N ILE H 234 -6.36 -20.60 25.99
CA ILE H 234 -6.20 -22.03 26.22
C ILE H 234 -7.13 -22.86 25.35
N ALA H 235 -8.33 -22.34 25.11
CA ALA H 235 -9.33 -23.04 24.29
C ALA H 235 -8.85 -23.24 22.86
N GLU H 236 -8.01 -22.33 22.37
CA GLU H 236 -7.46 -22.42 21.03
C GLU H 236 -6.85 -23.80 20.79
N LEU H 237 -6.22 -24.33 21.82
CA LEU H 237 -5.60 -25.64 21.74
C LEU H 237 -6.59 -26.78 21.52
N PHE H 238 -7.72 -26.75 22.21
CA PHE H 238 -8.64 -27.89 22.23
C PHE H 238 -9.85 -27.84 21.28
N LYS H 239 -9.95 -26.79 20.48
CA LYS H 239 -11.07 -26.68 19.54
C LYS H 239 -11.22 -27.89 18.60
N PRO H 240 -10.11 -28.36 17.98
CA PRO H 240 -10.30 -29.50 17.07
C PRO H 240 -10.76 -30.80 17.74
N ALA H 241 -10.18 -31.16 18.88
CA ALA H 241 -10.49 -32.45 19.50
C ALA H 241 -11.86 -32.44 20.15
N VAL H 242 -12.27 -31.28 20.63
CA VAL H 242 -13.52 -31.17 21.37
C VAL H 242 -14.68 -30.71 20.50
N VAL H 243 -14.58 -29.49 19.98
CA VAL H 243 -15.68 -28.91 19.21
C VAL H 243 -15.81 -29.54 17.82
N ASP H 244 -14.72 -29.60 17.09
CA ASP H 244 -14.77 -30.00 15.68
C ASP H 244 -15.10 -31.47 15.50
N ARG H 245 -14.48 -32.34 16.31
CA ARG H 245 -14.81 -33.76 16.31
C ARG H 245 -16.29 -33.98 16.62
N LEU H 246 -16.82 -33.15 17.52
CA LEU H 246 -18.22 -33.22 17.88
C LEU H 246 -19.11 -32.78 16.73
N PHE H 247 -18.73 -31.68 16.09
CA PHE H 247 -19.47 -31.14 14.96
C PHE H 247 -19.59 -32.16 13.82
N LEU H 248 -18.48 -32.81 13.50
CA LEU H 248 -18.44 -33.81 12.45
C LEU H 248 -19.29 -35.03 12.79
N ASN H 249 -19.17 -35.50 14.03
CA ASN H 249 -19.92 -36.66 14.49
C ASN H 249 -21.42 -36.39 14.50
N LEU H 250 -21.81 -35.18 14.90
CA LEU H 250 -23.23 -34.86 15.03
C LEU H 250 -23.92 -34.74 13.68
N VAL H 251 -23.26 -34.11 12.70
CA VAL H 251 -23.87 -33.92 11.39
C VAL H 251 -23.81 -35.19 10.52
N ASN H 252 -22.73 -35.95 10.64
CA ASN H 252 -22.55 -37.14 9.80
C ASN H 252 -23.33 -38.37 10.26
N THR H 253 -23.58 -38.47 11.55
CA THR H 253 -24.41 -39.55 12.07
C THR H 253 -25.87 -39.12 12.04
N ARG H 254 -26.09 -37.92 11.52
CA ARG H 254 -27.43 -37.35 11.36
C ARG H 254 -28.15 -37.13 12.70
N GLN H 255 -27.38 -36.99 13.78
CA GLN H 255 -27.99 -36.75 15.08
C GLN H 255 -28.42 -35.30 15.21
N ILE H 256 -27.65 -34.39 14.62
CA ILE H 256 -28.09 -33.02 14.42
C ILE H 256 -28.50 -32.81 12.96
N ASN H 257 -29.74 -32.36 12.75
CA ASN H 257 -30.23 -32.05 11.41
C ASN H 257 -31.08 -30.79 11.41
N GLU H 258 -31.68 -30.50 10.25
CA GLU H 258 -32.36 -29.22 10.03
C GLU H 258 -33.55 -28.99 10.96
N LYS H 259 -34.06 -30.05 11.57
CA LYS H 259 -35.18 -29.94 12.50
C LYS H 259 -34.74 -29.33 13.83
N HIS H 260 -33.43 -29.26 14.04
CA HIS H 260 -32.87 -28.73 15.29
C HIS H 260 -32.59 -27.23 15.23
N PHE H 261 -32.97 -26.60 14.13
CA PHE H 261 -32.73 -25.17 13.96
C PHE H 261 -34.03 -24.40 13.74
N ASP H 262 -33.88 -23.09 13.54
CA ASP H 262 -34.98 -22.19 13.18
C ASP H 262 -34.44 -20.78 12.92
N GLU H 263 -35.23 -19.94 12.26
CA GLU H 263 -34.76 -18.65 11.79
C GLU H 263 -35.29 -17.46 12.58
N ILE H 264 -34.40 -16.54 12.94
CA ILE H 264 -34.76 -15.35 13.71
C ILE H 264 -33.96 -14.12 13.27
N GLY H 267 -30.60 -14.19 11.99
CA GLY H 267 -29.83 -15.39 11.78
C GLY H 267 -30.49 -16.61 12.36
N LEU H 268 -29.86 -17.78 12.20
CA LEU H 268 -30.42 -19.00 12.76
C LEU H 268 -29.79 -19.36 14.11
N MET H 269 -30.63 -19.90 14.97
CA MET H 269 -30.23 -20.29 16.32
C MET H 269 -30.46 -21.78 16.46
N LEU H 270 -29.72 -22.45 17.33
CA LEU H 270 -30.00 -23.84 17.63
C LEU H 270 -31.20 -23.91 18.59
N ASN H 271 -32.20 -24.75 18.29
CA ASN H 271 -33.31 -24.96 19.23
C ASN H 271 -32.94 -25.70 20.51
N ASP H 272 -33.83 -25.59 21.50
CA ASP H 272 -33.60 -26.16 22.81
C ASP H 272 -33.50 -27.67 22.74
N GLU H 273 -34.24 -28.26 21.80
CA GLU H 273 -34.06 -29.67 21.46
C GLU H 273 -32.59 -29.97 21.18
N GLY H 274 -32.04 -29.35 20.14
CA GLY H 274 -30.66 -29.57 19.73
C GLY H 274 -29.57 -29.12 20.68
N LYS H 275 -29.76 -28.00 21.38
CA LYS H 275 -28.79 -27.55 22.37
C LYS H 275 -28.59 -28.62 23.44
N SER H 276 -29.68 -29.25 23.87
CA SER H 276 -29.61 -30.30 24.86
C SER H 276 -28.81 -31.48 24.34
N LEU H 277 -29.11 -31.89 23.11
CA LEU H 277 -28.40 -33.00 22.48
C LEU H 277 -26.92 -32.68 22.34
N PHE H 278 -26.64 -31.48 21.84
CA PHE H 278 -25.27 -31.02 21.67
C PHE H 278 -24.51 -31.05 22.99
N VAL H 279 -25.12 -30.47 24.03
CA VAL H 279 -24.46 -30.36 25.32
C VAL H 279 -24.21 -31.74 25.93
N LYS H 280 -25.17 -32.64 25.78
CA LYS H 280 -25.00 -34.00 26.29
C LYS H 280 -23.81 -34.69 25.62
N ASN H 281 -23.74 -34.58 24.31
CA ASN H 281 -22.64 -35.16 23.55
C ASN H 281 -21.31 -34.52 23.89
N TYR H 282 -21.34 -33.20 24.07
CA TYR H 282 -20.17 -32.42 24.48
C TYR H 282 -19.64 -32.84 25.85
N GLU H 283 -20.55 -32.93 26.82
CA GLU H 283 -20.15 -33.29 28.18
C GLU H 283 -19.55 -34.69 28.22
N GLN H 284 -20.07 -35.58 27.38
CA GLN H 284 -19.56 -36.95 27.34
C GLN H 284 -18.21 -36.98 26.62
N ALA H 285 -18.02 -36.06 25.69
CA ALA H 285 -16.74 -35.94 25.01
C ALA H 285 -15.68 -35.45 25.99
N LEU H 286 -16.08 -34.62 26.95
CA LEU H 286 -15.14 -34.11 27.94
C LEU H 286 -14.68 -35.18 28.93
N ARG H 287 -15.55 -36.14 29.24
CA ARG H 287 -15.21 -37.15 30.25
C ARG H 287 -14.48 -38.37 29.65
N GLU H 288 -14.42 -38.45 28.31
CA GLU H 288 -13.82 -39.59 27.63
C GLU H 288 -12.30 -39.67 27.79
N THR H 289 -11.80 -40.89 27.99
CA THR H 289 -10.36 -41.11 28.11
C THR H 289 -9.83 -41.91 26.93
N ARG H 297 -0.31 -42.54 28.49
CA ARG H 297 -1.47 -42.96 29.28
C ARG H 297 -2.79 -42.56 28.61
N TYR H 298 -3.89 -42.93 29.25
CA TYR H 298 -5.23 -42.55 28.80
C TYR H 298 -5.75 -41.47 29.74
N VAL H 299 -6.24 -40.36 29.19
CA VAL H 299 -6.70 -39.25 30.02
C VAL H 299 -7.96 -38.59 29.51
N SER H 300 -8.74 -38.05 30.45
CA SER H 300 -9.89 -37.23 30.13
C SER H 300 -9.45 -35.94 29.46
N MET H 301 -10.28 -35.40 28.58
CA MET H 301 -9.97 -34.13 27.91
C MET H 301 -9.93 -32.98 28.92
N ARG H 302 -10.79 -33.06 29.93
CA ARG H 302 -10.80 -32.10 31.02
C ARG H 302 -9.46 -32.10 31.74
N SER H 303 -8.86 -33.28 31.84
CA SER H 303 -7.56 -33.41 32.48
C SER H 303 -6.47 -32.81 31.60
N LEU H 304 -6.60 -32.97 30.29
CA LEU H 304 -5.64 -32.40 29.35
C LEU H 304 -5.60 -30.87 29.50
N ILE H 305 -6.77 -30.27 29.65
CA ILE H 305 -6.89 -28.83 29.83
C ILE H 305 -6.29 -28.39 31.16
N LYS H 306 -6.55 -29.17 32.20
CA LYS H 306 -5.98 -28.92 33.50
C LYS H 306 -4.45 -28.98 33.43
N MET H 307 -3.93 -29.92 32.65
CA MET H 307 -2.48 -30.09 32.51
C MET H 307 -1.88 -28.86 31.83
N GLU H 308 -2.53 -28.41 30.76
CA GLU H 308 -2.15 -27.21 30.05
C GLU H 308 -2.04 -26.02 30.99
N LEU H 309 -3.10 -25.80 31.77
CA LEU H 309 -3.15 -24.72 32.75
C LEU H 309 -2.02 -24.82 33.77
N HIS H 310 -1.81 -26.02 34.29
CA HIS H 310 -0.78 -26.22 35.30
CA HIS H 310 -0.77 -26.25 35.29
C HIS H 310 0.60 -25.93 34.73
N LYS H 311 0.83 -26.29 33.48
CA LYS H 311 2.12 -26.03 32.90
C LYS H 311 2.37 -24.53 32.73
N LEU H 312 1.33 -23.79 32.38
CA LEU H 312 1.43 -22.34 32.32
C LEU H 312 1.77 -21.79 33.70
N GLU H 313 1.16 -22.36 34.73
CA GLU H 313 1.45 -22.00 36.12
C GLU H 313 2.95 -22.16 36.40
N LYS H 314 3.49 -23.30 36.03
CA LYS H 314 4.89 -23.60 36.28
C LYS H 314 5.82 -22.70 35.47
N HIS H 315 5.36 -22.30 34.29
CA HIS H 315 6.09 -21.37 33.45
C HIS H 315 6.16 -19.98 34.10
N LEU H 316 5.02 -19.55 34.64
CA LEU H 316 4.92 -18.24 35.26
C LEU H 316 5.80 -18.12 36.52
N ILE H 317 6.08 -19.24 37.18
CA ILE H 317 6.98 -19.23 38.31
C ILE H 317 8.39 -19.58 37.84
N GLY H 318 8.52 -19.78 36.53
CA GLY H 318 9.81 -19.97 35.89
C GLY H 318 10.35 -21.39 35.83
N GLU H 319 9.47 -22.38 35.99
CA GLU H 319 9.94 -23.76 36.14
C GLU H 319 10.35 -24.50 34.86
N GLN H 320 9.74 -24.23 33.70
CA GLN H 320 10.12 -24.97 32.47
C GLN H 320 9.60 -24.21 31.22
N VAL H 321 9.58 -24.83 30.05
CA VAL H 321 9.79 -24.29 28.69
C VAL H 321 8.76 -23.27 28.08
N PHE H 322 8.97 -22.87 26.82
CA PHE H 322 8.07 -22.11 25.91
C PHE H 322 8.00 -20.63 26.24
#